data_6M87
#
_entry.id   6M87
#
_cell.length_a   186.485
_cell.length_b   186.485
_cell.length_c   89.909
_cell.angle_alpha   90.00
_cell.angle_beta   90.00
_cell.angle_gamma   120.00
#
_symmetry.space_group_name_H-M   'P 32'
#
loop_
_entity.id
_entity.type
_entity.pdbx_description
1 polymer 'Fab 10A6 light chain'
2 polymer 'Fab 10A6 heavy chain'
3 non-polymer '8-methoxypyrene-1,3,6-trisulfonic acid'
4 non-polymer 'SULFATE ION'
5 water water
#
loop_
_entity_poly.entity_id
_entity_poly.type
_entity_poly.pdbx_seq_one_letter_code
_entity_poly.pdbx_strand_id
1 'polypeptide(L)'
;(PCA)LVLTQSPAIMSASPGEKVTMTCSASSSVSYVHWYQQKSGTSPKRWIYDTSKLASGVPARFSGSGSGTSYSLTISS
MEAEDAATYYCHQWRTNPPTFGAGTKLEIKRADAAPTVSIFPPSSEQLTSGGASVVCFLNNFYPKDINVKWKIDGSERQN
GVLNSWTDQDSKDSTYSMSSTLTLTKDEYERHNSYTCEATHKTSTSPIVKSFNRN
;
A,C,E,G,I,K
2 'polypeptide(L)'
;(PCA)FQLLESGPELVKPGASVKISCKASGYSFTDYNMNWVKQSNGKSLEWIGVINPNSGTTNYNQKFKDKATLTVDQSS
STAYMQLNSLTSEDSAVYYCARGGGFRRGFDSWGQGTTVTVSSAKTTPPSVYPLAPVCGGAQTNSVTLGCLVKGYFPEPV
TVTWNSGSLSSGVHTFPAVLQSDLYTLSSSVTVPSSTWPSQSVTCNVAHPASSTAVDKKIEPN
;
B,D,F,H,J,L
#
# COMPACT_ATOMS: atom_id res chain seq x y z
N LEU A 2 -3.15 3.62 -37.39
CA LEU A 2 -2.95 2.32 -36.75
C LEU A 2 -3.95 2.11 -35.62
N VAL A 3 -4.74 1.05 -35.71
CA VAL A 3 -5.86 0.83 -34.81
C VAL A 3 -5.41 -0.02 -33.62
N LEU A 4 -5.92 0.31 -32.44
CA LEU A 4 -5.72 -0.48 -31.23
C LEU A 4 -7.07 -1.01 -30.75
N THR A 5 -7.13 -2.31 -30.47
CA THR A 5 -8.34 -2.95 -29.97
C THR A 5 -8.04 -3.61 -28.62
N GLN A 6 -8.73 -3.17 -27.59
CA GLN A 6 -8.59 -3.71 -26.26
C GLN A 6 -9.71 -4.72 -25.98
N SER A 7 -9.36 -5.79 -25.26
CA SER A 7 -10.30 -6.84 -24.91
C SER A 7 -9.99 -7.32 -23.49
N PRO A 8 -11.02 -7.53 -22.66
CA PRO A 8 -12.44 -7.29 -22.99
C PRO A 8 -12.82 -5.82 -22.89
N ALA A 9 -13.95 -5.44 -23.48
CA ALA A 9 -14.43 -4.07 -23.35
C ALA A 9 -14.80 -3.75 -21.91
N ILE A 10 -15.45 -4.69 -21.23
CA ILE A 10 -15.82 -4.55 -19.82
C ILE A 10 -15.67 -5.91 -19.15
N MET A 11 -15.24 -5.90 -17.89
CA MET A 11 -15.04 -7.14 -17.16
C MET A 11 -15.15 -6.87 -15.67
N SER A 12 -15.35 -7.93 -14.91
CA SER A 12 -15.42 -7.86 -13.46
C SER A 12 -14.42 -8.85 -12.86
N ALA A 13 -14.06 -8.61 -11.60
CA ALA A 13 -13.13 -9.47 -10.89
C ALA A 13 -13.30 -9.26 -9.40
N SER A 14 -13.05 -10.31 -8.64
CA SER A 14 -13.20 -10.31 -7.20
C SER A 14 -11.87 -9.95 -6.53
N PRO A 15 -11.91 -9.48 -5.28
CA PRO A 15 -10.66 -9.16 -4.58
C PRO A 15 -9.72 -10.36 -4.54
N GLY A 16 -8.45 -10.10 -4.84
CA GLY A 16 -7.45 -11.14 -4.89
C GLY A 16 -7.36 -11.90 -6.20
N GLU A 17 -8.34 -11.75 -7.08
CA GLU A 17 -8.34 -12.47 -8.35
C GLU A 17 -7.36 -11.84 -9.33
N LYS A 18 -6.70 -12.68 -10.12
CA LYS A 18 -5.77 -12.22 -11.14
C LYS A 18 -6.55 -11.70 -12.35
N VAL A 19 -6.04 -10.61 -12.94
CA VAL A 19 -6.71 -9.95 -14.06
C VAL A 19 -5.69 -9.74 -15.17
N THR A 20 -6.15 -9.92 -16.42
CA THR A 20 -5.34 -9.64 -17.60
C THR A 20 -6.24 -9.03 -18.67
N MET A 21 -5.72 -8.02 -19.37
CA MET A 21 -6.44 -7.35 -20.44
C MET A 21 -5.50 -7.11 -21.60
N THR A 22 -5.98 -7.35 -22.81
CA THR A 22 -5.16 -7.37 -24.01
C THR A 22 -5.32 -6.08 -24.80
N CYS A 23 -4.26 -5.70 -25.52
CA CYS A 23 -4.27 -4.59 -26.46
C CYS A 23 -3.66 -5.06 -27.77
N SER A 24 -4.47 -5.12 -28.82
CA SER A 24 -4.03 -5.60 -30.12
C SER A 24 -3.82 -4.43 -31.08
N ALA A 25 -2.77 -4.52 -31.89
CA ALA A 25 -2.43 -3.50 -32.85
C ALA A 25 -2.69 -4.01 -34.26
N SER A 26 -3.31 -3.16 -35.09
CA SER A 26 -3.60 -3.55 -36.47
C SER A 26 -2.34 -3.90 -37.25
N SER A 27 -1.20 -3.33 -36.87
CA SER A 27 0.08 -3.65 -37.46
C SER A 27 1.15 -3.63 -36.37
N SER A 28 2.29 -4.24 -36.68
CA SER A 28 3.33 -4.43 -35.67
C SER A 28 3.85 -3.09 -35.16
N VAL A 29 3.91 -2.96 -33.83
CA VAL A 29 4.53 -1.82 -33.18
C VAL A 29 5.68 -2.33 -32.31
N SER A 30 6.24 -1.46 -31.47
CA SER A 30 7.36 -1.84 -30.63
C SER A 30 7.09 -1.65 -29.13
N TYR A 31 6.09 -0.88 -28.75
CA TYR A 31 5.74 -0.67 -27.35
C TYR A 31 4.41 0.07 -27.29
N VAL A 32 3.81 0.06 -26.10
CA VAL A 32 2.55 0.74 -25.84
C VAL A 32 2.57 1.31 -24.44
N HIS A 33 1.65 2.24 -24.18
CA HIS A 33 1.49 2.84 -22.87
C HIS A 33 0.07 2.58 -22.37
N TRP A 34 -0.06 2.41 -21.06
CA TRP A 34 -1.34 2.13 -20.42
C TRP A 34 -1.68 3.27 -19.47
N TYR A 35 -2.91 3.79 -19.59
CA TYR A 35 -3.37 4.90 -18.78
C TYR A 35 -4.61 4.48 -17.99
N GLN A 36 -4.60 4.73 -16.69
CA GLN A 36 -5.75 4.47 -15.84
C GLN A 36 -6.58 5.74 -15.71
N GLN A 37 -7.90 5.58 -15.73
CA GLN A 37 -8.81 6.71 -15.56
C GLN A 37 -9.98 6.28 -14.70
N LYS A 38 -10.27 7.05 -13.65
CA LYS A 38 -11.45 6.88 -12.84
C LYS A 38 -12.48 7.95 -13.19
N SER A 39 -13.73 7.71 -12.78
CA SER A 39 -14.82 8.59 -13.14
C SER A 39 -14.57 10.01 -12.67
N GLY A 40 -14.84 10.97 -13.56
CA GLY A 40 -14.71 12.37 -13.21
C GLY A 40 -13.31 12.86 -12.96
N THR A 41 -12.30 12.20 -13.52
CA THR A 41 -10.91 12.60 -13.34
C THR A 41 -10.16 12.38 -14.65
N SER A 42 -8.92 12.87 -14.68
CA SER A 42 -8.09 12.80 -15.87
C SER A 42 -7.36 11.45 -15.93
N PRO A 43 -6.95 11.04 -17.13
CA PRO A 43 -6.12 9.83 -17.23
C PRO A 43 -4.77 10.03 -16.58
N LYS A 44 -4.27 8.97 -15.95
CA LYS A 44 -2.94 8.97 -15.35
C LYS A 44 -2.06 7.96 -16.07
N ARG A 45 -0.80 8.34 -16.32
CA ARG A 45 0.15 7.39 -16.87
C ARG A 45 0.37 6.26 -15.88
N TRP A 46 -0.01 5.05 -16.27
CA TRP A 46 0.05 3.88 -15.38
C TRP A 46 1.25 2.99 -15.73
N ILE A 47 1.33 2.54 -16.97
CA ILE A 47 2.48 1.78 -17.46
C ILE A 47 2.93 2.41 -18.77
N TYR A 48 4.24 2.49 -18.96
CA TYR A 48 4.81 3.04 -20.18
C TYR A 48 5.95 2.15 -20.64
N ASP A 49 6.27 2.24 -21.93
CA ASP A 49 7.29 1.41 -22.56
C ASP A 49 7.02 -0.07 -22.31
N THR A 50 5.74 -0.44 -22.39
CA THR A 50 5.25 -1.81 -22.26
C THR A 50 5.35 -2.33 -20.83
N SER A 51 6.55 -2.30 -20.25
CA SER A 51 6.81 -2.97 -18.98
C SER A 51 7.13 -2.04 -17.83
N LYS A 52 7.46 -0.78 -18.09
CA LYS A 52 7.92 0.11 -17.02
C LYS A 52 6.74 0.65 -16.22
N LEU A 53 6.81 0.52 -14.90
CA LEU A 53 5.79 1.02 -14.00
C LEU A 53 6.12 2.44 -13.57
N ALA A 54 5.10 3.29 -13.54
CA ALA A 54 5.29 4.68 -13.15
C ALA A 54 5.61 4.78 -11.66
N SER A 55 5.75 6.02 -11.18
CA SER A 55 6.02 6.26 -9.77
C SER A 55 4.72 6.19 -8.97
N GLY A 56 4.72 5.36 -7.92
CA GLY A 56 3.59 5.26 -7.03
C GLY A 56 2.54 4.24 -7.42
N VAL A 57 2.72 3.52 -8.52
CA VAL A 57 1.78 2.48 -8.94
C VAL A 57 2.15 1.21 -8.17
N PRO A 58 1.19 0.45 -7.68
CA PRO A 58 1.53 -0.76 -6.92
C PRO A 58 2.27 -1.79 -7.76
N ALA A 59 3.02 -2.65 -7.07
CA ALA A 59 3.75 -3.72 -7.72
C ALA A 59 2.84 -4.79 -8.30
N ARG A 60 1.56 -4.84 -7.86
CA ARG A 60 0.63 -5.82 -8.41
C ARG A 60 0.55 -5.74 -9.92
N PHE A 61 0.63 -4.53 -10.47
CA PHE A 61 0.50 -4.33 -11.90
C PHE A 61 1.77 -4.78 -12.63
N SER A 62 1.60 -5.06 -13.91
CA SER A 62 2.69 -5.46 -14.80
C SER A 62 2.19 -5.39 -16.22
N GLY A 63 3.13 -5.34 -17.16
CA GLY A 63 2.80 -5.28 -18.57
C GLY A 63 3.82 -6.03 -19.38
N SER A 64 3.37 -6.59 -20.50
CA SER A 64 4.25 -7.38 -21.37
C SER A 64 3.67 -7.36 -22.77
N GLY A 65 4.43 -7.94 -23.70
CA GLY A 65 4.01 -8.09 -25.08
C GLY A 65 5.07 -7.60 -26.04
N SER A 66 4.76 -7.77 -27.32
CA SER A 66 5.64 -7.35 -28.41
C SER A 66 4.84 -7.44 -29.71
N GLY A 67 5.39 -6.83 -30.75
CA GLY A 67 4.75 -6.84 -32.05
C GLY A 67 3.36 -6.23 -32.05
N THR A 68 2.33 -7.09 -32.11
CA THR A 68 0.95 -6.66 -32.09
C THR A 68 0.19 -7.06 -30.82
N SER A 69 0.78 -7.92 -29.99
CA SER A 69 0.10 -8.45 -28.81
C SER A 69 0.71 -7.82 -27.56
N TYR A 70 -0.11 -7.12 -26.79
CA TYR A 70 0.32 -6.53 -25.52
C TYR A 70 -0.76 -6.80 -24.47
N SER A 71 -0.36 -6.73 -23.21
CA SER A 71 -1.28 -7.09 -22.13
C SER A 71 -0.87 -6.39 -20.84
N LEU A 72 -1.87 -6.09 -20.02
CA LEU A 72 -1.69 -5.56 -18.67
C LEU A 72 -2.22 -6.59 -17.68
N THR A 73 -1.46 -6.84 -16.61
CA THR A 73 -1.79 -7.89 -15.67
C THR A 73 -1.79 -7.34 -14.24
N ILE A 74 -2.74 -7.80 -13.43
CA ILE A 74 -2.81 -7.51 -12.01
C ILE A 74 -2.74 -8.83 -11.27
N SER A 75 -1.72 -8.99 -10.42
CA SER A 75 -1.52 -10.25 -9.72
C SER A 75 -2.65 -10.52 -8.72
N SER A 76 -3.14 -9.48 -8.03
CA SER A 76 -4.16 -9.67 -7.00
C SER A 76 -5.03 -8.41 -6.98
N MET A 77 -6.20 -8.49 -7.60
CA MET A 77 -7.10 -7.35 -7.70
C MET A 77 -7.45 -6.79 -6.33
N GLU A 78 -7.54 -5.47 -6.25
CA GLU A 78 -8.02 -4.76 -5.07
C GLU A 78 -9.02 -3.70 -5.52
N ALA A 79 -9.82 -3.22 -4.57
CA ALA A 79 -10.83 -2.21 -4.89
C ALA A 79 -10.21 -0.95 -5.48
N GLU A 80 -8.95 -0.67 -5.13
CA GLU A 80 -8.26 0.50 -5.69
C GLU A 80 -8.12 0.44 -7.21
N ASP A 81 -8.20 -0.74 -7.80
CA ASP A 81 -7.91 -0.91 -9.22
C ASP A 81 -9.13 -0.82 -10.11
N ALA A 82 -10.32 -0.66 -9.55
CA ALA A 82 -11.55 -0.52 -10.34
C ALA A 82 -11.51 0.77 -11.13
N ALA A 83 -11.28 0.67 -12.44
CA ALA A 83 -11.14 1.84 -13.31
C ALA A 83 -11.08 1.36 -14.75
N THR A 84 -11.08 2.32 -15.67
CA THR A 84 -10.92 2.07 -17.09
C THR A 84 -9.46 2.22 -17.48
N TYR A 85 -9.01 1.38 -18.40
CA TYR A 85 -7.60 1.35 -18.81
C TYR A 85 -7.53 1.43 -20.33
N TYR A 86 -6.81 2.42 -20.85
CA TYR A 86 -6.60 2.60 -22.26
C TYR A 86 -5.15 2.29 -22.61
N CYS A 87 -4.94 1.64 -23.76
CA CYS A 87 -3.59 1.49 -24.28
C CYS A 87 -3.33 2.54 -25.36
N HIS A 88 -2.05 2.78 -25.63
CA HIS A 88 -1.65 3.91 -26.45
C HIS A 88 -0.42 3.52 -27.26
N GLN A 89 -0.42 3.88 -28.54
CA GLN A 89 0.69 3.60 -29.43
C GLN A 89 1.04 4.85 -30.21
N TRP A 90 2.31 4.95 -30.60
CA TRP A 90 2.77 6.04 -31.45
C TRP A 90 3.90 5.53 -32.34
N ARG A 91 3.67 4.40 -33.00
CA ARG A 91 4.60 3.88 -33.99
C ARG A 91 4.51 4.63 -35.30
N THR A 92 3.37 5.27 -35.57
CA THR A 92 3.17 6.03 -36.80
C THR A 92 2.22 7.18 -36.49
N ASN A 93 2.39 8.27 -37.22
CA ASN A 93 1.50 9.42 -37.05
C ASN A 93 0.16 9.15 -37.73
N PRO A 94 -0.97 9.41 -37.08
CA PRO A 94 -1.08 9.91 -35.70
C PRO A 94 -1.15 8.79 -34.66
N PRO A 95 -0.79 9.08 -33.42
CA PRO A 95 -0.98 8.10 -32.34
C PRO A 95 -2.46 7.83 -32.11
N THR A 96 -2.74 6.66 -31.54
CA THR A 96 -4.11 6.21 -31.33
C THR A 96 -4.23 5.54 -29.97
N PHE A 97 -5.44 5.62 -29.41
CA PHE A 97 -5.78 4.93 -28.17
C PHE A 97 -6.77 3.81 -28.46
N GLY A 98 -6.76 2.81 -27.58
CA GLY A 98 -7.79 1.80 -27.62
C GLY A 98 -9.10 2.29 -27.05
N ALA A 99 -10.18 1.56 -27.35
CA ALA A 99 -11.49 1.93 -26.83
C ALA A 99 -11.55 1.80 -25.31
N GLY A 100 -10.63 1.08 -24.71
CA GLY A 100 -10.56 0.99 -23.26
C GLY A 100 -11.11 -0.32 -22.74
N THR A 101 -10.62 -0.73 -21.57
CA THR A 101 -11.13 -1.88 -20.85
C THR A 101 -11.63 -1.38 -19.50
N LYS A 102 -12.95 -1.36 -19.33
CA LYS A 102 -13.54 -0.89 -18.07
C LYS A 102 -13.48 -2.04 -17.08
N LEU A 103 -12.62 -1.92 -16.08
CA LEU A 103 -12.41 -2.97 -15.09
C LEU A 103 -13.24 -2.63 -13.86
N GLU A 104 -14.29 -3.42 -13.63
CA GLU A 104 -15.12 -3.31 -12.45
C GLU A 104 -14.78 -4.42 -11.47
N ILE A 105 -15.22 -4.26 -10.23
CA ILE A 105 -14.95 -5.24 -9.17
C ILE A 105 -16.19 -6.11 -9.01
N LYS A 106 -15.95 -7.39 -8.71
CA LYS A 106 -17.02 -8.37 -8.56
C LYS A 106 -17.38 -8.51 -7.09
N ARG A 107 -18.67 -8.75 -6.84
CA ARG A 107 -19.17 -8.91 -5.48
C ARG A 107 -20.35 -9.87 -5.53
N ALA A 108 -20.87 -10.20 -4.35
CA ALA A 108 -22.07 -11.01 -4.28
C ALA A 108 -23.28 -10.20 -4.75
N ASP A 109 -24.24 -10.92 -5.34
CA ASP A 109 -25.44 -10.30 -5.86
C ASP A 109 -26.26 -9.66 -4.73
N ALA A 110 -27.16 -8.77 -5.12
CA ALA A 110 -27.98 -8.06 -4.15
C ALA A 110 -29.24 -7.56 -4.84
N ALA A 111 -30.35 -7.59 -4.11
CA ALA A 111 -31.61 -7.11 -4.64
C ALA A 111 -31.72 -5.60 -4.48
N PRO A 112 -32.39 -4.92 -5.41
CA PRO A 112 -32.47 -3.45 -5.33
C PRO A 112 -33.47 -3.01 -4.28
N THR A 113 -33.04 -2.08 -3.43
CA THR A 113 -33.95 -1.41 -2.50
C THR A 113 -34.74 -0.37 -3.29
N VAL A 114 -36.04 -0.57 -3.43
CA VAL A 114 -36.89 0.25 -4.29
C VAL A 114 -37.68 1.22 -3.42
N SER A 115 -37.89 2.42 -3.94
CA SER A 115 -38.70 3.44 -3.27
C SER A 115 -39.30 4.34 -4.33
N ILE A 116 -40.60 4.60 -4.21
CA ILE A 116 -41.32 5.44 -5.17
C ILE A 116 -41.67 6.76 -4.48
N PHE A 117 -41.70 7.83 -5.27
CA PHE A 117 -41.96 9.16 -4.77
C PHE A 117 -42.93 9.86 -5.73
N PRO A 118 -44.04 10.38 -5.23
CA PRO A 118 -45.01 11.04 -6.11
C PRO A 118 -44.54 12.43 -6.47
N PRO A 119 -45.22 13.11 -7.39
CA PRO A 119 -44.87 14.50 -7.67
C PRO A 119 -45.13 15.39 -6.47
N SER A 120 -44.15 16.22 -6.14
CA SER A 120 -44.32 17.17 -5.05
C SER A 120 -45.37 18.21 -5.41
N SER A 121 -46.16 18.62 -4.41
CA SER A 121 -47.15 19.67 -4.63
C SER A 121 -46.51 20.93 -5.22
N GLU A 122 -45.24 21.17 -4.89
CA GLU A 122 -44.50 22.27 -5.50
C GLU A 122 -44.48 22.15 -7.02
N GLN A 123 -44.05 20.99 -7.52
CA GLN A 123 -44.03 20.78 -8.97
C GLN A 123 -45.43 20.83 -9.56
N LEU A 124 -46.42 20.31 -8.83
CA LEU A 124 -47.80 20.34 -9.31
C LEU A 124 -48.26 21.76 -9.60
N THR A 125 -47.98 22.70 -8.68
CA THR A 125 -48.38 24.08 -8.88
C THR A 125 -47.60 24.77 -10.00
N SER A 126 -46.54 24.15 -10.52
CA SER A 126 -45.77 24.69 -11.64
C SER A 126 -46.20 24.09 -12.97
N GLY A 127 -47.27 23.31 -13.01
CA GLY A 127 -47.71 22.69 -14.24
C GLY A 127 -46.93 21.46 -14.62
N GLY A 128 -46.48 20.67 -13.65
CA GLY A 128 -45.77 19.44 -13.93
C GLY A 128 -46.07 18.40 -12.88
N ALA A 129 -45.72 17.16 -13.21
CA ALA A 129 -45.91 16.05 -12.26
C ALA A 129 -44.94 14.94 -12.67
N SER A 130 -43.86 14.81 -11.90
CA SER A 130 -42.86 13.77 -12.12
C SER A 130 -42.88 12.80 -10.95
N VAL A 131 -43.00 11.52 -11.25
CA VAL A 131 -42.97 10.46 -10.25
C VAL A 131 -41.63 9.75 -10.37
N VAL A 132 -40.94 9.58 -9.25
CA VAL A 132 -39.57 9.08 -9.22
C VAL A 132 -39.57 7.69 -8.60
N CYS A 133 -38.64 6.86 -9.03
CA CYS A 133 -38.47 5.51 -8.50
C CYS A 133 -36.98 5.23 -8.38
N PHE A 134 -36.50 5.07 -7.16
CA PHE A 134 -35.10 4.79 -6.90
C PHE A 134 -34.90 3.29 -6.75
N LEU A 135 -33.97 2.74 -7.53
CA LEU A 135 -33.58 1.33 -7.45
C LEU A 135 -32.13 1.33 -6.96
N ASN A 136 -31.96 1.26 -5.65
CA ASN A 136 -30.67 1.47 -5.03
C ASN A 136 -30.06 0.15 -4.56
N ASN A 137 -28.74 0.07 -4.66
CA ASN A 137 -27.95 -1.02 -4.11
C ASN A 137 -28.35 -2.38 -4.68
N PHE A 138 -27.88 -2.68 -5.90
CA PHE A 138 -28.11 -3.97 -6.51
C PHE A 138 -26.88 -4.36 -7.33
N TYR A 139 -26.78 -5.67 -7.60
CA TYR A 139 -25.68 -6.23 -8.38
C TYR A 139 -26.18 -7.51 -9.04
N PRO A 140 -25.89 -7.72 -10.33
CA PRO A 140 -25.08 -6.86 -11.20
C PRO A 140 -25.82 -5.65 -11.75
N LYS A 141 -25.21 -4.99 -12.73
CA LYS A 141 -25.75 -3.73 -13.25
C LYS A 141 -27.04 -3.96 -14.04
N ASP A 142 -27.14 -5.07 -14.77
CA ASP A 142 -28.27 -5.31 -15.65
C ASP A 142 -29.57 -5.35 -14.88
N ILE A 143 -30.56 -4.58 -15.36
CA ILE A 143 -31.84 -4.44 -14.68
C ILE A 143 -32.85 -3.92 -15.69
N ASN A 144 -34.14 -4.09 -15.38
CA ASN A 144 -35.21 -3.54 -16.19
C ASN A 144 -36.32 -3.01 -15.28
N VAL A 145 -36.95 -1.93 -15.72
CA VAL A 145 -38.02 -1.28 -14.97
C VAL A 145 -39.16 -0.96 -15.93
N LYS A 146 -40.39 -0.97 -15.40
CA LYS A 146 -41.55 -0.60 -16.18
C LYS A 146 -42.57 0.07 -15.27
N TRP A 147 -43.29 1.05 -15.81
CA TRP A 147 -44.29 1.79 -15.07
C TRP A 147 -45.67 1.32 -15.48
N LYS A 148 -46.59 1.26 -14.51
CA LYS A 148 -47.97 0.87 -14.79
C LYS A 148 -48.91 1.81 -14.05
N ILE A 149 -50.04 2.11 -14.70
CA ILE A 149 -51.05 3.02 -14.19
C ILE A 149 -52.35 2.23 -14.09
N ASP A 150 -52.79 1.95 -12.86
CA ASP A 150 -54.00 1.17 -12.59
C ASP A 150 -53.95 -0.21 -13.23
N GLY A 151 -52.75 -0.72 -13.48
CA GLY A 151 -52.57 -2.01 -14.13
C GLY A 151 -52.15 -1.92 -15.57
N SER A 152 -52.33 -0.76 -16.21
CA SER A 152 -52.01 -0.58 -17.62
C SER A 152 -50.57 -0.10 -17.76
N GLU A 153 -49.83 -0.74 -18.67
CA GLU A 153 -48.43 -0.40 -18.90
C GLU A 153 -48.31 0.94 -19.62
N ARG A 154 -47.22 1.65 -19.35
CA ARG A 154 -46.92 2.91 -20.02
C ARG A 154 -45.44 2.92 -20.36
N GLN A 155 -45.14 2.95 -21.65
CA GLN A 155 -43.78 3.06 -22.17
C GLN A 155 -43.50 4.48 -22.66
N ASN A 156 -42.22 4.87 -22.59
CA ASN A 156 -41.75 6.19 -22.95
C ASN A 156 -42.41 7.28 -22.10
N GLY A 157 -41.97 8.52 -22.26
CA GLY A 157 -42.20 9.48 -21.21
C GLY A 157 -41.45 9.14 -19.94
N VAL A 158 -40.46 8.26 -20.05
CA VAL A 158 -39.68 7.75 -18.93
C VAL A 158 -38.21 7.97 -19.22
N LEU A 159 -37.44 8.29 -18.18
CA LEU A 159 -36.00 8.42 -18.28
C LEU A 159 -35.34 7.61 -17.18
N ASN A 160 -34.24 6.93 -17.52
CA ASN A 160 -33.50 6.11 -16.58
C ASN A 160 -32.04 6.54 -16.58
N SER A 161 -31.42 6.47 -15.40
CA SER A 161 -30.03 6.85 -15.24
C SER A 161 -29.34 5.90 -14.27
N TRP A 162 -28.24 5.31 -14.71
CA TRP A 162 -27.48 4.37 -13.90
C TRP A 162 -26.25 5.05 -13.32
N THR A 163 -25.97 4.74 -12.06
CA THR A 163 -24.76 5.22 -11.40
C THR A 163 -23.62 4.26 -11.66
N ASP A 164 -22.39 4.79 -11.59
CA ASP A 164 -21.22 3.94 -11.67
C ASP A 164 -21.15 3.05 -10.42
N GLN A 165 -20.27 2.05 -10.47
CA GLN A 165 -20.11 1.13 -9.36
C GLN A 165 -19.71 1.88 -8.09
N ASP A 166 -20.59 1.87 -7.09
CA ASP A 166 -20.34 2.56 -5.84
C ASP A 166 -19.00 2.13 -5.25
N SER A 167 -18.25 3.09 -4.71
CA SER A 167 -16.90 2.83 -4.25
C SER A 167 -16.86 2.17 -2.88
N LYS A 168 -17.95 2.21 -2.12
CA LYS A 168 -17.95 1.66 -0.77
C LYS A 168 -18.40 0.19 -0.74
N ASP A 169 -19.53 -0.12 -1.38
CA ASP A 169 -20.07 -1.47 -1.36
C ASP A 169 -20.05 -2.14 -2.73
N SER A 170 -19.47 -1.49 -3.74
CA SER A 170 -19.32 -2.04 -5.09
C SER A 170 -20.65 -2.34 -5.76
N THR A 171 -21.73 -1.72 -5.29
CA THR A 171 -23.05 -1.96 -5.84
C THR A 171 -23.36 -0.96 -6.96
N TYR A 172 -24.56 -1.08 -7.51
CA TYR A 172 -25.06 -0.16 -8.53
C TYR A 172 -26.42 0.38 -8.10
N SER A 173 -26.85 1.45 -8.78
CA SER A 173 -28.15 2.04 -8.52
C SER A 173 -28.65 2.66 -9.81
N MET A 174 -29.97 2.85 -9.88
CA MET A 174 -30.59 3.46 -11.04
C MET A 174 -31.82 4.24 -10.60
N SER A 175 -32.06 5.37 -11.26
CA SER A 175 -33.26 6.17 -11.05
C SER A 175 -34.15 6.09 -12.28
N SER A 176 -35.46 5.99 -12.06
CA SER A 176 -36.43 5.96 -13.14
C SER A 176 -37.46 7.05 -12.88
N THR A 177 -37.60 7.96 -13.83
CA THR A 177 -38.46 9.14 -13.67
C THR A 177 -39.50 9.16 -14.78
N LEU A 178 -40.76 8.93 -14.42
CA LEU A 178 -41.89 9.08 -15.33
C LEU A 178 -42.41 10.50 -15.20
N THR A 179 -42.21 11.30 -16.25
CA THR A 179 -42.53 12.72 -16.24
C THR A 179 -43.83 12.96 -17.00
N LEU A 180 -44.77 13.65 -16.36
CA LEU A 180 -46.04 14.04 -16.94
C LEU A 180 -46.25 15.53 -16.69
N THR A 181 -47.35 16.06 -17.24
CA THR A 181 -47.83 17.38 -16.86
C THR A 181 -48.77 17.21 -15.66
N LYS A 182 -49.67 18.17 -15.42
CA LYS A 182 -50.53 18.06 -14.24
C LYS A 182 -51.75 17.21 -14.54
N ASP A 183 -52.61 17.69 -15.43
CA ASP A 183 -53.84 16.97 -15.77
C ASP A 183 -53.57 15.56 -16.28
N GLU A 184 -52.43 15.34 -16.96
CA GLU A 184 -52.09 13.98 -17.38
C GLU A 184 -51.96 13.07 -16.18
N TYR A 185 -51.47 13.60 -15.05
CA TYR A 185 -51.43 12.88 -13.79
C TYR A 185 -52.77 12.89 -13.08
N GLU A 186 -53.63 13.86 -13.39
CA GLU A 186 -54.91 14.00 -12.69
C GLU A 186 -55.96 12.99 -13.11
N ARG A 187 -55.78 12.32 -14.24
CA ARG A 187 -56.81 11.38 -14.69
C ARG A 187 -56.86 10.14 -13.80
N HIS A 188 -55.76 9.41 -13.69
CA HIS A 188 -55.74 8.16 -12.95
C HIS A 188 -55.20 8.33 -11.55
N ASN A 189 -55.38 7.30 -10.73
CA ASN A 189 -55.07 7.32 -9.30
C ASN A 189 -53.83 6.49 -8.96
N SER A 190 -53.84 5.20 -9.25
CA SER A 190 -52.77 4.31 -8.83
C SER A 190 -51.59 4.38 -9.81
N TYR A 191 -50.39 4.58 -9.26
CA TYR A 191 -49.15 4.58 -10.01
C TYR A 191 -48.20 3.57 -9.39
N THR A 192 -47.66 2.67 -10.21
CA THR A 192 -46.91 1.52 -9.73
C THR A 192 -45.55 1.44 -10.41
N CYS A 193 -44.52 1.13 -9.61
CA CYS A 193 -43.16 0.93 -10.09
C CYS A 193 -42.84 -0.56 -10.00
N GLU A 194 -42.42 -1.16 -11.10
CA GLU A 194 -42.12 -2.57 -11.12
C GLU A 194 -40.69 -2.78 -11.64
N ALA A 195 -39.85 -3.43 -10.83
CA ALA A 195 -38.45 -3.66 -11.16
C ALA A 195 -38.16 -5.16 -11.30
N THR A 196 -37.38 -5.52 -12.30
CA THR A 196 -36.99 -6.91 -12.54
C THR A 196 -35.48 -7.02 -12.56
N HIS A 197 -34.94 -7.87 -11.68
CA HIS A 197 -33.50 -8.08 -11.55
C HIS A 197 -33.18 -9.57 -11.57
N LYS A 198 -31.90 -9.87 -11.88
CA LYS A 198 -31.46 -11.26 -12.00
C LYS A 198 -31.69 -12.06 -10.71
N THR A 199 -31.64 -11.41 -9.56
CA THR A 199 -31.65 -12.12 -8.28
C THR A 199 -32.91 -12.96 -8.12
N SER A 200 -34.08 -12.37 -8.41
CA SER A 200 -35.35 -13.05 -8.18
C SER A 200 -36.19 -13.04 -9.44
N THR A 201 -37.03 -14.07 -9.57
CA THR A 201 -37.96 -14.14 -10.69
C THR A 201 -39.15 -13.21 -10.47
N SER A 202 -39.58 -13.08 -9.23
CA SER A 202 -40.68 -12.17 -8.90
C SER A 202 -40.18 -10.73 -8.86
N PRO A 203 -40.88 -9.79 -9.48
CA PRO A 203 -40.41 -8.40 -9.49
C PRO A 203 -40.60 -7.74 -8.13
N ILE A 204 -39.76 -6.75 -7.87
CA ILE A 204 -39.91 -5.90 -6.70
C ILE A 204 -40.83 -4.75 -7.06
N VAL A 205 -41.88 -4.56 -6.28
CA VAL A 205 -42.97 -3.66 -6.64
C VAL A 205 -43.22 -2.68 -5.51
N LYS A 206 -43.21 -1.38 -5.84
CA LYS A 206 -43.64 -0.33 -4.93
C LYS A 206 -44.60 0.57 -5.70
N SER A 207 -45.58 1.12 -4.97
CA SER A 207 -46.66 1.84 -5.62
C SER A 207 -47.27 2.81 -4.61
N PHE A 208 -48.23 3.60 -5.09
CA PHE A 208 -48.99 4.50 -4.23
C PHE A 208 -50.26 4.90 -4.97
N ASN A 209 -51.22 5.42 -4.21
CA ASN A 209 -52.42 6.02 -4.75
C ASN A 209 -52.40 7.51 -4.41
N ARG A 210 -52.96 8.31 -5.30
CA ARG A 210 -52.96 9.77 -5.13
C ARG A 210 -53.49 10.17 -3.75
N ASN A 211 -54.71 9.76 -3.44
CA ASN A 211 -55.34 10.10 -2.17
C ASN A 211 -54.54 9.56 -0.99
N PHE B 2 5.24 18.88 -10.52
CA PHE B 2 4.87 18.98 -11.93
C PHE B 2 3.36 18.87 -12.03
N GLN B 3 2.70 19.96 -12.46
CA GLN B 3 1.24 19.95 -12.54
C GLN B 3 0.81 20.94 -13.61
N LEU B 4 -0.28 20.59 -14.30
CA LEU B 4 -0.86 21.43 -15.35
C LEU B 4 -2.27 21.82 -14.98
N LEU B 5 -2.58 23.11 -15.10
CA LEU B 5 -3.90 23.65 -14.81
C LEU B 5 -4.51 24.17 -16.11
N GLU B 6 -5.75 23.80 -16.37
CA GLU B 6 -6.46 24.21 -17.57
C GLU B 6 -7.52 25.24 -17.23
N SER B 7 -7.93 26.00 -18.24
CA SER B 7 -9.00 26.98 -18.06
C SER B 7 -10.30 26.29 -17.68
N GLY B 8 -11.21 27.06 -17.08
CA GLY B 8 -12.46 26.52 -16.62
C GLY B 8 -13.37 26.14 -17.75
N PRO B 9 -14.53 25.57 -17.41
CA PRO B 9 -15.47 25.12 -18.44
C PRO B 9 -15.99 26.30 -19.25
N GLU B 10 -16.52 25.98 -20.43
CA GLU B 10 -16.97 27.01 -21.36
C GLU B 10 -18.25 26.57 -22.05
N LEU B 11 -19.22 27.48 -22.10
CA LEU B 11 -20.42 27.33 -22.90
C LEU B 11 -20.34 28.32 -24.06
N VAL B 12 -20.44 27.81 -25.29
CA VAL B 12 -20.27 28.64 -26.47
C VAL B 12 -21.36 28.30 -27.49
N LYS B 13 -21.70 29.29 -28.30
CA LYS B 13 -22.66 29.11 -29.37
C LYS B 13 -22.02 28.38 -30.55
N PRO B 14 -22.79 27.60 -31.31
CA PRO B 14 -22.23 26.93 -32.48
C PRO B 14 -21.71 27.93 -33.49
N GLY B 15 -20.62 27.56 -34.17
CA GLY B 15 -19.97 28.42 -35.12
C GLY B 15 -18.91 29.33 -34.52
N ALA B 16 -19.05 29.68 -33.25
CA ALA B 16 -18.07 30.54 -32.59
C ALA B 16 -16.78 29.77 -32.33
N SER B 17 -15.81 30.44 -31.70
CA SER B 17 -14.53 29.86 -31.38
C SER B 17 -14.28 29.92 -29.87
N VAL B 18 -13.28 29.18 -29.42
CA VAL B 18 -12.88 29.12 -28.03
C VAL B 18 -11.38 28.87 -27.96
N LYS B 19 -10.76 29.29 -26.87
CA LYS B 19 -9.32 29.14 -26.66
C LYS B 19 -9.08 28.59 -25.27
N ILE B 20 -8.48 27.42 -25.19
CA ILE B 20 -8.20 26.74 -23.92
C ILE B 20 -6.74 26.96 -23.56
N SER B 21 -6.49 27.19 -22.27
CA SER B 21 -5.15 27.42 -21.76
C SER B 21 -4.68 26.22 -20.94
N CYS B 22 -3.37 26.09 -20.83
CA CYS B 22 -2.75 24.99 -20.06
C CYS B 22 -1.50 25.55 -19.39
N LYS B 23 -1.62 25.91 -18.11
CA LYS B 23 -0.55 26.55 -17.37
C LYS B 23 0.32 25.47 -16.73
N ALA B 24 1.56 25.36 -17.19
CA ALA B 24 2.50 24.40 -16.63
C ALA B 24 3.22 25.02 -15.43
N SER B 25 3.85 24.16 -14.65
CA SER B 25 4.58 24.59 -13.46
C SER B 25 5.37 23.43 -12.91
N GLY B 26 6.48 23.76 -12.25
CA GLY B 26 7.33 22.78 -11.60
C GLY B 26 8.38 22.15 -12.47
N TYR B 27 8.51 22.57 -13.72
CA TYR B 27 9.49 21.94 -14.60
C TYR B 27 9.83 22.90 -15.72
N SER B 28 10.93 22.60 -16.40
CA SER B 28 11.37 23.42 -17.54
C SER B 28 10.35 23.29 -18.64
N PHE B 29 9.48 24.30 -18.77
CA PHE B 29 8.36 24.24 -19.69
C PHE B 29 8.81 23.97 -21.12
N THR B 30 9.95 24.56 -21.53
CA THR B 30 10.37 24.50 -22.93
C THR B 30 10.96 23.16 -23.33
N ASP B 31 11.31 22.30 -22.37
CA ASP B 31 11.99 21.06 -22.69
C ASP B 31 11.07 19.89 -22.97
N TYR B 32 9.78 20.00 -22.64
CA TYR B 32 8.83 18.91 -22.83
C TYR B 32 7.70 19.36 -23.73
N ASN B 33 7.41 18.55 -24.75
CA ASN B 33 6.32 18.86 -25.67
C ASN B 33 4.97 18.82 -24.94
N MET B 34 3.96 19.39 -25.58
CA MET B 34 2.61 19.43 -25.02
C MET B 34 1.64 18.82 -26.02
N ASN B 35 0.96 17.76 -25.59
CA ASN B 35 -0.05 17.08 -26.40
C ASN B 35 -1.44 17.48 -25.91
N TRP B 36 -2.41 17.40 -26.83
CA TRP B 36 -3.80 17.70 -26.52
C TRP B 36 -4.68 16.52 -26.93
N VAL B 37 -5.62 16.16 -26.06
CA VAL B 37 -6.46 14.98 -26.24
C VAL B 37 -7.92 15.39 -26.08
N LYS B 38 -8.79 14.78 -26.88
CA LYS B 38 -10.22 14.99 -26.81
C LYS B 38 -10.89 13.72 -26.28
N GLN B 39 -11.76 13.88 -25.28
CA GLN B 39 -12.56 12.78 -24.74
C GLN B 39 -14.02 13.16 -24.86
N SER B 40 -14.73 12.50 -25.77
CA SER B 40 -16.13 12.79 -26.06
C SER B 40 -17.03 11.93 -25.18
N ASN B 41 -17.83 12.59 -24.33
CA ASN B 41 -18.83 11.91 -23.49
C ASN B 41 -18.25 10.71 -22.74
N GLY B 42 -16.99 10.80 -22.34
CA GLY B 42 -16.38 9.81 -21.46
C GLY B 42 -15.95 8.52 -22.13
N LYS B 43 -16.07 8.39 -23.45
CA LYS B 43 -15.68 7.14 -24.10
C LYS B 43 -14.20 7.18 -24.52
N SER B 44 -13.91 6.99 -25.79
CA SER B 44 -12.54 6.84 -26.24
C SER B 44 -11.80 8.18 -26.24
N LEU B 45 -10.48 8.09 -26.39
CA LEU B 45 -9.60 9.25 -26.41
C LEU B 45 -9.08 9.48 -27.82
N GLU B 46 -9.16 10.73 -28.28
CA GLU B 46 -8.65 11.10 -29.59
C GLU B 46 -7.53 12.12 -29.44
N TRP B 47 -6.39 11.81 -30.06
CA TRP B 47 -5.22 12.69 -30.00
C TRP B 47 -5.38 13.81 -31.02
N ILE B 48 -5.26 15.05 -30.56
CA ILE B 48 -5.46 16.23 -31.40
C ILE B 48 -4.15 16.63 -32.06
N GLY B 49 -3.18 17.04 -31.25
CA GLY B 49 -1.91 17.50 -31.79
C GLY B 49 -0.88 17.62 -30.70
N VAL B 50 0.32 18.02 -31.13
CA VAL B 50 1.45 18.21 -30.22
C VAL B 50 2.21 19.45 -30.68
N ILE B 51 2.78 20.17 -29.71
CA ILE B 51 3.53 21.39 -29.96
C ILE B 51 4.85 21.32 -29.22
N ASN B 52 5.91 21.85 -29.85
CA ASN B 52 7.20 21.98 -29.18
C ASN B 52 7.27 23.37 -28.57
N PRO B 53 7.18 23.51 -27.25
CA PRO B 53 7.19 24.86 -26.65
C PRO B 53 8.49 25.61 -26.88
N ASN B 54 9.61 24.90 -27.04
CA ASN B 54 10.89 25.58 -27.26
C ASN B 54 10.97 26.16 -28.66
N SER B 55 10.66 25.37 -29.68
CA SER B 55 10.77 25.80 -31.06
C SER B 55 9.44 26.26 -31.67
N GLY B 56 8.31 25.94 -31.04
CA GLY B 56 7.01 26.35 -31.54
C GLY B 56 6.50 25.60 -32.75
N THR B 57 7.17 24.52 -33.16
CA THR B 57 6.70 23.74 -34.30
C THR B 57 5.57 22.81 -33.85
N THR B 58 4.61 22.59 -34.74
CA THR B 58 3.38 21.89 -34.42
C THR B 58 3.22 20.65 -35.31
N ASN B 59 2.46 19.68 -34.81
CA ASN B 59 2.06 18.51 -35.57
C ASN B 59 0.62 18.16 -35.21
N TYR B 60 -0.27 18.26 -36.20
CA TYR B 60 -1.70 18.07 -35.98
C TYR B 60 -2.16 16.71 -36.50
N ASN B 61 -3.21 16.18 -35.87
CA ASN B 61 -3.92 15.04 -36.43
C ASN B 61 -4.68 15.49 -37.66
N GLN B 62 -4.59 14.70 -38.74
CA GLN B 62 -5.25 15.06 -39.99
C GLN B 62 -6.76 15.24 -39.81
N LYS B 63 -7.34 14.64 -38.78
CA LYS B 63 -8.75 14.86 -38.48
C LYS B 63 -9.00 16.22 -37.87
N PHE B 64 -7.96 16.87 -37.32
CA PHE B 64 -8.10 18.16 -36.64
C PHE B 64 -7.22 19.24 -37.27
N LYS B 65 -6.95 19.17 -38.57
CA LYS B 65 -6.19 20.21 -39.24
C LYS B 65 -6.78 21.60 -38.99
N ASP B 66 -7.98 21.84 -39.51
CA ASP B 66 -8.61 23.15 -39.46
C ASP B 66 -9.67 23.26 -38.38
N LYS B 67 -9.62 22.39 -37.37
CA LYS B 67 -10.49 22.47 -36.21
C LYS B 67 -9.78 22.99 -34.97
N ALA B 68 -8.51 22.64 -34.79
CA ALA B 68 -7.73 23.06 -33.64
C ALA B 68 -6.46 23.76 -34.10
N THR B 69 -6.07 24.79 -33.36
CA THR B 69 -4.82 25.50 -33.60
C THR B 69 -4.05 25.59 -32.29
N LEU B 70 -2.83 25.05 -32.29
CA LEU B 70 -2.01 24.99 -31.09
C LEU B 70 -0.98 26.10 -31.11
N THR B 71 -0.90 26.86 -30.01
CA THR B 71 0.08 27.91 -29.84
C THR B 71 0.68 27.79 -28.45
N VAL B 72 1.66 28.64 -28.16
CA VAL B 72 2.37 28.57 -26.88
C VAL B 72 2.92 29.95 -26.54
N ASP B 73 2.97 30.23 -25.24
CA ASP B 73 3.57 31.46 -24.72
C ASP B 73 4.70 31.05 -23.79
N GLN B 74 5.95 31.15 -24.28
CA GLN B 74 7.09 30.78 -23.47
C GLN B 74 7.25 31.70 -22.27
N SER B 75 6.76 32.94 -22.38
CA SER B 75 6.89 33.89 -21.27
C SER B 75 6.18 33.38 -20.02
N SER B 76 4.90 33.03 -20.14
CA SER B 76 4.11 32.58 -19.01
C SER B 76 4.04 31.06 -18.92
N SER B 77 4.86 30.34 -19.66
CA SER B 77 4.89 28.87 -19.67
C SER B 77 3.48 28.29 -19.81
N THR B 78 2.81 28.69 -20.89
CA THR B 78 1.42 28.34 -21.10
C THR B 78 1.21 27.85 -22.53
N ALA B 79 0.55 26.70 -22.66
CA ALA B 79 0.15 26.18 -23.96
C ALA B 79 -1.31 26.54 -24.23
N TYR B 80 -1.64 26.67 -25.50
CA TYR B 80 -2.97 27.11 -25.91
C TYR B 80 -3.49 26.25 -27.05
N MET B 81 -4.79 25.99 -27.04
CA MET B 81 -5.48 25.31 -28.13
C MET B 81 -6.72 26.11 -28.49
N GLN B 82 -6.84 26.48 -29.77
CA GLN B 82 -7.95 27.28 -30.26
C GLN B 82 -8.83 26.42 -31.16
N LEU B 83 -10.11 26.32 -30.82
CA LEU B 83 -11.07 25.55 -31.61
C LEU B 83 -11.99 26.52 -32.34
N ASN B 84 -12.19 26.29 -33.63
CA ASN B 84 -12.97 27.18 -34.48
C ASN B 84 -14.11 26.41 -35.14
N SER B 85 -15.11 27.16 -35.59
CA SER B 85 -16.30 26.62 -36.24
C SER B 85 -16.89 25.47 -35.43
N LEU B 86 -17.30 25.81 -34.21
CA LEU B 86 -17.70 24.80 -33.24
C LEU B 86 -19.11 24.28 -33.52
N THR B 87 -19.27 22.96 -33.41
CA THR B 87 -20.56 22.30 -33.53
C THR B 87 -20.77 21.44 -32.29
N SER B 88 -21.96 20.83 -32.21
CA SER B 88 -22.27 19.95 -31.08
C SER B 88 -21.30 18.77 -31.03
N GLU B 89 -20.76 18.36 -32.18
CA GLU B 89 -19.77 17.29 -32.19
C GLU B 89 -18.54 17.63 -31.37
N ASP B 90 -18.20 18.92 -31.27
CA ASP B 90 -17.01 19.35 -30.54
C ASP B 90 -17.25 19.42 -29.04
N SER B 91 -18.49 19.33 -28.57
CA SER B 91 -18.75 19.34 -27.13
C SER B 91 -18.13 18.11 -26.47
N ALA B 92 -17.16 18.35 -25.59
CA ALA B 92 -16.41 17.27 -24.96
C ALA B 92 -15.46 17.81 -23.90
N VAL B 93 -14.71 16.91 -23.27
CA VAL B 93 -13.66 17.27 -22.33
C VAL B 93 -12.32 17.20 -23.05
N TYR B 94 -11.54 18.27 -22.95
CA TYR B 94 -10.24 18.36 -23.61
C TYR B 94 -9.15 18.43 -22.56
N TYR B 95 -8.12 17.60 -22.74
CA TYR B 95 -7.00 17.50 -21.81
C TYR B 95 -5.72 17.97 -22.49
N CYS B 96 -4.85 18.61 -21.73
CA CYS B 96 -3.47 18.84 -22.13
C CYS B 96 -2.58 17.90 -21.34
N ALA B 97 -1.71 17.18 -22.04
CA ALA B 97 -0.87 16.16 -21.43
C ALA B 97 0.58 16.41 -21.83
N ARG B 98 1.47 16.38 -20.84
CA ARG B 98 2.88 16.63 -21.09
C ARG B 98 3.52 15.41 -21.73
N GLY B 99 4.11 15.60 -22.91
CA GLY B 99 4.88 14.55 -23.53
C GLY B 99 6.18 14.29 -22.79
N GLY B 100 6.27 13.17 -22.09
CA GLY B 100 7.44 12.88 -21.29
C GLY B 100 8.69 12.49 -22.06
N GLY B 101 8.62 12.38 -23.37
CA GLY B 101 9.75 11.99 -24.19
C GLY B 101 9.58 10.60 -24.78
N PHE B 102 10.51 10.28 -25.67
CA PHE B 102 10.49 8.99 -26.35
C PHE B 102 10.49 7.84 -25.35
N ARG B 103 9.55 6.91 -25.53
CA ARG B 103 9.41 5.73 -24.68
C ARG B 103 9.04 6.11 -23.24
N ARG B 104 8.30 7.21 -23.09
CA ARG B 104 7.84 7.64 -21.77
C ARG B 104 6.36 8.02 -21.74
N GLY B 105 5.71 8.21 -22.89
CA GLY B 105 4.30 8.51 -22.91
C GLY B 105 3.95 9.87 -22.31
N PHE B 106 2.66 10.03 -22.04
CA PHE B 106 2.12 11.28 -21.49
C PHE B 106 2.15 11.15 -19.97
N ASP B 107 3.20 11.70 -19.35
CA ASP B 107 3.48 11.48 -17.94
C ASP B 107 2.81 12.50 -17.01
N SER B 108 1.95 13.36 -17.54
CA SER B 108 1.25 14.33 -16.71
C SER B 108 0.06 14.87 -17.49
N TRP B 109 -1.08 14.97 -16.81
CA TRP B 109 -2.33 15.38 -17.44
C TRP B 109 -2.99 16.49 -16.62
N GLY B 110 -3.50 17.50 -17.32
CA GLY B 110 -4.30 18.52 -16.67
C GLY B 110 -5.66 17.98 -16.27
N GLN B 111 -6.35 18.75 -15.43
CA GLN B 111 -7.66 18.32 -14.95
C GLN B 111 -8.71 18.26 -16.05
N GLY B 112 -8.42 18.84 -17.22
CA GLY B 112 -9.39 18.82 -18.31
C GLY B 112 -10.34 19.99 -18.27
N THR B 113 -10.83 20.36 -19.45
CA THR B 113 -11.78 21.45 -19.61
C THR B 113 -12.98 20.94 -20.38
N THR B 114 -14.18 21.20 -19.85
CA THR B 114 -15.43 20.74 -20.45
C THR B 114 -16.02 21.88 -21.27
N VAL B 115 -16.07 21.70 -22.58
CA VAL B 115 -16.68 22.67 -23.49
C VAL B 115 -18.05 22.17 -23.88
N THR B 116 -19.01 23.09 -23.98
CA THR B 116 -20.38 22.77 -24.36
C THR B 116 -20.80 23.69 -25.49
N VAL B 117 -21.08 23.10 -26.65
CA VAL B 117 -21.52 23.83 -27.83
C VAL B 117 -23.01 23.57 -27.99
N SER B 118 -23.83 24.59 -27.75
CA SER B 118 -25.27 24.46 -27.81
C SER B 118 -25.90 25.84 -27.90
N SER B 119 -27.12 25.88 -28.44
CA SER B 119 -27.88 27.11 -28.52
C SER B 119 -28.66 27.42 -27.24
N ALA B 120 -28.84 26.43 -26.38
CA ALA B 120 -29.58 26.63 -25.14
C ALA B 120 -28.87 27.66 -24.25
N LYS B 121 -29.67 28.43 -23.52
CA LYS B 121 -29.17 29.45 -22.62
C LYS B 121 -29.00 28.91 -21.21
N THR B 122 -28.12 29.56 -20.45
CA THR B 122 -27.91 29.20 -19.06
C THR B 122 -29.21 29.35 -18.27
N THR B 123 -29.61 28.26 -17.61
CA THR B 123 -30.85 28.24 -16.86
C THR B 123 -30.59 27.64 -15.49
N PRO B 124 -31.10 28.24 -14.42
CA PRO B 124 -30.92 27.67 -13.08
C PRO B 124 -31.85 26.47 -12.88
N PRO B 125 -31.56 25.61 -11.92
CA PRO B 125 -32.36 24.40 -11.75
C PRO B 125 -33.64 24.64 -10.96
N SER B 126 -34.63 23.81 -11.26
CA SER B 126 -35.83 23.69 -10.43
C SER B 126 -35.70 22.44 -9.59
N VAL B 127 -35.76 22.60 -8.27
CA VAL B 127 -35.53 21.51 -7.33
C VAL B 127 -36.87 21.11 -6.71
N TYR B 128 -37.10 19.80 -6.62
CA TYR B 128 -38.33 19.27 -6.07
C TYR B 128 -37.99 18.20 -5.04
N PRO B 129 -38.60 18.23 -3.86
CA PRO B 129 -38.30 17.22 -2.84
C PRO B 129 -38.93 15.88 -3.17
N LEU B 130 -38.31 14.82 -2.65
CA LEU B 130 -38.77 13.44 -2.83
C LEU B 130 -38.89 12.79 -1.46
N ALA B 131 -40.11 12.77 -0.92
CA ALA B 131 -40.40 12.19 0.39
C ALA B 131 -41.46 11.10 0.27
N PRO B 132 -41.40 10.08 1.12
CA PRO B 132 -42.39 8.99 1.04
C PRO B 132 -43.77 9.41 1.51
N VAL B 133 -44.79 8.95 0.80
CA VAL B 133 -46.19 9.19 1.14
C VAL B 133 -46.63 7.95 1.92
N ALA B 137 -45.32 2.57 3.05
CA ALA B 137 -44.71 1.43 3.75
C ALA B 137 -43.75 1.88 4.83
N GLN B 138 -43.66 1.09 5.90
CA GLN B 138 -42.76 1.35 7.02
C GLN B 138 -41.73 0.24 7.11
N THR B 139 -40.45 0.62 7.12
CA THR B 139 -39.39 -0.38 7.17
C THR B 139 -38.28 -0.01 8.14
N ASN B 140 -37.07 -0.51 7.86
CA ASN B 140 -35.92 -0.33 8.75
C ASN B 140 -35.27 1.03 8.53
N SER B 141 -34.95 1.36 7.28
CA SER B 141 -34.35 2.63 6.91
C SER B 141 -35.33 3.43 6.05
N VAL B 142 -34.93 4.66 5.73
CA VAL B 142 -35.74 5.55 4.92
C VAL B 142 -34.86 6.17 3.83
N THR B 143 -35.39 6.24 2.62
CA THR B 143 -34.69 6.81 1.48
C THR B 143 -35.41 8.08 1.06
N LEU B 144 -34.66 9.15 0.83
CA LEU B 144 -35.19 10.44 0.40
C LEU B 144 -34.43 10.87 -0.84
N GLY B 145 -34.94 11.91 -1.50
CA GLY B 145 -34.28 12.39 -2.70
C GLY B 145 -34.65 13.81 -3.03
N CYS B 146 -33.96 14.34 -4.04
CA CYS B 146 -34.26 15.64 -4.60
C CYS B 146 -34.11 15.58 -6.12
N LEU B 147 -35.11 16.09 -6.82
CA LEU B 147 -35.12 16.09 -8.28
C LEU B 147 -34.68 17.45 -8.80
N VAL B 148 -33.62 17.45 -9.61
CA VAL B 148 -33.07 18.66 -10.20
C VAL B 148 -33.38 18.63 -11.68
N LYS B 149 -34.19 19.58 -12.14
CA LYS B 149 -34.70 19.55 -13.51
C LYS B 149 -34.75 20.97 -14.08
N GLY B 150 -34.47 21.08 -15.38
CA GLY B 150 -34.60 22.34 -16.08
C GLY B 150 -33.40 23.24 -16.05
N TYR B 151 -32.23 22.72 -15.72
CA TYR B 151 -31.01 23.51 -15.65
C TYR B 151 -30.13 23.26 -16.87
N PHE B 152 -29.21 24.19 -17.11
CA PHE B 152 -28.25 24.12 -18.20
C PHE B 152 -27.20 25.21 -18.02
N PRO B 153 -25.91 24.93 -18.26
CA PRO B 153 -25.37 23.61 -18.62
C PRO B 153 -24.94 22.78 -17.41
N GLU B 154 -24.31 21.64 -17.67
CA GLU B 154 -23.70 20.85 -16.63
C GLU B 154 -22.52 21.59 -16.02
N PRO B 155 -22.10 21.23 -14.79
CA PRO B 155 -22.72 20.26 -13.88
C PRO B 155 -23.39 20.91 -12.68
N VAL B 156 -23.94 20.07 -11.79
CA VAL B 156 -24.51 20.52 -10.53
C VAL B 156 -23.95 19.65 -9.41
N THR B 157 -24.01 20.18 -8.20
CA THR B 157 -23.46 19.50 -7.01
C THR B 157 -24.55 19.46 -5.95
N VAL B 158 -24.99 18.26 -5.61
CA VAL B 158 -25.99 18.04 -4.56
C VAL B 158 -25.26 17.55 -3.32
N THR B 159 -25.46 18.24 -2.20
CA THR B 159 -24.86 17.87 -0.94
C THR B 159 -25.96 17.78 0.12
N TRP B 160 -26.04 16.64 0.79
CA TRP B 160 -27.07 16.40 1.79
C TRP B 160 -26.54 16.72 3.18
N ASN B 161 -27.44 17.27 4.01
CA ASN B 161 -27.11 17.59 5.40
C ASN B 161 -28.23 17.04 6.28
N SER B 162 -27.91 15.99 7.04
CA SER B 162 -28.86 15.34 7.93
C SER B 162 -28.29 15.31 9.35
N GLY B 163 -29.09 14.83 10.28
CA GLY B 163 -28.63 14.66 11.65
C GLY B 163 -28.07 13.27 11.91
N SER B 164 -27.55 12.63 10.87
CA SER B 164 -27.04 11.28 10.97
C SER B 164 -25.69 11.20 10.27
N LEU B 165 -24.75 10.48 10.90
CA LEU B 165 -23.42 10.31 10.35
C LEU B 165 -23.36 9.26 9.26
N SER B 166 -24.42 8.49 9.06
CA SER B 166 -24.49 7.52 7.98
C SER B 166 -25.39 8.08 6.89
N SER B 167 -24.94 7.97 5.63
CA SER B 167 -25.62 8.65 4.52
C SER B 167 -25.37 7.85 3.24
N GLY B 168 -26.21 6.85 3.00
CA GLY B 168 -26.15 6.13 1.75
C GLY B 168 -26.64 6.99 0.60
N VAL B 169 -25.73 7.79 0.04
CA VAL B 169 -26.08 8.78 -0.99
C VAL B 169 -25.74 8.22 -2.36
N HIS B 170 -26.57 8.54 -3.34
CA HIS B 170 -26.35 8.16 -4.72
C HIS B 170 -26.67 9.34 -5.62
N THR B 171 -25.73 9.70 -6.49
CA THR B 171 -25.91 10.79 -7.45
C THR B 171 -26.10 10.18 -8.83
N PHE B 172 -27.24 10.47 -9.43
CA PHE B 172 -27.57 9.88 -10.72
C PHE B 172 -27.15 10.84 -11.84
N PRO B 173 -26.39 10.36 -12.83
CA PRO B 173 -25.95 11.24 -13.91
C PRO B 173 -27.10 11.98 -14.56
N ALA B 174 -26.81 13.17 -15.07
CA ALA B 174 -27.82 14.01 -15.69
C ALA B 174 -28.18 13.50 -17.08
N VAL B 175 -29.46 13.58 -17.40
CA VAL B 175 -29.96 13.21 -18.72
C VAL B 175 -30.63 14.42 -19.33
N LEU B 176 -30.55 14.53 -20.65
CA LEU B 176 -30.97 15.72 -21.37
C LEU B 176 -32.37 15.49 -21.92
N GLN B 177 -33.33 16.28 -21.43
CA GLN B 177 -34.71 16.22 -21.90
C GLN B 177 -35.21 17.63 -22.18
N SER B 178 -35.93 17.78 -23.30
CA SER B 178 -36.49 19.08 -23.71
C SER B 178 -35.41 20.15 -23.79
N ASP B 179 -34.21 19.76 -24.18
CA ASP B 179 -33.04 20.64 -24.35
C ASP B 179 -32.55 21.21 -23.02
N LEU B 180 -32.89 20.56 -21.90
CA LEU B 180 -32.42 20.97 -20.59
C LEU B 180 -32.11 19.72 -19.76
N TYR B 181 -31.13 19.86 -18.86
CA TYR B 181 -30.66 18.70 -18.11
C TYR B 181 -31.60 18.38 -16.94
N THR B 182 -31.58 17.11 -16.53
CA THR B 182 -32.37 16.63 -15.40
C THR B 182 -31.52 15.64 -14.61
N LEU B 183 -31.45 15.84 -13.29
CA LEU B 183 -30.66 15.00 -12.41
C LEU B 183 -31.50 14.60 -11.21
N SER B 184 -31.10 13.50 -10.57
CA SER B 184 -31.71 13.04 -9.34
C SER B 184 -30.62 12.61 -8.37
N SER B 185 -30.87 12.84 -7.09
CA SER B 185 -29.96 12.43 -6.03
C SER B 185 -30.77 11.79 -4.91
N SER B 186 -30.26 10.69 -4.37
CA SER B 186 -30.93 9.95 -3.31
C SER B 186 -30.04 9.87 -2.08
N VAL B 187 -30.67 9.70 -0.93
CA VAL B 187 -29.97 9.54 0.35
C VAL B 187 -30.75 8.53 1.19
N THR B 188 -30.03 7.66 1.89
CA THR B 188 -30.63 6.66 2.75
C THR B 188 -30.09 6.84 4.16
N VAL B 189 -30.97 7.05 5.12
CA VAL B 189 -30.59 7.30 6.50
C VAL B 189 -31.41 6.37 7.40
N PRO B 190 -31.03 6.19 8.68
CA PRO B 190 -31.86 5.39 9.58
C PRO B 190 -33.23 6.01 9.79
N SER B 191 -34.22 5.15 10.01
CA SER B 191 -35.60 5.62 10.21
C SER B 191 -35.72 6.47 11.46
N SER B 192 -34.97 6.15 12.51
CA SER B 192 -35.10 6.88 13.76
C SER B 192 -34.57 8.31 13.66
N THR B 193 -33.84 8.66 12.60
CA THR B 193 -33.30 9.99 12.45
C THR B 193 -34.26 10.95 11.75
N TRP B 194 -34.91 10.50 10.69
CA TRP B 194 -35.87 11.31 9.95
C TRP B 194 -37.29 10.77 10.15
N PRO B 195 -38.30 11.64 10.30
CA PRO B 195 -38.23 13.10 10.28
C PRO B 195 -37.91 13.74 11.64
N SER B 196 -37.37 12.95 12.58
CA SER B 196 -37.00 13.50 13.87
C SER B 196 -35.82 14.45 13.78
N GLN B 197 -35.11 14.47 12.66
CA GLN B 197 -33.97 15.36 12.45
C GLN B 197 -34.03 15.91 11.04
N SER B 198 -33.73 17.20 10.89
CA SER B 198 -33.85 17.86 9.60
C SER B 198 -32.90 17.24 8.56
N VAL B 199 -33.42 17.08 7.35
CA VAL B 199 -32.65 16.61 6.21
C VAL B 199 -32.82 17.63 5.09
N THR B 200 -31.70 18.06 4.50
CA THR B 200 -31.70 19.08 3.48
C THR B 200 -30.80 18.67 2.32
N CYS B 201 -31.25 18.94 1.10
CA CYS B 201 -30.43 18.78 -0.09
C CYS B 201 -30.04 20.15 -0.61
N ASN B 202 -28.74 20.34 -0.83
CA ASN B 202 -28.19 21.62 -1.28
C ASN B 202 -27.71 21.44 -2.71
N VAL B 203 -28.44 22.04 -3.65
CA VAL B 203 -28.13 21.92 -5.07
C VAL B 203 -27.39 23.19 -5.49
N ALA B 204 -26.15 23.03 -5.94
CA ALA B 204 -25.31 24.15 -6.36
C ALA B 204 -25.13 24.11 -7.87
N HIS B 205 -25.49 25.21 -8.54
CA HIS B 205 -25.31 25.37 -9.98
C HIS B 205 -24.40 26.57 -10.20
N PRO B 206 -23.09 26.37 -10.26
CA PRO B 206 -22.18 27.51 -10.42
C PRO B 206 -22.37 28.28 -11.72
N ALA B 207 -22.75 27.59 -12.81
CA ALA B 207 -22.92 28.25 -14.09
C ALA B 207 -23.90 29.42 -13.99
N SER B 208 -25.00 29.23 -13.29
CA SER B 208 -25.98 30.29 -13.06
C SER B 208 -25.74 31.02 -11.74
N SER B 209 -24.77 30.58 -10.93
CA SER B 209 -24.47 31.19 -9.64
C SER B 209 -25.66 31.10 -8.69
N THR B 210 -26.23 29.90 -8.59
CA THR B 210 -27.44 29.66 -7.82
C THR B 210 -27.26 28.43 -6.95
N ALA B 211 -27.58 28.56 -5.66
CA ALA B 211 -27.61 27.45 -4.73
C ALA B 211 -29.00 27.37 -4.13
N VAL B 212 -29.65 26.21 -4.26
CA VAL B 212 -31.01 26.02 -3.80
C VAL B 212 -31.00 24.95 -2.72
N ASP B 213 -31.71 25.21 -1.62
CA ASP B 213 -31.80 24.28 -0.50
C ASP B 213 -33.24 23.82 -0.33
N LYS B 214 -33.42 22.53 -0.06
CA LYS B 214 -34.75 21.94 0.11
C LYS B 214 -34.74 21.10 1.37
N LYS B 215 -35.61 21.44 2.32
CA LYS B 215 -35.79 20.66 3.53
C LYS B 215 -36.87 19.60 3.28
N ILE B 216 -36.50 18.33 3.43
CA ILE B 216 -37.44 17.25 3.14
C ILE B 216 -38.47 17.16 4.24
N GLU B 217 -39.74 17.08 3.86
CA GLU B 217 -40.83 17.06 4.83
C GLU B 217 -41.68 15.81 4.66
N PRO B 218 -42.25 15.30 5.75
CA PRO B 218 -43.13 14.13 5.65
C PRO B 218 -44.38 14.45 4.83
N ASN B 219 -45.17 13.43 4.57
CA ASN B 219 -46.39 13.60 3.80
C ASN B 219 -47.61 13.12 4.59
N LEU C 2 29.31 9.43 4.82
CA LEU C 2 29.89 10.74 5.03
C LEU C 2 31.17 10.90 4.20
N VAL C 3 31.19 11.91 3.35
CA VAL C 3 32.26 12.09 2.36
C VAL C 3 33.35 12.98 2.94
N LEU C 4 34.60 12.65 2.63
CA LEU C 4 35.76 13.47 2.97
C LEU C 4 36.42 13.96 1.68
N THR C 5 36.70 15.25 1.62
CA THR C 5 37.34 15.86 0.46
C THR C 5 38.63 16.55 0.91
N GLN C 6 39.76 16.09 0.39
CA GLN C 6 41.06 16.66 0.70
C GLN C 6 41.50 17.62 -0.41
N SER C 7 42.15 18.71 0.01
CA SER C 7 42.65 19.72 -0.92
C SER C 7 43.98 20.26 -0.41
N PRO C 8 44.95 20.47 -1.30
CA PRO C 8 44.82 20.18 -2.73
C PRO C 8 44.98 18.71 -3.07
N ALA C 9 44.53 18.30 -4.25
CA ALA C 9 44.75 16.92 -4.68
C ALA C 9 46.23 16.63 -4.86
N ILE C 10 46.97 17.58 -5.43
CA ILE C 10 48.42 17.46 -5.61
C ILE C 10 49.03 18.84 -5.40
N MET C 11 50.22 18.87 -4.81
CA MET C 11 50.89 20.14 -4.54
C MET C 11 52.38 19.90 -4.44
N SER C 12 53.14 20.99 -4.56
CA SER C 12 54.58 20.97 -4.43
C SER C 12 55.02 22.00 -3.40
N ALA C 13 56.21 21.80 -2.85
CA ALA C 13 56.76 22.71 -1.86
C ALA C 13 58.26 22.50 -1.80
N SER C 14 58.98 23.58 -1.48
CA SER C 14 60.43 23.56 -1.41
C SER C 14 60.90 23.24 0.00
N PRO C 15 62.15 22.76 0.14
CA PRO C 15 62.67 22.47 1.48
C PRO C 15 62.59 23.69 2.39
N GLY C 16 62.13 23.46 3.63
CA GLY C 16 61.95 24.52 4.59
C GLY C 16 60.65 25.28 4.49
N GLU C 17 59.91 25.12 3.39
CA GLU C 17 58.66 25.85 3.20
C GLU C 17 57.55 25.24 4.05
N LYS C 18 56.67 26.10 4.55
CA LYS C 18 55.53 25.65 5.33
C LYS C 18 54.46 25.06 4.42
N VAL C 19 53.83 23.98 4.88
CA VAL C 19 52.84 23.25 4.11
C VAL C 19 51.60 23.04 4.97
N THR C 20 50.43 23.16 4.34
CA THR C 20 49.15 22.88 4.98
C THR C 20 48.24 22.21 3.98
N MET C 21 47.50 21.20 4.43
CA MET C 21 46.56 20.47 3.57
C MET C 21 45.27 20.26 4.33
N THR C 22 44.15 20.45 3.64
CA THR C 22 42.83 20.51 4.26
C THR C 22 42.06 19.21 4.05
N CYS C 23 41.17 18.91 4.99
CA CYS C 23 40.25 17.79 4.91
C CYS C 23 38.86 18.27 5.28
N SER C 24 37.94 18.24 4.33
CA SER C 24 36.57 18.69 4.55
C SER C 24 35.64 17.50 4.70
N ALA C 25 34.69 17.60 5.63
CA ALA C 25 33.75 16.54 5.93
C ALA C 25 32.35 16.92 5.46
N SER C 26 31.67 15.98 4.81
CA SER C 26 30.30 16.24 4.34
C SER C 26 29.37 16.58 5.48
N SER C 27 29.65 16.11 6.70
CA SER C 27 28.88 16.45 7.88
C SER C 27 29.82 16.57 9.07
N SER C 28 29.34 17.23 10.12
CA SER C 28 30.18 17.53 11.27
C SER C 28 30.62 16.24 11.95
N VAL C 29 31.92 16.15 12.23
CA VAL C 29 32.47 15.05 13.02
C VAL C 29 33.14 15.63 14.26
N SER C 30 33.86 14.80 15.00
CA SER C 30 34.51 15.22 16.23
C SER C 30 36.03 15.05 16.21
N TYR C 31 36.57 14.27 15.28
CA TYR C 31 38.00 14.06 15.15
C TYR C 31 38.25 13.30 13.85
N VAL C 32 39.51 13.32 13.41
CA VAL C 32 39.92 12.64 12.19
C VAL C 32 41.33 12.09 12.40
N HIS C 33 41.70 11.15 11.53
CA HIS C 33 43.03 10.57 11.53
C HIS C 33 43.70 10.81 10.19
N TRP C 34 45.02 10.99 10.21
CA TRP C 34 45.81 11.24 9.02
C TRP C 34 46.80 10.10 8.84
N TYR C 35 46.85 9.54 7.63
CA TYR C 35 47.73 8.43 7.32
C TYR C 35 48.67 8.82 6.19
N GLN C 36 49.97 8.60 6.39
CA GLN C 36 50.96 8.84 5.35
C GLN C 36 51.23 7.55 4.60
N GLN C 37 51.39 7.67 3.28
CA GLN C 37 51.73 6.52 2.45
C GLN C 37 52.73 6.95 1.38
N LYS C 38 53.81 6.19 1.27
CA LYS C 38 54.79 6.37 0.20
C LYS C 38 54.63 5.26 -0.83
N SER C 39 55.21 5.49 -2.01
CA SER C 39 55.03 4.58 -3.13
C SER C 39 55.47 3.17 -2.78
N GLY C 40 54.64 2.19 -3.15
CA GLY C 40 54.98 0.80 -2.94
C GLY C 40 55.02 0.34 -1.50
N THR C 41 54.31 1.03 -0.60
CA THR C 41 54.27 0.67 0.80
C THR C 41 52.87 0.90 1.34
N SER C 42 52.64 0.44 2.57
CA SER C 42 51.35 0.51 3.23
C SER C 42 51.17 1.87 3.91
N PRO C 43 49.93 2.29 4.14
CA PRO C 43 49.72 3.51 4.91
C PRO C 43 50.15 3.33 6.36
N LYS C 44 50.71 4.39 6.93
CA LYS C 44 51.10 4.43 8.33
C LYS C 44 50.27 5.46 9.07
N ARG C 45 49.83 5.13 10.28
CA ARG C 45 49.14 6.11 11.11
C ARG C 45 50.09 7.26 11.44
N TRP C 46 49.74 8.45 10.98
CA TRP C 46 50.58 9.63 11.15
C TRP C 46 50.08 10.55 12.25
N ILE C 47 48.82 10.96 12.16
CA ILE C 47 48.17 11.76 13.20
C ILE C 47 46.84 11.11 13.52
N TYR C 48 46.48 11.07 14.80
CA TYR C 48 45.21 10.51 15.24
C TYR C 48 44.60 11.42 16.29
N ASP C 49 43.27 11.32 16.43
CA ASP C 49 42.51 12.15 17.36
C ASP C 49 42.78 13.63 17.10
N THR C 50 42.87 13.99 15.80
CA THR C 50 43.05 15.36 15.33
C THR C 50 44.44 15.90 15.64
N SER C 51 44.85 15.88 16.92
CA SER C 51 46.05 16.57 17.35
C SER C 51 47.18 15.64 17.82
N LYS C 52 46.89 14.39 18.14
CA LYS C 52 47.90 13.52 18.70
C LYS C 52 48.82 12.97 17.61
N LEU C 53 50.13 13.09 17.84
CA LEU C 53 51.13 12.59 16.91
C LEU C 53 51.48 11.15 17.24
N ALA C 54 51.65 10.33 16.20
CA ALA C 54 51.97 8.92 16.39
C ALA C 54 53.39 8.76 16.92
N SER C 55 53.80 7.50 17.07
CA SER C 55 55.14 7.20 17.58
C SER C 55 56.16 7.33 16.45
N GLY C 56 57.19 8.14 16.70
CA GLY C 56 58.30 8.29 15.77
C GLY C 56 58.11 9.35 14.71
N VAL C 57 56.97 10.06 14.70
CA VAL C 57 56.74 11.13 13.74
C VAL C 57 57.38 12.39 14.28
N PRO C 58 58.07 13.19 13.45
CA PRO C 58 58.70 14.40 13.96
C PRO C 58 57.70 15.41 14.48
N ALA C 59 58.19 16.30 15.35
CA ALA C 59 57.35 17.36 15.89
C ALA C 59 56.98 18.41 14.84
N ARG C 60 57.70 18.43 13.71
CA ARG C 60 57.37 19.35 12.63
C ARG C 60 55.93 19.20 12.19
N PHE C 61 55.39 17.98 12.20
CA PHE C 61 54.02 17.76 11.81
C PHE C 61 53.06 18.23 12.90
N SER C 62 51.83 18.51 12.51
CA SER C 62 50.79 18.91 13.43
C SER C 62 49.44 18.82 12.73
N GLY C 63 48.38 18.81 13.52
CA GLY C 63 47.03 18.74 12.99
C GLY C 63 46.08 19.49 13.87
N SER C 64 45.03 20.05 13.26
CA SER C 64 44.04 20.84 13.99
C SER C 64 42.74 20.79 13.20
N GLY C 65 41.70 21.37 13.80
CA GLY C 65 40.40 21.49 13.17
C GLY C 65 39.29 21.04 14.09
N SER C 66 38.06 21.17 13.59
CA SER C 66 36.87 20.78 14.32
C SER C 66 35.70 20.80 13.35
N GLY C 67 34.58 20.20 13.77
CA GLY C 67 33.39 20.15 12.96
C GLY C 67 33.59 19.47 11.62
N THR C 68 33.67 20.27 10.54
CA THR C 68 33.88 19.75 9.21
C THR C 68 35.23 20.14 8.61
N SER C 69 35.96 21.05 9.24
CA SER C 69 37.22 21.56 8.71
C SER C 69 38.37 21.02 9.55
N TYR C 70 39.27 20.28 8.91
CA TYR C 70 40.48 19.78 9.56
C TYR C 70 41.65 19.99 8.62
N SER C 71 42.86 19.99 9.19
CA SER C 71 44.04 20.31 8.41
C SER C 71 45.27 19.65 9.03
N LEU C 72 46.23 19.33 8.18
CA LEU C 72 47.54 18.85 8.57
C LEU C 72 48.58 19.89 8.16
N THR C 73 49.51 20.19 9.07
CA THR C 73 50.47 21.26 8.85
C THR C 73 51.89 20.77 9.07
N ILE C 74 52.80 21.23 8.23
CA ILE C 74 54.24 21.02 8.39
C ILE C 74 54.89 22.39 8.49
N SER C 75 55.53 22.66 9.63
CA SER C 75 56.13 23.98 9.83
C SER C 75 57.28 24.23 8.86
N SER C 76 58.07 23.19 8.57
CA SER C 76 59.23 23.33 7.68
C SER C 76 59.38 22.00 6.95
N MET C 77 58.85 21.94 5.73
CA MET C 77 58.88 20.70 4.96
C MET C 77 60.31 20.25 4.71
N GLU C 78 60.52 18.94 4.73
CA GLU C 78 61.79 18.33 4.36
C GLU C 78 61.51 17.18 3.40
N ALA C 79 62.58 16.73 2.72
CA ALA C 79 62.44 15.62 1.78
C ALA C 79 61.86 14.38 2.45
N GLU C 80 62.00 14.27 3.77
CA GLU C 80 61.40 13.18 4.54
C GLU C 80 59.89 13.12 4.40
N ASP C 81 59.24 14.24 4.07
CA ASP C 81 57.79 14.34 4.09
C ASP C 81 57.13 14.11 2.74
N ALA C 82 57.90 13.91 1.66
CA ALA C 82 57.31 13.69 0.35
C ALA C 82 56.51 12.39 0.30
N ALA C 83 55.18 12.50 0.31
CA ALA C 83 54.29 11.35 0.33
C ALA C 83 52.86 11.84 0.17
N THR C 84 51.94 10.89 0.04
CA THR C 84 50.51 11.16 -0.01
C THR C 84 49.92 11.00 1.38
N TYR C 85 48.95 11.86 1.72
CA TYR C 85 48.34 11.88 3.04
C TYR C 85 46.82 11.82 2.90
N TYR C 86 46.22 10.83 3.55
CA TYR C 86 44.77 10.64 3.55
C TYR C 86 44.22 10.97 4.94
N CYS C 87 43.05 11.62 4.97
CA CYS C 87 42.33 11.79 6.22
C CYS C 87 41.23 10.75 6.34
N HIS C 88 40.77 10.53 7.58
CA HIS C 88 39.92 9.41 7.89
C HIS C 88 38.94 9.80 8.99
N GLN C 89 37.68 9.41 8.83
CA GLN C 89 36.64 9.70 9.80
C GLN C 89 35.85 8.43 10.09
N TRP C 90 35.30 8.36 11.29
CA TRP C 90 34.43 7.24 11.67
C TRP C 90 33.38 7.72 12.67
N ARG C 91 32.69 8.81 12.35
CA ARG C 91 31.57 9.23 13.17
C ARG C 91 30.32 8.40 12.91
N THR C 92 30.21 7.78 11.74
CA THR C 92 29.08 6.96 11.36
C THR C 92 29.54 5.83 10.46
N ASN C 93 28.84 4.71 10.54
CA ASN C 93 29.14 3.56 9.69
C ASN C 93 28.62 3.82 8.29
N PRO C 94 29.44 3.58 7.24
CA PRO C 94 30.83 3.14 7.35
C PRO C 94 31.83 4.29 7.42
N PRO C 95 33.02 4.05 7.96
CA PRO C 95 34.08 5.06 7.90
C PRO C 95 34.51 5.31 6.47
N THR C 96 35.08 6.49 6.24
CA THR C 96 35.49 6.91 4.91
C THR C 96 36.83 7.61 4.96
N PHE C 97 37.56 7.52 3.85
CA PHE C 97 38.82 8.22 3.68
C PHE C 97 38.67 9.30 2.61
N GLY C 98 39.52 10.33 2.70
CA GLY C 98 39.61 11.30 1.64
C GLY C 98 40.38 10.76 0.45
N ALA C 99 40.22 11.45 -0.69
CA ALA C 99 40.94 11.05 -1.90
C ALA C 99 42.45 11.20 -1.77
N GLY C 100 42.91 11.95 -0.79
CA GLY C 100 44.34 12.07 -0.53
C GLY C 100 44.91 13.38 -1.05
N THR C 101 45.99 13.82 -0.41
CA THR C 101 46.77 14.97 -0.85
C THR C 101 48.17 14.48 -1.15
N LYS C 102 48.52 14.42 -2.44
CA LYS C 102 49.84 13.97 -2.85
C LYS C 102 50.83 15.13 -2.70
N LEU C 103 51.71 15.03 -1.72
CA LEU C 103 52.67 16.08 -1.42
C LEU C 103 53.99 15.74 -2.08
N GLU C 104 54.34 16.49 -3.13
CA GLU C 104 55.61 16.38 -3.80
C GLU C 104 56.52 17.54 -3.38
N ILE C 105 57.80 17.39 -3.67
CA ILE C 105 58.80 18.41 -3.32
C ILE C 105 59.08 19.27 -4.55
N LYS C 106 59.31 20.56 -4.32
CA LYS C 106 59.57 21.51 -5.37
C LYS C 106 61.07 21.70 -5.56
N ARG C 107 61.47 21.93 -6.81
CA ARG C 107 62.87 22.14 -7.15
C ARG C 107 62.93 23.07 -8.36
N ALA C 108 64.15 23.43 -8.74
CA ALA C 108 64.33 24.23 -9.94
C ALA C 108 64.01 23.39 -11.18
N ASP C 109 63.49 24.05 -12.21
CA ASP C 109 63.12 23.34 -13.42
C ASP C 109 64.36 22.74 -14.09
N ALA C 110 64.10 21.81 -15.01
CA ALA C 110 65.18 21.13 -15.70
C ALA C 110 64.66 20.58 -17.02
N ALA C 111 65.51 20.60 -18.04
CA ALA C 111 65.14 20.09 -19.35
C ALA C 111 65.35 18.58 -19.41
N PRO C 112 64.51 17.87 -20.17
CA PRO C 112 64.64 16.41 -20.23
C PRO C 112 65.79 15.97 -21.11
N THR C 113 66.60 15.05 -20.59
CA THR C 113 67.63 14.40 -21.41
C THR C 113 66.94 13.35 -22.28
N VAL C 114 66.95 13.55 -23.59
CA VAL C 114 66.19 12.74 -24.52
C VAL C 114 67.14 11.77 -25.22
N SER C 115 66.64 10.56 -25.48
CA SER C 115 67.39 9.54 -26.21
C SER C 115 66.41 8.63 -26.91
N ILE C 116 66.67 8.35 -28.18
CA ILE C 116 65.81 7.49 -28.99
C ILE C 116 66.55 6.17 -29.23
N PHE C 117 65.77 5.09 -29.34
CA PHE C 117 66.32 3.75 -29.51
C PHE C 117 65.51 3.00 -30.56
N PRO C 118 66.18 2.43 -31.57
CA PRO C 118 65.47 1.71 -32.61
C PRO C 118 65.07 0.32 -32.13
N PRO C 119 64.26 -0.40 -32.90
CA PRO C 119 63.94 -1.79 -32.51
C PRO C 119 65.19 -2.65 -32.59
N SER C 120 65.40 -3.46 -31.55
CA SER C 120 66.52 -4.40 -31.55
C SER C 120 66.29 -5.47 -32.59
N SER C 121 67.38 -5.90 -33.24
CA SER C 121 67.29 -6.98 -34.22
C SER C 121 66.63 -8.22 -33.65
N GLU C 122 66.77 -8.44 -32.34
CA GLU C 122 66.06 -9.54 -31.68
C GLU C 122 64.56 -9.41 -31.88
N GLN C 123 63.99 -8.24 -31.54
CA GLN C 123 62.56 -8.04 -31.72
C GLN C 123 62.15 -8.12 -33.18
N LEU C 124 63.01 -7.62 -34.08
CA LEU C 124 62.72 -7.68 -35.51
C LEU C 124 62.50 -9.12 -35.96
N THR C 125 63.37 -10.03 -35.55
CA THR C 125 63.23 -11.43 -35.93
C THR C 125 62.03 -12.11 -35.31
N SER C 126 61.37 -11.47 -34.34
CA SER C 126 60.16 -12.00 -33.72
C SER C 126 58.89 -11.42 -34.33
N GLY C 127 59.01 -10.64 -35.40
CA GLY C 127 57.85 -10.03 -36.02
C GLY C 127 57.32 -8.81 -35.31
N GLY C 128 58.20 -8.01 -34.71
CA GLY C 128 57.79 -6.80 -34.04
C GLY C 128 58.85 -5.72 -34.20
N ALA C 129 58.45 -4.49 -33.90
CA ALA C 129 59.37 -3.35 -33.97
C ALA C 129 58.83 -2.24 -33.07
N SER C 130 59.46 -2.06 -31.92
CA SER C 130 59.12 -1.01 -30.98
C SER C 130 60.25 0.00 -30.91
N VAL C 131 59.92 1.28 -31.08
CA VAL C 131 60.88 2.37 -31.00
C VAL C 131 60.65 3.08 -29.67
N VAL C 132 61.72 3.27 -28.91
CA VAL C 132 61.64 3.80 -27.55
C VAL C 132 62.25 5.19 -27.54
N CYS C 133 61.73 6.05 -26.65
CA CYS C 133 62.25 7.40 -26.47
C CYS C 133 62.20 7.70 -24.98
N PHE C 134 63.36 7.88 -24.36
CA PHE C 134 63.47 8.18 -22.95
C PHE C 134 63.58 9.69 -22.76
N LEU C 135 62.69 10.24 -21.94
CA LEU C 135 62.71 11.65 -21.56
C LEU C 135 63.00 11.68 -20.06
N ASN C 136 64.29 11.74 -19.72
CA ASN C 136 64.75 11.54 -18.35
C ASN C 136 65.14 12.86 -17.71
N ASN C 137 64.88 12.96 -16.41
CA ASN C 137 65.34 14.05 -15.57
C ASN C 137 64.83 15.41 -16.06
N PHE C 138 63.58 15.72 -15.75
CA PHE C 138 63.00 17.01 -16.08
C PHE C 138 62.05 17.44 -14.97
N TYR C 139 61.78 18.75 -14.93
CA TYR C 139 60.88 19.34 -13.94
C TYR C 139 60.30 20.61 -14.55
N PRO C 140 58.97 20.84 -14.41
CA PRO C 140 58.02 19.99 -13.68
C PRO C 140 57.56 18.77 -14.47
N LYS C 141 56.52 18.10 -13.96
CA LYS C 141 56.08 16.84 -14.54
C LYS C 141 55.43 17.05 -15.91
N ASP C 142 54.70 18.15 -16.09
CA ASP C 142 53.95 18.37 -17.31
C ASP C 142 54.86 18.39 -18.53
N ILE C 143 54.50 17.61 -19.54
CA ILE C 143 55.30 17.44 -20.74
C ILE C 143 54.40 16.90 -21.84
N ASN C 144 54.85 17.04 -23.09
CA ASN C 144 54.16 16.46 -24.23
C ASN C 144 55.20 15.90 -25.20
N VAL C 145 54.83 14.80 -25.84
CA VAL C 145 55.70 14.13 -26.81
C VAL C 145 54.86 13.77 -28.02
N LYS C 146 55.51 13.80 -29.19
CA LYS C 146 54.87 13.39 -30.43
C LYS C 146 55.91 12.75 -31.34
N TRP C 147 55.48 11.74 -32.07
CA TRP C 147 56.34 11.00 -32.99
C TRP C 147 56.07 11.45 -34.42
N LYS C 148 57.14 11.52 -35.20
CA LYS C 148 57.02 11.84 -36.62
C LYS C 148 57.87 10.86 -37.41
N ILE C 149 57.34 10.47 -38.56
CA ILE C 149 57.97 9.49 -39.45
C ILE C 149 58.16 10.17 -40.79
N ASP C 150 59.42 10.44 -41.14
CA ASP C 150 59.79 11.17 -42.36
C ASP C 150 59.16 12.56 -42.42
N GLY C 151 58.82 13.13 -41.27
CA GLY C 151 58.21 14.44 -41.18
C GLY C 151 56.73 14.44 -40.89
N SER C 152 56.04 13.33 -41.14
CA SER C 152 54.60 13.24 -40.94
C SER C 152 54.30 12.73 -39.53
N GLU C 153 53.34 13.37 -38.88
CA GLU C 153 52.99 13.01 -37.51
C GLU C 153 52.29 11.65 -37.46
N ARG C 154 52.56 10.91 -36.37
CA ARG C 154 51.94 9.62 -36.11
C ARG C 154 51.69 9.49 -34.62
N GLN C 155 50.42 9.27 -34.25
CA GLN C 155 50.08 9.02 -32.86
C GLN C 155 49.84 7.53 -32.62
N VAL C 158 51.26 4.30 -29.82
CA VAL C 158 52.11 5.06 -28.91
C VAL C 158 51.70 4.80 -27.48
N LEU C 159 52.68 4.74 -26.59
CA LEU C 159 52.43 4.46 -25.19
C LEU C 159 53.40 5.24 -24.33
N ASN C 160 52.88 5.82 -23.24
CA ASN C 160 53.68 6.65 -22.34
C ASN C 160 53.51 6.18 -20.90
N SER C 161 54.59 6.30 -20.13
CA SER C 161 54.61 5.92 -18.73
C SER C 161 55.43 6.94 -17.96
N TRP C 162 54.85 7.49 -16.89
CA TRP C 162 55.50 8.50 -16.09
C TRP C 162 56.07 7.88 -14.82
N THR C 163 57.27 8.29 -14.44
CA THR C 163 57.88 7.84 -13.19
C THR C 163 57.45 8.74 -12.04
N ASP C 164 57.48 8.18 -10.84
CA ASP C 164 57.27 8.97 -9.64
C ASP C 164 58.45 9.92 -9.44
N GLN C 165 58.26 10.88 -8.54
CA GLN C 165 59.31 11.85 -8.24
C GLN C 165 60.56 11.13 -7.73
N ASP C 166 61.63 11.19 -8.50
CA ASP C 166 62.89 10.55 -8.11
C ASP C 166 63.30 11.01 -6.72
N SER C 167 63.78 10.08 -5.91
CA SER C 167 64.07 10.38 -4.51
C SER C 167 65.40 11.08 -4.31
N LYS C 168 66.30 11.04 -5.31
CA LYS C 168 67.61 11.65 -5.15
C LYS C 168 67.64 13.09 -5.65
N ASP C 169 67.14 13.33 -6.86
CA ASP C 169 67.17 14.66 -7.46
C ASP C 169 65.80 15.29 -7.61
N SER C 170 64.75 14.65 -7.12
CA SER C 170 63.39 15.19 -7.13
C SER C 170 62.86 15.45 -8.54
N THR C 171 63.45 14.81 -9.56
CA THR C 171 63.05 15.03 -10.92
C THR C 171 61.98 14.03 -11.36
N TYR C 172 61.56 14.12 -12.62
CA TYR C 172 60.60 13.19 -13.21
C TYR C 172 61.19 12.64 -14.51
N SER C 173 60.56 11.59 -15.01
CA SER C 173 60.99 10.95 -16.26
C SER C 173 59.78 10.34 -16.94
N MET C 174 59.94 10.07 -18.24
CA MET C 174 58.89 9.46 -19.05
C MET C 174 59.52 8.53 -20.08
N SER C 175 58.84 7.43 -20.36
CA SER C 175 59.17 6.55 -21.47
C SER C 175 58.07 6.64 -22.50
N SER C 176 58.45 6.70 -23.77
CA SER C 176 57.49 6.74 -24.87
C SER C 176 57.82 5.61 -25.84
N THR C 177 56.85 4.74 -26.09
CA THR C 177 57.06 3.55 -26.90
C THR C 177 56.10 3.59 -28.08
N LEU C 178 56.64 3.81 -29.28
CA LEU C 178 55.86 3.72 -30.51
C LEU C 178 55.97 2.27 -31.02
N THR C 179 54.87 1.54 -30.95
CA THR C 179 54.89 0.11 -31.24
C THR C 179 54.33 -0.16 -32.63
N LEU C 180 55.12 -0.87 -33.44
CA LEU C 180 54.70 -1.34 -34.75
C LEU C 180 55.04 -2.82 -34.85
N THR C 181 54.64 -3.43 -35.95
CA THR C 181 55.10 -4.77 -36.26
C THR C 181 56.38 -4.66 -37.10
N LYS C 182 56.70 -5.69 -37.88
CA LYS C 182 57.91 -5.64 -38.69
C LYS C 182 57.62 -4.96 -40.02
N ASP C 183 56.67 -5.51 -40.77
CA ASP C 183 56.31 -4.94 -42.07
C ASP C 183 55.96 -3.46 -41.96
N GLU C 184 55.32 -3.05 -40.85
CA GLU C 184 55.04 -1.64 -40.65
C GLU C 184 56.32 -0.83 -40.53
N TYR C 185 57.30 -1.34 -39.79
CA TYR C 185 58.56 -0.61 -39.60
C TYR C 185 59.39 -0.56 -40.87
N GLU C 186 59.23 -1.56 -41.75
CA GLU C 186 60.05 -1.66 -42.94
C GLU C 186 59.67 -0.64 -44.02
N ARG C 187 58.51 -0.01 -43.89
CA ARG C 187 58.05 0.93 -44.91
C ARG C 187 58.93 2.18 -44.94
N HIS C 188 59.00 2.88 -43.81
CA HIS C 188 59.65 4.17 -43.70
C HIS C 188 61.08 4.04 -43.20
N ASN C 189 61.83 5.14 -43.34
CA ASN C 189 63.25 5.18 -43.02
C ASN C 189 63.54 6.03 -41.79
N SER C 190 63.22 7.32 -41.83
CA SER C 190 63.56 8.23 -40.73
C SER C 190 62.47 8.18 -39.65
N TYR C 191 62.90 8.01 -38.41
CA TYR C 191 62.00 8.05 -37.25
C TYR C 191 62.50 9.10 -36.27
N THR C 192 61.60 10.00 -35.86
CA THR C 192 61.98 11.18 -35.10
C THR C 192 61.16 11.27 -33.82
N CYS C 193 61.82 11.63 -32.74
CA CYS C 193 61.19 11.86 -31.44
C CYS C 193 61.21 13.35 -31.14
N GLU C 194 60.05 13.92 -30.84
CA GLU C 194 59.94 15.35 -30.55
C GLU C 194 59.33 15.51 -29.17
N ALA C 195 60.04 16.21 -28.29
CA ALA C 195 59.60 16.46 -26.92
C ALA C 195 59.44 17.95 -26.71
N THR C 196 58.35 18.34 -26.04
CA THR C 196 58.07 19.72 -25.71
C THR C 196 57.92 19.84 -24.20
N HIS C 197 58.74 20.68 -23.57
CA HIS C 197 58.70 20.87 -22.14
C HIS C 197 58.60 22.36 -21.83
N LYS C 198 58.11 22.65 -20.63
CA LYS C 198 57.88 24.03 -20.20
C LYS C 198 59.16 24.85 -20.24
N THR C 199 60.32 24.21 -20.07
CA THR C 199 61.58 24.94 -19.92
C THR C 199 61.90 25.81 -21.13
N SER C 200 61.78 25.25 -22.34
CA SER C 200 62.20 25.96 -23.54
C SER C 200 61.07 25.97 -24.57
N THR C 201 61.09 27.00 -25.42
CA THR C 201 60.11 27.10 -26.49
C THR C 201 60.43 26.16 -27.64
N SER C 202 61.71 25.98 -27.94
CA SER C 202 62.10 25.06 -28.99
C SER C 202 62.05 23.63 -28.48
N PRO C 203 61.46 22.70 -29.23
CA PRO C 203 61.37 21.32 -28.75
C PRO C 203 62.72 20.63 -28.82
N ILE C 204 62.92 19.64 -27.95
CA ILE C 204 64.10 18.80 -27.99
C ILE C 204 63.80 17.63 -28.93
N VAL C 205 64.63 17.46 -29.95
CA VAL C 205 64.37 16.51 -31.03
C VAL C 205 65.60 15.64 -31.23
N LYS C 206 65.39 14.32 -31.18
CA LYS C 206 66.40 13.35 -31.56
C LYS C 206 65.76 12.32 -32.48
N SER C 207 66.56 11.79 -33.40
CA SER C 207 66.02 10.95 -34.47
C SER C 207 67.11 10.02 -34.97
N PHE C 208 66.74 9.15 -35.91
CA PHE C 208 67.69 8.25 -36.55
C PHE C 208 67.10 7.75 -37.86
N ASN C 209 67.98 7.22 -38.70
CA ASN C 209 67.60 6.53 -39.92
C ASN C 209 68.01 5.06 -39.80
N ARG C 210 67.23 4.18 -40.42
CA ARG C 210 67.51 2.75 -40.35
C ARG C 210 68.94 2.44 -40.77
N ASN C 211 69.31 2.85 -41.98
CA ASN C 211 70.65 2.60 -42.52
C ASN C 211 71.74 3.24 -41.66
N LEU D 2 -32.76 -26.30 29.02
CA LEU D 2 -32.96 -25.01 28.37
C LEU D 2 -32.55 -23.88 29.32
N VAL D 3 -31.60 -23.06 28.88
CA VAL D 3 -30.98 -22.05 29.74
C VAL D 3 -31.73 -20.74 29.63
N LEU D 4 -31.86 -20.05 30.77
CA LEU D 4 -32.43 -18.71 30.83
C LEU D 4 -31.35 -17.74 31.32
N THR D 5 -31.19 -16.63 30.62
CA THR D 5 -30.21 -15.60 30.95
C THR D 5 -30.94 -14.28 31.16
N GLN D 6 -30.85 -13.74 32.38
CA GLN D 6 -31.46 -12.47 32.72
C GLN D 6 -30.42 -11.35 32.66
N SER D 7 -30.87 -10.18 32.19
CA SER D 7 -30.01 -9.01 32.06
C SER D 7 -30.81 -7.76 32.41
N PRO D 8 -30.20 -6.83 33.18
CA PRO D 8 -28.86 -6.96 33.74
C PRO D 8 -28.82 -7.84 34.99
N ALA D 9 -27.63 -8.29 35.38
CA ALA D 9 -27.52 -9.07 36.61
C ALA D 9 -27.88 -8.23 37.83
N ILE D 10 -27.45 -6.98 37.86
CA ILE D 10 -27.79 -6.04 38.94
C ILE D 10 -27.96 -4.67 38.33
N MET D 11 -28.91 -3.89 38.87
CA MET D 11 -29.19 -2.56 38.36
C MET D 11 -29.81 -1.72 39.45
N SER D 12 -29.78 -0.41 39.24
CA SER D 12 -30.38 0.56 40.15
C SER D 12 -31.33 1.46 39.37
N ALA D 13 -32.25 2.09 40.10
CA ALA D 13 -33.22 2.99 39.49
C ALA D 13 -33.78 3.92 40.55
N SER D 14 -34.15 5.12 40.12
CA SER D 14 -34.66 6.16 41.00
C SER D 14 -36.17 6.09 41.08
N PRO D 15 -36.77 6.64 42.14
CA PRO D 15 -38.23 6.66 42.24
C PRO D 15 -38.89 7.31 41.04
N GLY D 16 -39.93 6.65 40.53
CA GLY D 16 -40.66 7.13 39.36
C GLY D 16 -40.05 6.76 38.03
N GLU D 17 -38.80 6.28 38.01
CA GLU D 17 -38.15 5.93 36.75
C GLU D 17 -38.67 4.60 36.23
N LYS D 18 -38.81 4.50 34.91
CA LYS D 18 -39.25 3.27 34.28
C LYS D 18 -38.10 2.27 34.22
N VAL D 19 -38.42 0.99 34.44
CA VAL D 19 -37.43 -0.08 34.53
C VAL D 19 -37.86 -1.22 33.60
N THR D 20 -36.87 -1.83 32.94
CA THR D 20 -37.10 -3.00 32.11
C THR D 20 -35.94 -3.97 32.29
N MET D 21 -36.26 -5.27 32.38
CA MET D 21 -35.26 -6.31 32.54
C MET D 21 -35.63 -7.49 31.65
N THR D 22 -34.62 -8.06 30.98
CA THR D 22 -34.83 -9.06 29.94
C THR D 22 -34.55 -10.46 30.47
N CYS D 23 -35.25 -11.44 29.88
CA CYS D 23 -35.03 -12.85 30.14
C CYS D 23 -34.90 -13.54 28.79
N SER D 24 -33.71 -14.05 28.47
CA SER D 24 -33.45 -14.69 27.19
C SER D 24 -33.40 -16.21 27.37
N ALA D 25 -33.95 -16.93 26.39
CA ALA D 25 -33.99 -18.37 26.39
C ALA D 25 -33.06 -18.93 25.33
N SER D 26 -32.28 -19.95 25.70
CA SER D 26 -31.35 -20.56 24.77
C SER D 26 -32.06 -21.12 23.54
N SER D 27 -33.32 -21.50 23.67
CA SER D 27 -34.12 -21.95 22.55
C SER D 27 -35.56 -21.47 22.76
N SER D 28 -36.33 -21.50 21.67
CA SER D 28 -37.67 -20.90 21.69
C SER D 28 -38.57 -21.59 22.70
N VAL D 29 -39.25 -20.79 23.51
CA VAL D 29 -40.28 -21.27 24.42
C VAL D 29 -41.59 -20.57 24.06
N SER D 30 -42.62 -20.72 24.90
CA SER D 30 -43.91 -20.13 24.63
C SER D 30 -44.40 -19.16 25.70
N TYR D 31 -43.82 -19.20 26.89
CA TYR D 31 -44.20 -18.31 27.98
C TYR D 31 -43.20 -18.46 29.11
N VAL D 32 -43.21 -17.51 30.04
CA VAL D 32 -42.33 -17.52 31.19
C VAL D 32 -43.08 -16.96 32.39
N HIS D 33 -42.54 -17.23 33.58
CA HIS D 33 -43.07 -16.71 34.83
C HIS D 33 -42.00 -15.89 35.54
N TRP D 34 -42.44 -14.85 36.23
CA TRP D 34 -41.55 -13.96 36.97
C TRP D 34 -41.87 -14.05 38.45
N TYR D 35 -40.85 -14.24 39.27
CA TYR D 35 -40.99 -14.37 40.71
C TYR D 35 -40.18 -13.29 41.40
N GLN D 36 -40.81 -12.56 42.32
CA GLN D 36 -40.12 -11.56 43.12
C GLN D 36 -39.67 -12.19 44.43
N GLN D 37 -38.46 -11.82 44.86
CA GLN D 37 -37.93 -12.29 46.13
C GLN D 37 -37.19 -11.15 46.83
N LYS D 38 -37.53 -10.92 48.09
CA LYS D 38 -36.81 -10.00 48.94
C LYS D 38 -35.94 -10.77 49.92
N SER D 39 -34.97 -10.05 50.50
CA SER D 39 -33.98 -10.69 51.36
C SER D 39 -34.64 -11.43 52.52
N GLY D 40 -34.18 -12.65 52.77
CA GLY D 40 -34.66 -13.44 53.89
C GLY D 40 -36.10 -13.89 53.80
N THR D 41 -36.65 -13.99 52.59
CA THR D 41 -38.02 -14.44 52.39
C THR D 41 -38.09 -15.31 51.16
N SER D 42 -39.25 -15.94 50.95
CA SER D 42 -39.46 -16.85 49.85
C SER D 42 -39.88 -16.09 48.60
N PRO D 43 -39.65 -16.66 47.41
CA PRO D 43 -40.17 -16.04 46.19
C PRO D 43 -41.68 -16.09 46.12
N LYS D 44 -42.26 -15.04 45.57
CA LYS D 44 -43.70 -14.96 45.31
C LYS D 44 -43.94 -14.91 43.81
N ARG D 45 -44.97 -15.61 43.36
CA ARG D 45 -45.36 -15.50 41.96
C ARG D 45 -45.78 -14.07 41.68
N TRP D 46 -45.04 -13.41 40.78
CA TRP D 46 -45.25 -12.01 40.47
C TRP D 46 -45.98 -11.83 39.14
N ILE D 47 -45.43 -12.41 38.07
CA ILE D 47 -46.06 -12.43 36.76
C ILE D 47 -46.01 -13.87 36.26
N TYR D 48 -47.11 -14.31 35.64
CA TYR D 48 -47.19 -15.64 35.08
C TYR D 48 -47.84 -15.55 33.71
N ASP D 49 -47.59 -16.58 32.89
CA ASP D 49 -48.11 -16.62 31.52
C ASP D 49 -47.70 -15.37 30.74
N THR D 50 -46.46 -14.93 30.98
CA THR D 50 -45.84 -13.79 30.28
C THR D 50 -46.47 -12.46 30.72
N SER D 51 -47.78 -12.33 30.58
CA SER D 51 -48.45 -11.05 30.77
C SER D 51 -49.39 -11.00 31.96
N LYS D 52 -49.78 -12.13 32.53
CA LYS D 52 -50.79 -12.15 33.58
C LYS D 52 -50.17 -11.73 34.92
N LEU D 53 -50.82 -10.79 35.59
CA LEU D 53 -50.37 -10.30 36.89
C LEU D 53 -50.97 -11.14 38.01
N ALA D 54 -50.16 -11.45 39.01
CA ALA D 54 -50.62 -12.25 40.14
C ALA D 54 -51.60 -11.47 41.00
N SER D 55 -52.04 -12.08 42.09
CA SER D 55 -52.98 -11.44 42.99
C SER D 55 -52.25 -10.47 43.91
N GLY D 56 -52.71 -9.21 43.92
CA GLY D 56 -52.18 -8.21 44.81
C GLY D 56 -50.99 -7.43 44.29
N VAL D 57 -50.52 -7.73 43.08
CA VAL D 57 -49.39 -7.00 42.50
C VAL D 57 -49.93 -5.72 41.85
N PRO D 58 -49.26 -4.59 42.01
CA PRO D 58 -49.76 -3.34 41.42
C PRO D 58 -49.78 -3.40 39.89
N ALA D 59 -50.62 -2.54 39.31
CA ALA D 59 -50.69 -2.44 37.85
C ALA D 59 -49.43 -1.83 37.26
N ARG D 60 -48.59 -1.19 38.09
CA ARG D 60 -47.33 -0.63 37.62
C ARG D 60 -46.49 -1.68 36.90
N PHE D 61 -46.52 -2.92 37.37
CA PHE D 61 -45.75 -3.98 36.76
C PHE D 61 -46.41 -4.45 35.45
N SER D 62 -45.60 -5.07 34.60
CA SER D 62 -46.10 -5.61 33.34
C SER D 62 -45.02 -6.54 32.77
N GLY D 63 -45.45 -7.41 31.85
CA GLY D 63 -44.55 -8.34 31.21
C GLY D 63 -44.97 -8.59 29.79
N SER D 64 -43.98 -8.87 28.93
CA SER D 64 -44.25 -9.11 27.52
C SER D 64 -43.12 -9.97 26.95
N GLY D 65 -43.28 -10.35 25.70
CA GLY D 65 -42.28 -11.11 24.97
C GLY D 65 -42.88 -12.33 24.30
N SER D 66 -42.01 -13.02 23.56
CA SER D 66 -42.38 -14.24 22.86
C SER D 66 -41.09 -14.92 22.39
N GLY D 67 -41.23 -16.18 21.98
CA GLY D 67 -40.10 -16.95 21.49
C GLY D 67 -38.99 -17.10 22.52
N THR D 68 -37.91 -16.35 22.34
CA THR D 68 -36.78 -16.37 23.26
C THR D 68 -36.59 -15.08 24.03
N SER D 69 -37.30 -14.01 23.67
CA SER D 69 -37.13 -12.70 24.27
C SER D 69 -38.34 -12.39 25.14
N TYR D 70 -38.10 -12.19 26.44
CA TYR D 70 -39.15 -11.79 27.37
C TYR D 70 -38.61 -10.69 28.26
N SER D 71 -39.51 -9.92 28.86
CA SER D 71 -39.11 -8.75 29.63
C SER D 71 -40.15 -8.43 30.69
N LEU D 72 -39.69 -7.88 31.80
CA LEU D 72 -40.54 -7.35 32.86
C LEU D 72 -40.33 -5.85 32.94
N THR D 73 -41.42 -5.10 33.06
CA THR D 73 -41.38 -3.64 33.01
C THR D 73 -42.11 -3.05 34.21
N ILE D 74 -41.54 -1.98 34.76
CA ILE D 74 -42.16 -1.19 35.80
C ILE D 74 -42.32 0.24 35.27
N SER D 75 -43.56 0.72 35.23
CA SER D 75 -43.82 2.04 34.66
C SER D 75 -43.20 3.14 35.51
N SER D 76 -43.21 2.99 36.83
CA SER D 76 -42.71 4.02 37.73
C SER D 76 -42.14 3.33 38.97
N MET D 77 -40.81 3.23 39.03
CA MET D 77 -40.15 2.55 40.14
C MET D 77 -40.54 3.17 41.47
N GLU D 78 -40.71 2.31 42.48
CA GLU D 78 -40.91 2.74 43.85
C GLU D 78 -40.04 1.90 44.76
N ALA D 79 -39.82 2.40 45.99
CA ALA D 79 -39.02 1.65 46.95
C ALA D 79 -39.64 0.29 47.25
N GLU D 80 -40.96 0.17 47.06
CA GLU D 80 -41.66 -1.09 47.25
C GLU D 80 -41.14 -2.19 46.34
N ASP D 81 -40.52 -1.84 45.22
CA ASP D 81 -40.13 -2.80 44.18
C ASP D 81 -38.69 -3.28 44.30
N ALA D 82 -37.91 -2.76 45.25
CA ALA D 82 -36.51 -3.17 45.41
C ALA D 82 -36.44 -4.64 45.83
N ALA D 83 -36.03 -5.50 44.90
CA ALA D 83 -35.99 -6.94 45.12
C ALA D 83 -35.32 -7.60 43.92
N THR D 84 -35.08 -8.91 44.05
CA THR D 84 -34.54 -9.72 42.97
C THR D 84 -35.69 -10.40 42.24
N TYR D 85 -35.54 -10.52 40.91
CA TYR D 85 -36.59 -11.08 40.06
C TYR D 85 -36.00 -12.18 39.20
N TYR D 86 -36.58 -13.37 39.28
CA TYR D 86 -36.17 -14.53 38.49
C TYR D 86 -37.24 -14.85 37.47
N CYS D 87 -36.82 -15.22 36.26
CA CYS D 87 -37.73 -15.75 35.27
C CYS D 87 -37.67 -17.28 35.25
N HIS D 88 -38.71 -17.88 34.68
CA HIS D 88 -38.93 -19.31 34.80
C HIS D 88 -39.56 -19.84 33.52
N GLN D 89 -39.07 -20.96 33.03
CA GLN D 89 -39.59 -21.59 31.83
C GLN D 89 -39.81 -23.07 32.08
N TRP D 90 -40.77 -23.65 31.37
CA TRP D 90 -41.02 -25.08 31.46
C TRP D 90 -41.53 -25.61 30.11
N ARG D 91 -40.81 -25.28 29.03
CA ARG D 91 -41.13 -25.86 27.73
C ARG D 91 -40.62 -27.30 27.60
N THR D 92 -39.60 -27.67 28.39
CA THR D 92 -39.02 -29.00 28.37
C THR D 92 -38.53 -29.35 29.76
N ASN D 93 -38.56 -30.63 30.08
CA ASN D 93 -38.04 -31.11 31.35
C ASN D 93 -36.52 -31.15 31.31
N PRO D 94 -35.82 -30.62 32.33
CA PRO D 94 -36.43 -29.95 33.48
C PRO D 94 -36.62 -28.45 33.27
N PRO D 95 -37.54 -27.84 34.02
CA PRO D 95 -37.67 -26.38 33.99
C PRO D 95 -36.42 -25.72 34.58
N THR D 96 -36.21 -24.47 34.20
CA THR D 96 -35.01 -23.73 34.60
C THR D 96 -35.39 -22.30 34.95
N PHE D 97 -34.59 -21.71 35.84
CA PHE D 97 -34.71 -20.32 36.23
C PHE D 97 -33.51 -19.53 35.73
N GLY D 98 -33.71 -18.23 35.54
CA GLY D 98 -32.60 -17.35 35.29
C GLY D 98 -31.80 -17.06 36.54
N ALA D 99 -30.58 -16.54 36.35
CA ALA D 99 -29.73 -16.21 37.48
C ALA D 99 -30.31 -15.08 38.32
N GLY D 100 -31.26 -14.33 37.79
CA GLY D 100 -31.93 -13.29 38.54
C GLY D 100 -31.43 -11.91 38.20
N THR D 101 -32.29 -10.91 38.38
CA THR D 101 -31.96 -9.50 38.23
C THR D 101 -32.20 -8.83 39.56
N LYS D 102 -31.13 -8.46 40.26
CA LYS D 102 -31.25 -7.79 41.55
C LYS D 102 -31.53 -6.31 41.29
N LEU D 103 -32.77 -5.89 41.57
CA LEU D 103 -33.20 -4.52 41.31
C LEU D 103 -33.07 -3.73 42.61
N GLU D 104 -32.10 -2.83 42.66
CA GLU D 104 -31.92 -1.90 43.77
C GLU D 104 -32.42 -0.52 43.38
N ILE D 105 -32.61 0.32 44.39
CA ILE D 105 -33.08 1.69 44.17
C ILE D 105 -31.89 2.63 44.22
N LYS D 106 -31.91 3.66 43.36
CA LYS D 106 -30.85 4.63 43.28
C LYS D 106 -31.20 5.88 44.07
N ARG D 107 -30.18 6.50 44.66
CA ARG D 107 -30.35 7.69 45.48
C ARG D 107 -29.11 8.56 45.32
N ALA D 108 -29.14 9.73 45.94
CA ALA D 108 -27.98 10.60 45.94
C ALA D 108 -26.88 10.00 46.79
N ASP D 109 -25.64 10.26 46.39
CA ASP D 109 -24.50 9.69 47.10
C ASP D 109 -24.42 10.24 48.52
N ALA D 110 -23.64 9.54 49.35
CA ALA D 110 -23.48 9.92 50.75
C ALA D 110 -22.17 9.34 51.26
N ALA D 111 -21.52 10.10 52.14
CA ALA D 111 -20.27 9.64 52.71
C ALA D 111 -20.52 8.71 53.89
N PRO D 112 -19.65 7.73 54.10
CA PRO D 112 -19.87 6.77 55.20
C PRO D 112 -19.51 7.38 56.54
N THR D 113 -20.40 7.23 57.52
CA THR D 113 -20.10 7.59 58.90
C THR D 113 -19.22 6.48 59.49
N VAL D 114 -17.97 6.81 59.81
CA VAL D 114 -16.98 5.83 60.22
C VAL D 114 -16.81 5.91 61.74
N SER D 115 -16.61 4.75 62.36
CA SER D 115 -16.35 4.67 63.80
C SER D 115 -15.52 3.42 64.07
N ILE D 116 -14.47 3.58 64.87
CA ILE D 116 -13.57 2.47 65.20
C ILE D 116 -13.80 2.08 66.66
N PHE D 117 -13.61 0.79 66.94
CA PHE D 117 -13.86 0.24 68.27
C PHE D 117 -12.72 -0.70 68.65
N PRO D 118 -12.10 -0.51 69.81
CA PRO D 118 -10.99 -1.37 70.22
C PRO D 118 -11.50 -2.70 70.75
N PRO D 119 -10.61 -3.66 70.99
CA PRO D 119 -11.05 -4.93 71.60
C PRO D 119 -11.55 -4.70 73.02
N SER D 120 -12.69 -5.30 73.33
CA SER D 120 -13.22 -5.22 74.68
C SER D 120 -12.33 -5.98 75.65
N SER D 121 -12.18 -5.45 76.86
CA SER D 121 -11.39 -6.12 77.89
C SER D 121 -11.82 -7.57 78.10
N GLU D 122 -13.11 -7.86 77.90
CA GLU D 122 -13.57 -9.24 77.95
C GLU D 122 -12.83 -10.11 76.95
N GLN D 123 -12.80 -9.70 75.68
CA GLN D 123 -12.10 -10.47 74.66
C GLN D 123 -10.61 -10.57 74.97
N LEU D 124 -10.03 -9.48 75.50
CA LEU D 124 -8.62 -9.52 75.87
C LEU D 124 -8.33 -10.62 76.87
N THR D 125 -9.16 -10.72 77.92
CA THR D 125 -9.00 -11.76 78.92
C THR D 125 -9.33 -13.16 78.39
N SER D 126 -9.93 -13.26 77.21
CA SER D 126 -10.22 -14.55 76.59
C SER D 126 -9.16 -14.96 75.57
N GLY D 127 -8.07 -14.21 75.47
CA GLY D 127 -7.02 -14.53 74.52
C GLY D 127 -7.32 -14.11 73.10
N GLY D 128 -8.03 -13.00 72.92
CA GLY D 128 -8.32 -12.49 71.59
C GLY D 128 -8.34 -10.97 71.59
N ALA D 129 -8.30 -10.41 70.40
CA ALA D 129 -8.34 -8.95 70.24
C ALA D 129 -8.84 -8.64 68.83
N SER D 130 -10.09 -8.21 68.73
CA SER D 130 -10.71 -7.83 67.46
C SER D 130 -10.99 -6.33 67.47
N VAL D 131 -10.52 -5.65 66.43
CA VAL D 131 -10.76 -4.22 66.26
C VAL D 131 -11.80 -4.05 65.17
N VAL D 132 -12.84 -3.28 65.46
CA VAL D 132 -14.00 -3.16 64.58
C VAL D 132 -14.02 -1.74 64.01
N CYS D 133 -14.53 -1.62 62.78
CA CYS D 133 -14.68 -0.34 62.11
C CYS D 133 -16.00 -0.36 61.34
N PHE D 134 -16.95 0.48 61.74
CA PHE D 134 -18.25 0.56 61.10
C PHE D 134 -18.23 1.68 60.06
N LEU D 135 -18.58 1.33 58.82
CA LEU D 135 -18.72 2.28 57.73
C LEU D 135 -20.20 2.26 57.34
N ASN D 136 -20.98 3.14 57.97
CA ASN D 136 -22.43 3.08 57.91
C ASN D 136 -22.98 4.17 56.99
N ASN D 137 -24.07 3.82 56.28
CA ASN D 137 -24.85 4.78 55.51
C ASN D 137 -24.02 5.50 54.46
N PHE D 138 -23.75 4.84 53.34
CA PHE D 138 -23.04 5.43 52.23
C PHE D 138 -23.63 4.92 50.93
N TYR D 139 -23.38 5.65 49.84
CA TYR D 139 -23.88 5.27 48.53
C TYR D 139 -22.94 5.84 47.49
N PRO D 140 -22.58 5.07 46.45
CA PRO D 140 -23.06 3.70 46.19
C PRO D 140 -22.38 2.62 47.02
N LYS D 141 -22.61 1.36 46.64
CA LYS D 141 -22.13 0.22 47.42
C LYS D 141 -20.61 0.11 47.38
N ASP D 142 -20.01 0.40 46.22
CA ASP D 142 -18.57 0.22 46.04
C ASP D 142 -17.78 1.05 47.03
N ILE D 143 -16.81 0.42 47.68
CA ILE D 143 -16.02 1.04 48.74
C ILE D 143 -14.71 0.29 48.90
N ASN D 144 -13.75 0.94 49.55
CA ASN D 144 -12.48 0.31 49.88
C ASN D 144 -12.08 0.73 51.30
N VAL D 145 -11.44 -0.18 52.01
CA VAL D 145 -11.01 0.03 53.38
C VAL D 145 -9.59 -0.46 53.51
N LYS D 146 -8.82 0.17 54.40
CA LYS D 146 -7.45 -0.22 54.67
C LYS D 146 -7.13 0.00 56.13
N TRP D 147 -6.40 -0.92 56.73
CA TRP D 147 -5.99 -0.83 58.12
C TRP D 147 -4.50 -0.50 58.19
N LYS D 148 -4.12 0.33 59.16
CA LYS D 148 -2.73 0.66 59.38
C LYS D 148 -2.42 0.60 60.87
N ILE D 149 -1.22 0.11 61.18
CA ILE D 149 -0.74 -0.06 62.54
C ILE D 149 0.52 0.77 62.70
N ASP D 150 0.43 1.86 63.46
CA ASP D 150 1.53 2.80 63.67
C ASP D 150 2.08 3.35 62.36
N GLY D 151 1.25 3.37 61.31
CA GLY D 151 1.67 3.81 60.00
C GLY D 151 1.90 2.70 59.00
N SER D 152 2.09 1.47 59.47
CA SER D 152 2.38 0.34 58.59
C SER D 152 1.08 -0.34 58.15
N GLU D 153 0.95 -0.57 56.86
CA GLU D 153 -0.24 -1.21 56.33
C GLU D 153 -0.25 -2.70 56.67
N ARG D 154 -1.44 -3.23 56.92
CA ARG D 154 -1.60 -4.65 57.19
C ARG D 154 -2.90 -5.09 56.55
N GLN D 155 -2.82 -6.07 55.66
CA GLN D 155 -4.00 -6.64 55.00
C GLN D 155 -4.43 -7.97 55.61
N ASN D 156 -3.47 -8.82 55.96
CA ASN D 156 -3.78 -10.13 56.53
C ASN D 156 -4.51 -9.99 57.85
N GLY D 157 -5.58 -10.76 58.02
CA GLY D 157 -6.34 -10.74 59.25
C GLY D 157 -7.51 -9.79 59.30
N VAL D 158 -8.00 -9.33 58.15
CA VAL D 158 -9.13 -8.42 58.07
C VAL D 158 -10.33 -9.17 57.50
N LEU D 159 -11.53 -8.79 57.94
CA LEU D 159 -12.76 -9.40 57.50
C LEU D 159 -13.79 -8.31 57.25
N ASN D 160 -14.55 -8.45 56.16
CA ASN D 160 -15.54 -7.46 55.75
C ASN D 160 -16.89 -8.12 55.52
N SER D 161 -17.94 -7.35 55.80
CA SER D 161 -19.32 -7.82 55.64
C SER D 161 -20.18 -6.69 55.08
N TRP D 162 -20.90 -6.98 54.00
CA TRP D 162 -21.73 -6.01 53.31
C TRP D 162 -23.19 -6.16 53.70
N THR D 163 -23.86 -5.05 53.97
CA THR D 163 -25.28 -5.04 54.25
C THR D 163 -26.08 -4.90 52.97
N ASP D 164 -27.31 -5.41 53.00
CA ASP D 164 -28.24 -5.17 51.91
C ASP D 164 -28.66 -3.70 51.90
N GLN D 165 -29.29 -3.28 50.81
CA GLN D 165 -29.77 -1.92 50.70
C GLN D 165 -30.79 -1.62 51.78
N ASP D 166 -30.44 -0.72 52.70
CA ASP D 166 -31.35 -0.35 53.78
C ASP D 166 -32.69 0.08 53.21
N SER D 167 -33.78 -0.36 53.84
CA SER D 167 -35.10 -0.12 53.30
C SER D 167 -35.63 1.27 53.64
N LYS D 168 -35.06 1.95 54.62
CA LYS D 168 -35.57 3.25 55.04
C LYS D 168 -34.89 4.40 54.28
N ASP D 169 -33.56 4.41 54.22
CA ASP D 169 -32.82 5.48 53.58
C ASP D 169 -32.10 5.05 52.31
N SER D 170 -32.28 3.80 51.88
CA SER D 170 -31.73 3.27 50.63
C SER D 170 -30.20 3.30 50.59
N THR D 171 -29.54 3.42 51.75
CA THR D 171 -28.10 3.48 51.80
C THR D 171 -27.52 2.09 51.99
N TYR D 172 -26.19 2.01 52.08
CA TYR D 172 -25.48 0.76 52.34
C TYR D 172 -24.54 0.96 53.52
N SER D 173 -24.06 -0.16 54.05
CA SER D 173 -23.12 -0.13 55.16
C SER D 173 -22.21 -1.34 55.08
N MET D 174 -21.06 -1.24 55.74
CA MET D 174 -20.09 -2.33 55.77
C MET D 174 -19.36 -2.32 57.10
N SER D 175 -19.05 -3.51 57.61
CA SER D 175 -18.25 -3.68 58.81
C SER D 175 -16.90 -4.29 58.44
N SER D 176 -15.84 -3.79 59.07
CA SER D 176 -14.49 -4.29 58.85
C SER D 176 -13.90 -4.68 60.21
N THR D 177 -13.49 -5.94 60.32
CA THR D 177 -13.00 -6.49 61.59
C THR D 177 -11.58 -7.00 61.40
N LEU D 178 -10.61 -6.32 62.01
CA LEU D 178 -9.22 -6.79 62.04
C LEU D 178 -9.04 -7.65 63.30
N THR D 179 -8.86 -8.95 63.09
CA THR D 179 -8.81 -9.91 64.20
C THR D 179 -7.37 -10.31 64.47
N LEU D 180 -6.97 -10.19 65.73
CA LEU D 180 -5.66 -10.60 66.21
C LEU D 180 -5.87 -11.48 67.44
N THR D 181 -4.76 -12.00 67.98
CA THR D 181 -4.80 -12.60 69.30
C THR D 181 -4.51 -11.49 70.32
N LYS D 182 -4.08 -11.84 71.53
CA LYS D 182 -3.79 -10.79 72.50
C LYS D 182 -2.36 -10.31 72.30
N ASP D 183 -1.41 -11.22 72.40
CA ASP D 183 0.00 -10.88 72.22
C ASP D 183 0.24 -10.15 70.91
N GLU D 184 -0.51 -10.51 69.85
CA GLU D 184 -0.41 -9.77 68.60
C GLU D 184 -0.86 -8.34 68.75
N TYR D 185 -1.92 -8.11 69.53
CA TYR D 185 -2.44 -6.75 69.72
C TYR D 185 -1.54 -5.92 70.61
N GLU D 186 -0.82 -6.55 71.54
CA GLU D 186 -0.06 -5.83 72.55
C GLU D 186 1.28 -5.32 72.04
N ARG D 187 1.75 -5.80 70.88
CA ARG D 187 3.00 -5.31 70.34
C ARG D 187 2.91 -3.83 70.02
N HIS D 188 1.96 -3.45 69.18
CA HIS D 188 1.82 -2.10 68.66
C HIS D 188 0.80 -1.31 69.47
N ASN D 189 0.81 0.02 69.27
CA ASN D 189 0.01 0.95 70.05
C ASN D 189 -1.14 1.55 69.25
N SER D 190 -0.84 2.32 68.20
CA SER D 190 -1.86 3.03 67.45
C SER D 190 -2.47 2.13 66.38
N TYR D 191 -3.80 2.10 66.34
CA TYR D 191 -4.55 1.36 65.33
C TYR D 191 -5.48 2.31 64.60
N THR D 192 -5.41 2.28 63.26
CA THR D 192 -6.04 3.29 62.42
C THR D 192 -6.92 2.64 61.37
N CYS D 193 -8.11 3.22 61.18
CA CYS D 193 -9.06 2.79 60.15
C CYS D 193 -9.09 3.85 59.05
N GLU D 194 -8.86 3.43 57.81
CA GLU D 194 -8.86 4.32 56.66
C GLU D 194 -9.89 3.83 55.65
N ALA D 195 -10.84 4.71 55.33
CA ALA D 195 -11.90 4.40 54.37
C ALA D 195 -11.81 5.35 53.17
N THR D 196 -11.94 4.80 51.98
CA THR D 196 -11.94 5.57 50.74
C THR D 196 -13.23 5.26 49.98
N HIS D 197 -14.00 6.31 49.71
CA HIS D 197 -15.26 6.19 48.98
C HIS D 197 -15.28 7.21 47.86
N LYS D 198 -16.18 6.98 46.90
CA LYS D 198 -16.29 7.83 45.72
C LYS D 198 -16.53 9.29 46.10
N THR D 199 -17.18 9.54 47.24
CA THR D 199 -17.64 10.88 47.57
C THR D 199 -16.49 11.89 47.60
N SER D 200 -15.40 11.55 48.28
CA SER D 200 -14.29 12.47 48.46
C SER D 200 -12.99 11.80 48.04
N THR D 201 -12.04 12.61 47.56
CA THR D 201 -10.74 12.05 47.19
C THR D 201 -9.89 11.76 48.42
N SER D 202 -9.99 12.60 49.45
CA SER D 202 -9.27 12.36 50.69
C SER D 202 -10.01 11.31 51.51
N PRO D 203 -9.33 10.31 52.04
CA PRO D 203 -10.02 9.28 52.81
C PRO D 203 -10.48 9.82 54.16
N ILE D 204 -11.56 9.25 54.67
CA ILE D 204 -12.00 9.55 56.03
C ILE D 204 -11.30 8.58 56.97
N VAL D 205 -10.59 9.13 57.94
CA VAL D 205 -9.68 8.36 58.78
C VAL D 205 -10.00 8.64 60.24
N LYS D 206 -10.26 7.59 61.00
CA LYS D 206 -10.38 7.67 62.45
C LYS D 206 -9.57 6.55 63.07
N SER D 207 -9.05 6.80 64.27
CA SER D 207 -8.08 5.91 64.88
C SER D 207 -8.16 6.06 66.40
N PHE D 208 -7.33 5.30 67.10
CA PHE D 208 -7.25 5.38 68.55
C PHE D 208 -5.90 4.83 68.99
N ASN D 209 -5.53 5.16 70.22
CA ASN D 209 -4.35 4.62 70.86
C ASN D 209 -4.78 3.79 72.07
N ARG D 210 -4.01 2.75 72.35
CA ARG D 210 -4.32 1.86 73.47
C ARG D 210 -4.50 2.65 74.77
N ASN D 211 -3.49 3.41 75.14
CA ASN D 211 -3.52 4.21 76.37
C ASN D 211 -4.65 5.24 76.35
N LEU E 2 44.36 31.45 1.97
CA LEU E 2 43.34 30.77 2.74
C LEU E 2 42.56 29.81 1.83
N VAL E 3 42.54 28.53 2.19
CA VAL E 3 42.01 27.48 1.34
C VAL E 3 40.54 27.24 1.68
N LEU E 4 39.73 26.99 0.65
CA LEU E 4 38.33 26.58 0.81
C LEU E 4 38.17 25.18 0.22
N THR E 5 37.53 24.30 1.00
CA THR E 5 37.30 22.92 0.58
C THR E 5 35.82 22.62 0.60
N GLN E 6 35.27 22.26 -0.54
CA GLN E 6 33.87 21.87 -0.66
C GLN E 6 33.77 20.35 -0.66
N SER E 7 32.75 19.83 0.02
CA SER E 7 32.52 18.40 0.10
C SER E 7 31.03 18.14 0.04
N PRO E 8 30.61 17.13 -0.73
CA PRO E 8 31.47 16.29 -1.57
C PRO E 8 31.86 16.98 -2.88
N ALA E 9 32.91 16.48 -3.54
CA ALA E 9 33.29 17.02 -4.83
C ALA E 9 32.21 16.80 -5.87
N ILE E 10 31.59 15.62 -5.86
CA ILE E 10 30.50 15.30 -6.77
C ILE E 10 29.49 14.45 -6.01
N MET E 11 28.21 14.65 -6.31
CA MET E 11 27.15 13.92 -5.62
C MET E 11 25.91 13.87 -6.51
N SER E 12 25.01 12.96 -6.17
CA SER E 12 23.75 12.81 -6.87
C SER E 12 22.61 12.88 -5.87
N ALA E 13 21.42 13.18 -6.39
CA ALA E 13 20.22 13.28 -5.56
C ALA E 13 18.99 13.12 -6.43
N SER E 14 17.94 12.58 -5.84
CA SER E 14 16.70 12.30 -6.55
C SER E 14 15.74 13.48 -6.41
N PRO E 15 14.77 13.61 -7.32
CA PRO E 15 13.79 14.70 -7.21
C PRO E 15 13.09 14.68 -5.86
N GLY E 16 12.97 15.85 -5.25
CA GLY E 16 12.36 15.98 -3.94
C GLY E 16 13.28 15.71 -2.77
N GLU E 17 14.45 15.13 -3.01
CA GLU E 17 15.37 14.80 -1.93
C GLU E 17 16.07 16.05 -1.40
N LYS E 18 16.30 16.07 -0.09
CA LYS E 18 17.01 17.18 0.54
C LYS E 18 18.51 17.03 0.28
N VAL E 19 19.18 18.15 0.04
CA VAL E 19 20.60 18.18 -0.31
C VAL E 19 21.32 19.18 0.59
N THR E 20 22.53 18.83 1.00
CA THR E 20 23.41 19.70 1.78
C THR E 20 24.84 19.50 1.30
N MET E 21 25.57 20.61 1.18
CA MET E 21 26.96 20.58 0.75
C MET E 21 27.78 21.54 1.60
N THR E 22 28.96 21.10 2.00
CA THR E 22 29.78 21.81 2.97
C THR E 22 30.90 22.57 2.28
N CYS E 23 31.29 23.69 2.91
CA CYS E 23 32.46 24.47 2.49
C CYS E 23 33.29 24.71 3.74
N SER E 24 34.47 24.09 3.79
CA SER E 24 35.36 24.19 4.94
C SER E 24 36.52 25.11 4.62
N ALA E 25 36.92 25.90 5.61
CA ALA E 25 38.01 26.87 5.48
C ALA E 25 39.21 26.42 6.28
N SER E 26 40.40 26.52 5.68
CA SER E 26 41.64 26.13 6.37
C SER E 26 41.84 26.92 7.64
N SER E 27 41.30 28.14 7.71
CA SER E 27 41.34 28.95 8.92
C SER E 27 40.03 29.70 9.02
N SER E 28 39.75 30.20 10.23
CA SER E 28 38.45 30.80 10.50
C SER E 28 38.22 32.03 9.61
N VAL E 29 37.04 32.08 9.00
CA VAL E 29 36.59 33.25 8.25
C VAL E 29 35.31 33.75 8.90
N SER E 30 34.64 34.71 8.26
CA SER E 30 33.43 35.29 8.81
C SER E 30 32.20 35.16 7.92
N TYR E 31 32.38 34.84 6.63
CA TYR E 31 31.26 34.68 5.71
C TYR E 31 31.79 34.10 4.41
N VAL E 32 30.86 33.59 3.60
CA VAL E 32 31.18 33.01 2.30
C VAL E 32 30.05 33.33 1.32
N HIS E 33 30.36 33.19 0.04
CA HIS E 33 29.39 33.36 -1.04
C HIS E 33 29.32 32.08 -1.86
N TRP E 34 28.13 31.78 -2.37
CA TRP E 34 27.90 30.58 -3.17
C TRP E 34 27.49 30.98 -4.57
N TYR E 35 28.14 30.39 -5.58
CA TYR E 35 27.88 30.68 -6.98
C TYR E 35 27.47 29.41 -7.70
N GLN E 36 26.36 29.47 -8.42
CA GLN E 36 25.91 28.36 -9.25
C GLN E 36 26.41 28.54 -10.68
N GLN E 37 26.82 27.44 -11.30
CA GLN E 37 27.27 27.44 -12.69
C GLN E 37 26.78 26.19 -13.39
N LYS E 38 26.15 26.38 -14.55
CA LYS E 38 25.77 25.27 -15.42
C LYS E 38 26.73 25.21 -16.60
N SER E 39 26.72 24.06 -17.28
CA SER E 39 27.68 23.82 -18.35
C SER E 39 27.56 24.86 -19.45
N GLY E 40 28.72 25.37 -19.89
CA GLY E 40 28.76 26.32 -20.99
C GLY E 40 28.16 27.67 -20.69
N THR E 41 28.11 28.07 -19.42
CA THR E 41 27.57 29.36 -19.02
C THR E 41 28.42 29.93 -17.89
N SER E 42 28.13 31.19 -17.54
CA SER E 42 28.88 31.89 -16.52
C SER E 42 28.34 31.57 -15.13
N PRO E 43 29.15 31.74 -14.09
CA PRO E 43 28.64 31.57 -12.73
C PRO E 43 27.63 32.66 -12.39
N LYS E 44 26.63 32.28 -11.60
CA LYS E 44 25.63 33.21 -11.09
C LYS E 44 25.76 33.31 -9.59
N ARG E 45 25.66 34.53 -9.06
CA ARG E 45 25.61 34.70 -7.61
C ARG E 45 24.34 34.05 -7.08
N TRP E 46 24.50 33.02 -6.25
CA TRP E 46 23.37 32.26 -5.74
C TRP E 46 23.04 32.62 -4.30
N ILE E 47 24.02 32.50 -3.40
CA ILE E 47 23.88 32.92 -2.01
C ILE E 47 25.09 33.77 -1.66
N TYR E 48 24.86 34.84 -0.90
CA TYR E 48 25.91 35.72 -0.45
C TYR E 48 25.71 36.05 1.02
N ASP E 49 26.79 36.45 1.69
CA ASP E 49 26.78 36.74 3.13
C ASP E 49 26.25 35.53 3.90
N THR E 50 26.67 34.34 3.48
CA THR E 50 26.34 33.06 4.11
C THR E 50 24.88 32.68 3.91
N SER E 51 23.95 33.55 4.31
CA SER E 51 22.54 33.19 4.35
C SER E 51 21.66 33.96 3.37
N LYS E 52 22.14 35.07 2.80
CA LYS E 52 21.29 35.90 1.97
C LYS E 52 21.16 35.31 0.57
N LEU E 53 19.92 35.17 0.11
CA LEU E 53 19.62 34.63 -1.21
C LEU E 53 19.58 35.75 -2.24
N ALA E 54 20.14 35.49 -3.42
CA ALA E 54 20.18 36.48 -4.49
C ALA E 54 18.78 36.70 -5.07
N SER E 55 18.72 37.53 -6.11
CA SER E 55 17.46 37.83 -6.77
C SER E 55 17.10 36.70 -7.75
N GLY E 56 15.87 36.17 -7.60
CA GLY E 56 15.36 35.17 -8.50
C GLY E 56 15.67 33.74 -8.15
N VAL E 57 16.38 33.49 -7.05
CA VAL E 57 16.70 32.14 -6.61
C VAL E 57 15.51 31.61 -5.80
N PRO E 58 15.13 30.34 -5.98
CA PRO E 58 13.98 29.81 -5.23
C PRO E 58 14.25 29.77 -3.73
N ALA E 59 13.15 29.75 -2.97
CA ALA E 59 13.25 29.67 -1.52
C ALA E 59 13.76 28.31 -1.04
N ARG E 60 13.73 27.29 -1.89
CA ARG E 60 14.24 25.98 -1.52
C ARG E 60 15.69 26.06 -1.04
N PHE E 61 16.48 26.94 -1.66
CA PHE E 61 17.88 27.07 -1.27
C PHE E 61 18.01 27.82 0.05
N SER E 62 19.14 27.60 0.71
CA SER E 62 19.45 28.26 1.97
C SER E 62 20.93 28.03 2.27
N GLY E 63 21.46 28.85 3.17
CA GLY E 63 22.85 28.74 3.57
C GLY E 63 23.02 29.09 5.02
N SER E 64 24.01 28.46 5.66
CA SER E 64 24.27 28.66 7.07
C SER E 64 25.74 28.33 7.34
N GLY E 65 26.17 28.58 8.57
CA GLY E 65 27.51 28.25 9.02
C GLY E 65 28.17 29.41 9.71
N SER E 66 29.37 29.15 10.21
CA SER E 66 30.19 30.14 10.89
C SER E 66 31.59 29.57 11.06
N GLY E 67 32.53 30.44 11.41
CA GLY E 67 33.92 30.04 11.62
C GLY E 67 34.55 29.40 10.40
N THR E 68 34.70 28.07 10.44
CA THR E 68 35.27 27.32 9.33
C THR E 68 34.27 26.41 8.63
N SER E 69 33.09 26.22 9.20
CA SER E 69 32.09 25.29 8.66
C SER E 69 30.94 26.10 8.07
N TYR E 70 30.70 25.94 6.78
CA TYR E 70 29.56 26.56 6.11
C TYR E 70 28.91 25.53 5.21
N SER E 71 27.65 25.77 4.86
CA SER E 71 26.89 24.78 4.11
C SER E 71 25.79 25.45 3.30
N LEU E 72 25.47 24.82 2.16
CA LEU E 72 24.34 25.20 1.32
C LEU E 72 23.34 24.05 1.33
N THR E 73 22.05 24.39 1.47
CA THR E 73 21.00 23.39 1.65
C THR E 73 19.90 23.62 0.62
N ILE E 74 19.36 22.52 0.09
CA ILE E 74 18.19 22.53 -0.77
C ILE E 74 17.11 21.69 -0.09
N SER E 75 15.96 22.31 0.21
CA SER E 75 14.91 21.60 0.90
C SER E 75 14.34 20.46 0.06
N SER E 76 14.22 20.68 -1.25
CA SER E 76 13.66 19.67 -2.15
C SER E 76 14.35 19.85 -3.50
N MET E 77 15.37 19.03 -3.76
CA MET E 77 16.13 19.14 -4.99
C MET E 77 15.22 18.92 -6.20
N GLU E 78 15.48 19.66 -7.26
CA GLU E 78 14.81 19.49 -8.54
C GLU E 78 15.84 19.49 -9.66
N ALA E 79 15.43 18.99 -10.83
CA ALA E 79 16.32 18.94 -11.97
C ALA E 79 16.87 20.31 -12.34
N GLU E 80 16.13 21.38 -12.00
CA GLU E 80 16.61 22.74 -12.22
C GLU E 80 17.90 23.02 -11.47
N ASP E 81 18.18 22.27 -10.40
CA ASP E 81 19.31 22.56 -9.52
C ASP E 81 20.56 21.77 -9.89
N ALA E 82 20.49 20.91 -10.90
CA ALA E 82 21.66 20.14 -11.33
C ALA E 82 22.71 21.10 -11.91
N ALA E 83 23.77 21.33 -11.14
CA ALA E 83 24.81 22.29 -11.52
C ALA E 83 25.96 22.17 -10.52
N THR E 84 27.03 22.89 -10.80
CA THR E 84 28.19 22.98 -9.91
C THR E 84 28.06 24.23 -9.05
N TYR E 85 28.49 24.12 -7.80
CA TYR E 85 28.36 25.21 -6.83
C TYR E 85 29.72 25.44 -6.19
N TYR E 86 30.21 26.68 -6.28
CA TYR E 86 31.47 27.08 -5.68
C TYR E 86 31.22 28.00 -4.50
N CYS E 87 32.00 27.84 -3.43
CA CYS E 87 31.98 28.80 -2.34
C CYS E 87 33.16 29.75 -2.48
N HIS E 88 33.05 30.89 -1.81
CA HIS E 88 33.96 32.01 -2.05
C HIS E 88 34.19 32.75 -0.74
N GLN E 89 35.44 33.09 -0.46
CA GLN E 89 35.81 33.82 0.74
C GLN E 89 36.74 34.96 0.37
N TRP E 90 36.70 36.01 1.18
CA TRP E 90 37.62 37.13 1.01
C TRP E 90 37.91 37.73 2.39
N ARG E 91 38.28 36.86 3.34
CA ARG E 91 38.73 37.30 4.64
C ARG E 91 40.17 37.80 4.62
N THR E 92 40.96 37.37 3.65
CA THR E 92 42.34 37.79 3.52
C THR E 92 42.70 37.81 2.05
N ASN E 93 43.64 38.69 1.69
CA ASN E 93 44.11 38.75 0.32
C ASN E 93 45.06 37.62 0.04
N PRO E 94 44.91 36.88 -1.08
CA PRO E 94 43.83 37.05 -2.06
C PRO E 94 42.60 36.20 -1.74
N PRO E 95 41.44 36.57 -2.26
CA PRO E 95 40.26 35.72 -2.12
C PRO E 95 40.44 34.40 -2.84
N THR E 96 39.68 33.39 -2.39
CA THR E 96 39.80 32.05 -2.94
C THR E 96 38.42 31.43 -3.10
N PHE E 97 38.32 30.52 -4.05
CA PHE E 97 37.12 29.73 -4.28
C PHE E 97 37.38 28.27 -3.93
N GLY E 98 36.30 27.56 -3.59
CA GLY E 98 36.40 26.12 -3.44
C GLY E 98 36.46 25.41 -4.78
N ALA E 99 36.89 24.16 -4.75
CA ALA E 99 36.97 23.37 -5.97
C ALA E 99 35.60 23.10 -6.57
N GLY E 100 34.53 23.28 -5.79
CA GLY E 100 33.19 23.13 -6.31
C GLY E 100 32.56 21.81 -5.91
N THR E 101 31.23 21.81 -5.84
CA THR E 101 30.44 20.60 -5.61
C THR E 101 29.54 20.40 -6.82
N LYS E 102 29.85 19.40 -7.64
CA LYS E 102 29.06 19.09 -8.83
C LYS E 102 27.83 18.31 -8.41
N LEU E 103 26.67 18.94 -8.48
CA LEU E 103 25.41 18.33 -8.07
C LEU E 103 24.71 17.77 -9.30
N GLU E 104 24.67 16.45 -9.41
CA GLU E 104 23.94 15.76 -10.45
C GLU E 104 22.63 15.21 -9.88
N ILE E 105 21.73 14.83 -10.78
CA ILE E 105 20.43 14.30 -10.39
C ILE E 105 20.46 12.79 -10.47
N LYS E 106 19.77 12.14 -9.54
CA LYS E 106 19.74 10.68 -9.44
C LYS E 106 18.50 10.14 -10.17
N ARG E 107 18.66 8.98 -10.80
CA ARG E 107 17.57 8.33 -11.51
C ARG E 107 17.77 6.83 -11.48
N ALA E 108 16.79 6.11 -12.00
CA ALA E 108 16.92 4.66 -12.14
C ALA E 108 17.92 4.34 -13.24
N ASP E 109 18.60 3.20 -13.09
CA ASP E 109 19.60 2.80 -14.06
C ASP E 109 18.96 2.53 -15.42
N ALA E 110 19.80 2.50 -16.45
CA ALA E 110 19.33 2.28 -17.81
C ALA E 110 20.46 1.73 -18.65
N ALA E 111 20.12 0.85 -19.59
CA ALA E 111 21.10 0.26 -20.48
C ALA E 111 21.39 1.18 -21.66
N PRO E 112 22.61 1.18 -22.18
CA PRO E 112 22.96 2.09 -23.28
C PRO E 112 22.40 1.59 -24.60
N THR E 113 21.76 2.49 -25.35
CA THR E 113 21.36 2.22 -26.73
C THR E 113 22.59 2.37 -27.61
N VAL E 114 23.03 1.26 -28.19
CA VAL E 114 24.29 1.21 -28.94
C VAL E 114 23.99 1.22 -30.43
N SER E 115 24.84 1.90 -31.20
CA SER E 115 24.74 1.94 -32.65
C SER E 115 26.13 2.16 -33.23
N ILE E 116 26.49 1.37 -34.23
CA ILE E 116 27.80 1.47 -34.87
C ILE E 116 27.62 2.03 -36.28
N PHE E 117 28.63 2.76 -36.75
CA PHE E 117 28.58 3.42 -38.05
C PHE E 117 29.92 3.22 -38.76
N PRO E 118 29.92 2.71 -39.98
CA PRO E 118 31.17 2.48 -40.70
C PRO E 118 31.71 3.77 -41.27
N PRO E 119 32.93 3.77 -41.81
CA PRO E 119 33.46 4.98 -42.44
C PRO E 119 32.66 5.36 -43.68
N SER E 120 32.32 6.64 -43.78
CA SER E 120 31.62 7.14 -44.96
C SER E 120 32.53 7.10 -46.17
N SER E 121 31.95 6.80 -47.33
CA SER E 121 32.71 6.79 -48.58
C SER E 121 33.45 8.10 -48.80
N GLU E 122 32.90 9.22 -48.31
CA GLU E 122 33.59 10.49 -48.38
C GLU E 122 34.95 10.42 -47.71
N GLN E 123 34.98 9.97 -46.44
CA GLN E 123 36.25 9.86 -45.72
C GLN E 123 37.17 8.85 -46.39
N LEU E 124 36.60 7.75 -46.91
CA LEU E 124 37.40 6.77 -47.63
C LEU E 124 38.14 7.42 -48.80
N THR E 125 37.44 8.21 -49.59
CA THR E 125 38.05 8.92 -50.72
C THR E 125 39.02 10.01 -50.28
N SER E 126 39.03 10.38 -49.00
CA SER E 126 39.97 11.36 -48.48
C SER E 126 41.18 10.71 -47.81
N GLY E 127 41.32 9.40 -47.90
CA GLY E 127 42.43 8.70 -47.29
C GLY E 127 42.30 8.50 -45.80
N GLY E 128 41.08 8.27 -45.31
CA GLY E 128 40.85 8.02 -43.90
C GLY E 128 39.71 7.04 -43.72
N ALA E 129 39.61 6.51 -42.49
CA ALA E 129 38.54 5.57 -42.18
C ALA E 129 38.32 5.59 -40.67
N SER E 130 37.26 6.25 -40.23
CA SER E 130 36.88 6.30 -38.83
C SER E 130 35.55 5.59 -38.64
N VAL E 131 35.51 4.64 -37.72
CA VAL E 131 34.29 3.90 -37.39
C VAL E 131 33.79 4.42 -36.04
N VAL E 132 32.51 4.75 -35.97
CA VAL E 132 31.94 5.41 -34.81
C VAL E 132 30.99 4.45 -34.11
N CYS E 133 30.87 4.62 -32.79
CA CYS E 133 29.98 3.82 -31.97
C CYS E 133 29.35 4.72 -30.92
N PHE E 134 28.03 4.91 -31.01
CA PHE E 134 27.30 5.74 -30.07
C PHE E 134 26.71 4.88 -28.96
N LEU E 135 27.00 5.22 -27.72
CA LEU E 135 26.44 4.58 -26.54
C LEU E 135 25.58 5.63 -25.84
N ASN E 136 24.30 5.67 -26.19
CA ASN E 136 23.41 6.76 -25.81
C ASN E 136 22.46 6.34 -24.71
N ASN E 137 22.16 7.28 -23.82
CA ASN E 137 21.12 7.14 -22.81
C ASN E 137 21.38 5.96 -21.87
N PHE E 138 22.29 6.15 -20.91
CA PHE E 138 22.56 5.14 -19.89
C PHE E 138 22.85 5.83 -18.57
N TYR E 139 22.73 5.07 -17.48
CA TYR E 139 22.95 5.58 -16.15
C TYR E 139 23.39 4.42 -15.26
N PRO E 140 24.43 4.60 -14.42
CA PRO E 140 25.20 5.83 -14.23
C PRO E 140 26.25 6.08 -15.32
N LYS E 141 27.14 7.05 -15.08
CA LYS E 141 28.10 7.46 -16.10
C LYS E 141 29.15 6.38 -16.37
N ASP E 142 29.58 5.66 -15.34
CA ASP E 142 30.68 4.73 -15.47
C ASP E 142 30.37 3.65 -16.51
N ILE E 143 31.30 3.47 -17.46
CA ILE E 143 31.11 2.55 -18.57
C ILE E 143 32.47 2.22 -19.15
N ASN E 144 32.55 1.12 -19.89
CA ASN E 144 33.76 0.73 -20.60
C ASN E 144 33.38 0.16 -21.97
N VAL E 145 34.26 0.38 -22.95
CA VAL E 145 34.04 -0.05 -24.32
C VAL E 145 35.30 -0.74 -24.83
N LYS E 146 35.12 -1.67 -25.77
CA LYS E 146 36.22 -2.37 -26.39
C LYS E 146 35.87 -2.63 -27.85
N TRP E 147 36.87 -2.51 -28.72
CA TRP E 147 36.69 -2.73 -30.15
C TRP E 147 37.33 -4.06 -30.54
N LYS E 148 36.68 -4.78 -31.45
CA LYS E 148 37.23 -6.02 -31.97
C LYS E 148 37.08 -6.05 -33.47
N ILE E 149 38.12 -6.56 -34.14
CA ILE E 149 38.16 -6.64 -35.59
C ILE E 149 38.40 -8.10 -35.97
N ASP E 150 37.38 -8.74 -36.54
CA ASP E 150 37.42 -10.15 -36.91
C ASP E 150 37.72 -11.04 -35.71
N GLY E 151 37.43 -10.57 -34.50
CA GLY E 151 37.75 -11.28 -33.29
C GLY E 151 38.95 -10.73 -32.55
N SER E 152 39.78 -9.92 -33.20
CA SER E 152 41.00 -9.40 -32.60
C SER E 152 40.72 -8.08 -31.90
N GLU E 153 41.17 -7.98 -30.65
CA GLU E 153 41.00 -6.76 -29.88
C GLU E 153 41.98 -5.70 -30.38
N ARG E 154 41.57 -4.44 -30.30
CA ARG E 154 42.42 -3.33 -30.73
C ARG E 154 42.27 -2.15 -29.78
N GLN E 155 43.39 -1.71 -29.24
CA GLN E 155 43.44 -0.52 -28.38
C GLN E 155 43.92 0.69 -29.17
N VAL E 158 41.51 4.83 -30.85
CA VAL E 158 40.23 4.91 -30.15
C VAL E 158 40.14 6.19 -29.35
N LEU E 159 39.07 6.96 -29.57
CA LEU E 159 38.80 8.18 -28.83
C LEU E 159 37.39 8.10 -28.24
N ASN E 160 37.26 8.56 -27.01
CA ASN E 160 35.98 8.54 -26.31
C ASN E 160 35.65 9.93 -25.79
N SER E 161 34.35 10.24 -25.79
CA SER E 161 33.87 11.55 -25.35
C SER E 161 32.59 11.37 -24.55
N TRP E 162 32.55 11.93 -23.34
CA TRP E 162 31.40 11.81 -22.45
C TRP E 162 30.58 13.08 -22.51
N THR E 163 29.25 12.92 -22.57
CA THR E 163 28.34 14.04 -22.49
C THR E 163 27.98 14.35 -21.05
N ASP E 164 27.61 15.60 -20.80
CA ASP E 164 27.07 15.94 -19.49
C ASP E 164 25.70 15.29 -19.30
N GLN E 165 25.23 15.30 -18.06
CA GLN E 165 23.93 14.71 -17.76
C GLN E 165 22.84 15.40 -18.55
N ASP E 166 22.21 14.66 -19.47
CA ASP E 166 21.14 15.21 -20.29
C ASP E 166 20.06 15.83 -19.42
N SER E 167 19.55 16.99 -19.87
CA SER E 167 18.60 17.74 -19.06
C SER E 167 17.18 17.21 -19.16
N LYS E 168 16.88 16.39 -20.17
CA LYS E 168 15.52 15.88 -20.36
C LYS E 168 15.29 14.55 -19.65
N ASP E 169 16.19 13.59 -19.84
CA ASP E 169 16.04 12.27 -19.26
C ASP E 169 17.08 11.94 -18.19
N SER E 170 17.95 12.89 -17.85
CA SER E 170 18.95 12.74 -16.80
C SER E 170 19.95 11.61 -17.09
N THR E 171 20.04 11.19 -18.34
CA THR E 171 20.93 10.09 -18.71
C THR E 171 22.29 10.62 -19.13
N TYR E 172 23.18 9.70 -19.52
CA TYR E 172 24.49 10.02 -20.05
C TYR E 172 24.67 9.32 -21.39
N SER E 173 25.69 9.76 -22.12
CA SER E 173 26.01 9.17 -23.42
C SER E 173 27.51 9.27 -23.67
N MET E 174 27.99 8.44 -24.59
CA MET E 174 29.40 8.45 -24.97
C MET E 174 29.53 8.10 -26.44
N SER E 175 30.50 8.73 -27.10
CA SER E 175 30.87 8.40 -28.46
C SER E 175 32.25 7.77 -28.45
N SER E 176 32.42 6.72 -29.25
CA SER E 176 33.69 6.03 -29.37
C SER E 176 34.07 5.97 -30.84
N THR E 177 35.24 6.51 -31.17
CA THR E 177 35.68 6.63 -32.56
C THR E 177 37.01 5.90 -32.70
N LEU E 178 36.98 4.76 -33.41
CA LEU E 178 38.19 4.02 -33.76
C LEU E 178 38.67 4.53 -35.11
N THR E 179 39.80 5.22 -35.12
CA THR E 179 40.31 5.91 -36.31
C THR E 179 41.41 5.08 -36.96
N LEU E 180 41.27 4.83 -38.25
CA LEU E 180 42.27 4.13 -39.05
C LEU E 180 42.58 4.96 -40.28
N THR E 181 43.53 4.50 -41.07
CA THR E 181 43.75 5.10 -42.38
C THR E 181 42.89 4.31 -43.38
N LYS E 182 43.24 4.36 -44.66
CA LYS E 182 42.45 3.63 -45.67
C LYS E 182 42.92 2.19 -45.80
N ASP E 183 44.19 1.99 -46.16
CA ASP E 183 44.73 0.65 -46.35
C ASP E 183 44.54 -0.24 -45.12
N GLU E 184 44.62 0.34 -43.92
CA GLU E 184 44.37 -0.46 -42.72
C GLU E 184 42.93 -0.97 -42.68
N TYR E 185 41.96 -0.11 -42.99
CA TYR E 185 40.57 -0.53 -42.97
C TYR E 185 40.28 -1.57 -44.05
N GLU E 186 41.05 -1.56 -45.14
CA GLU E 186 40.75 -2.41 -46.28
C GLU E 186 41.30 -3.82 -46.15
N ARG E 187 42.00 -4.14 -45.07
CA ARG E 187 42.45 -5.52 -44.87
C ARG E 187 41.42 -6.38 -44.15
N HIS E 188 40.98 -5.96 -42.96
CA HIS E 188 40.11 -6.81 -42.18
C HIS E 188 38.66 -6.50 -42.51
N ASN E 189 37.77 -7.44 -42.15
CA ASN E 189 36.37 -7.40 -42.58
C ASN E 189 35.41 -7.06 -41.45
N SER E 190 35.35 -7.88 -40.41
CA SER E 190 34.36 -7.71 -39.37
C SER E 190 34.82 -6.66 -38.37
N TYR E 191 33.97 -5.69 -38.08
CA TYR E 191 34.24 -4.66 -37.06
C TYR E 191 33.12 -4.70 -36.03
N THR E 192 33.50 -4.78 -34.76
CA THR E 192 32.54 -5.06 -33.69
C THR E 192 32.70 -4.04 -32.57
N CYS E 193 31.56 -3.54 -32.08
CA CYS E 193 31.52 -2.65 -30.93
C CYS E 193 30.90 -3.40 -29.76
N GLU E 194 31.62 -3.45 -28.63
CA GLU E 194 31.18 -4.13 -27.42
C GLU E 194 31.18 -3.13 -26.27
N ALA E 195 30.04 -2.99 -25.61
CA ALA E 195 29.87 -2.07 -24.49
C ALA E 195 29.61 -2.85 -23.21
N THR E 196 30.21 -2.39 -22.11
CA THR E 196 30.04 -2.99 -20.80
C THR E 196 29.50 -1.93 -19.86
N HIS E 197 28.33 -2.19 -19.28
CA HIS E 197 27.67 -1.26 -18.37
C HIS E 197 27.27 -2.00 -17.11
N LYS E 198 27.04 -1.22 -16.05
CA LYS E 198 26.68 -1.77 -14.75
C LYS E 198 25.40 -2.61 -14.80
N THR E 199 24.49 -2.31 -15.72
CA THR E 199 23.17 -2.92 -15.71
C THR E 199 23.24 -4.43 -15.87
N SER E 200 23.99 -4.91 -16.87
CA SER E 200 24.03 -6.34 -17.18
C SER E 200 25.46 -6.83 -17.25
N THR E 201 25.65 -8.11 -16.93
CA THR E 201 26.97 -8.73 -17.02
C THR E 201 27.32 -9.03 -18.48
N SER E 202 26.33 -9.42 -19.27
CA SER E 202 26.58 -9.68 -20.68
C SER E 202 26.68 -8.36 -21.43
N PRO E 203 27.69 -8.20 -22.28
CA PRO E 203 27.87 -6.93 -23.00
C PRO E 203 26.88 -6.77 -24.14
N ILE E 204 26.60 -5.52 -24.47
CA ILE E 204 25.79 -5.17 -25.63
C ILE E 204 26.72 -5.03 -26.83
N VAL E 205 26.40 -5.73 -27.91
CA VAL E 205 27.30 -5.91 -29.04
C VAL E 205 26.61 -5.48 -30.33
N LYS E 206 27.29 -4.62 -31.09
CA LYS E 206 26.88 -4.24 -32.44
C LYS E 206 28.07 -4.39 -33.37
N SER E 207 27.80 -4.72 -34.63
CA SER E 207 28.86 -5.04 -35.57
C SER E 207 28.38 -4.78 -36.99
N PHE E 208 29.30 -4.93 -37.94
CA PHE E 208 28.99 -4.83 -39.36
C PHE E 208 30.10 -5.49 -40.15
N ASN E 209 29.81 -5.78 -41.42
CA ASN E 209 30.78 -6.31 -42.37
C ASN E 209 31.00 -5.32 -43.50
N ARG E 210 32.22 -5.32 -44.03
CA ARG E 210 32.59 -4.42 -45.13
C ARG E 210 31.61 -4.51 -46.29
N ASN E 211 31.47 -5.71 -46.85
CA ASN E 211 30.56 -5.95 -47.98
C ASN E 211 29.11 -5.63 -47.62
N LEU F 2 -31.71 -0.02 23.79
CA LEU F 2 -32.22 -1.33 23.40
C LEU F 2 -31.28 -2.41 23.91
N VAL F 3 -31.80 -3.32 24.72
CA VAL F 3 -30.97 -4.31 25.40
C VAL F 3 -30.89 -5.58 24.56
N LEU F 4 -29.70 -6.19 24.54
CA LEU F 4 -29.49 -7.49 23.93
C LEU F 4 -29.05 -8.47 25.01
N THR F 5 -29.73 -9.62 25.07
CA THR F 5 -29.42 -10.68 26.01
C THR F 5 -29.12 -11.96 25.25
N GLN F 6 -27.92 -12.49 25.42
CA GLN F 6 -27.51 -13.73 24.78
C GLN F 6 -27.68 -14.89 25.74
N SER F 7 -28.09 -16.03 25.21
CA SER F 7 -28.31 -17.23 26.00
C SER F 7 -27.84 -18.44 25.20
N PRO F 8 -27.13 -19.38 25.84
CA PRO F 8 -26.74 -19.29 27.25
C PRO F 8 -25.54 -18.37 27.49
N ALA F 9 -25.34 -17.94 28.74
CA ALA F 9 -24.17 -17.15 29.07
C ALA F 9 -22.88 -17.94 28.88
N ILE F 10 -22.89 -19.21 29.27
CA ILE F 10 -21.75 -20.10 29.13
C ILE F 10 -22.28 -21.48 28.75
N MET F 11 -21.53 -22.18 27.89
CA MET F 11 -21.96 -23.50 27.43
C MET F 11 -20.74 -24.28 26.97
N SER F 12 -20.91 -25.59 26.89
CA SER F 12 -19.87 -26.50 26.43
C SER F 12 -20.42 -27.37 25.31
N ALA F 13 -19.50 -27.92 24.51
CA ALA F 13 -19.87 -28.78 23.40
C ALA F 13 -18.67 -29.63 23.01
N SER F 14 -18.95 -30.84 22.52
CA SER F 14 -17.93 -31.79 22.13
C SER F 14 -17.59 -31.63 20.65
N PRO F 15 -16.42 -32.09 20.22
CA PRO F 15 -16.07 -32.01 18.80
C PRO F 15 -17.12 -32.69 17.93
N GLY F 16 -17.51 -32.01 16.84
CA GLY F 16 -18.52 -32.51 15.94
C GLY F 16 -19.95 -32.23 16.35
N GLU F 17 -20.18 -31.81 17.59
CA GLU F 17 -21.53 -31.56 18.07
C GLU F 17 -22.08 -30.26 17.49
N LYS F 18 -23.38 -30.24 17.21
CA LYS F 18 -24.03 -29.05 16.71
C LYS F 18 -24.26 -28.06 17.84
N VAL F 19 -24.07 -26.77 17.55
CA VAL F 19 -24.16 -25.71 18.54
C VAL F 19 -25.06 -24.61 18.02
N THR F 20 -25.88 -24.04 18.90
CA THR F 20 -26.74 -22.90 18.60
C THR F 20 -26.77 -21.99 19.83
N MET F 21 -26.71 -20.68 19.59
CA MET F 21 -26.76 -19.70 20.66
C MET F 21 -27.67 -18.55 20.25
N THR F 22 -28.49 -18.10 21.19
CA THR F 22 -29.56 -17.15 20.91
C THR F 22 -29.16 -15.74 21.34
N CYS F 23 -29.71 -14.75 20.64
CA CYS F 23 -29.56 -13.33 20.97
C CYS F 23 -30.96 -12.73 20.98
N SER F 24 -31.43 -12.33 22.15
CA SER F 24 -32.76 -11.78 22.31
C SER F 24 -32.69 -10.27 22.48
N ALA F 25 -33.63 -9.57 21.86
CA ALA F 25 -33.69 -8.12 21.89
C ALA F 25 -34.90 -7.67 22.71
N SER F 26 -34.68 -6.67 23.57
CA SER F 26 -35.77 -6.15 24.40
C SER F 26 -36.91 -5.62 23.54
N SER F 27 -36.62 -5.17 22.33
CA SER F 27 -37.64 -4.74 21.38
C SER F 27 -37.22 -5.16 19.99
N SER F 28 -38.20 -5.16 19.07
CA SER F 28 -37.97 -5.68 17.73
C SER F 28 -36.91 -4.89 16.99
N VAL F 29 -35.97 -5.61 16.38
CA VAL F 29 -34.96 -5.01 15.50
C VAL F 29 -35.13 -5.60 14.11
N SER F 30 -34.17 -5.34 13.21
CA SER F 30 -34.26 -5.82 11.85
C SER F 30 -33.09 -6.71 11.42
N TYR F 31 -31.97 -6.67 12.15
CA TYR F 31 -30.81 -7.51 11.86
C TYR F 31 -29.81 -7.33 13.00
N VAL F 32 -28.85 -8.24 13.07
CA VAL F 32 -27.81 -8.22 14.10
C VAL F 32 -26.49 -8.68 13.49
N HIS F 33 -25.41 -8.37 14.20
CA HIS F 33 -24.07 -8.80 13.82
C HIS F 33 -23.47 -9.62 14.95
N TRP F 34 -22.65 -10.61 14.58
CA TRP F 34 -22.01 -11.50 15.54
C TRP F 34 -20.51 -11.35 15.45
N TYR F 35 -19.87 -11.17 16.61
CA TYR F 35 -18.42 -10.97 16.69
C TYR F 35 -17.79 -12.06 17.55
N GLN F 36 -16.75 -12.70 17.01
CA GLN F 36 -15.99 -13.68 17.76
C GLN F 36 -14.79 -13.03 18.42
N GLN F 37 -14.50 -13.45 19.65
CA GLN F 37 -13.33 -12.95 20.37
C GLN F 37 -12.70 -14.09 21.15
N LYS F 38 -11.40 -14.27 20.98
CA LYS F 38 -10.61 -15.20 21.78
C LYS F 38 -9.79 -14.43 22.81
N SER F 39 -9.30 -15.15 23.81
CA SER F 39 -8.61 -14.53 24.92
C SER F 39 -7.40 -13.74 24.45
N GLY F 40 -7.26 -12.52 24.98
CA GLY F 40 -6.11 -11.69 24.69
C GLY F 40 -6.04 -11.18 23.27
N THR F 41 -7.17 -11.08 22.58
CA THR F 41 -7.21 -10.58 21.21
C THR F 41 -8.46 -9.73 21.02
N SER F 42 -8.52 -9.08 19.86
CA SER F 42 -9.60 -8.18 19.53
C SER F 42 -10.79 -8.95 18.96
N PRO F 43 -11.99 -8.39 19.03
CA PRO F 43 -13.14 -9.02 18.38
C PRO F 43 -12.98 -9.03 16.87
N LYS F 44 -13.47 -10.11 16.25
CA LYS F 44 -13.48 -10.26 14.80
C LYS F 44 -14.91 -10.27 14.32
N ARG F 45 -15.18 -9.56 13.23
CA ARG F 45 -16.49 -9.67 12.60
C ARG F 45 -16.67 -11.08 12.07
N TRP F 46 -17.64 -11.81 12.62
CA TRP F 46 -17.85 -13.20 12.27
C TRP F 46 -19.05 -13.37 11.34
N ILE F 47 -20.21 -12.89 11.76
CA ILE F 47 -21.40 -12.86 10.93
C ILE F 47 -21.99 -11.46 11.02
N TYR F 48 -22.47 -10.95 9.89
CA TYR F 48 -23.11 -9.64 9.85
C TYR F 48 -24.36 -9.73 9.00
N ASP F 49 -25.27 -8.78 9.21
CA ASP F 49 -26.56 -8.76 8.53
C ASP F 49 -27.30 -10.09 8.73
N THR F 50 -27.21 -10.61 9.95
CA THR F 50 -27.89 -11.83 10.39
C THR F 50 -27.30 -13.09 9.76
N SER F 51 -27.26 -13.15 8.42
CA SER F 51 -26.91 -14.39 7.73
C SER F 51 -25.61 -14.33 6.94
N LYS F 52 -25.06 -13.15 6.70
CA LYS F 52 -23.90 -13.02 5.83
C LYS F 52 -22.63 -13.41 6.58
N LEU F 53 -21.83 -14.28 5.95
CA LEU F 53 -20.59 -14.74 6.55
C LEU F 53 -19.44 -13.80 6.16
N ALA F 54 -18.58 -13.51 7.13
CA ALA F 54 -17.44 -12.64 6.91
C ALA F 54 -16.40 -13.34 6.03
N SER F 55 -15.29 -12.65 5.80
CA SER F 55 -14.20 -13.21 5.00
C SER F 55 -13.37 -14.17 5.85
N GLY F 56 -13.22 -15.40 5.37
CA GLY F 56 -12.38 -16.38 6.02
C GLY F 56 -13.05 -17.22 7.08
N VAL F 57 -14.34 -17.01 7.34
CA VAL F 57 -15.06 -17.80 8.33
C VAL F 57 -15.52 -19.10 7.68
N PRO F 58 -15.39 -20.24 8.36
CA PRO F 58 -15.81 -21.51 7.75
C PRO F 58 -17.30 -21.56 7.49
N ALA F 59 -17.69 -22.45 6.57
CA ALA F 59 -19.09 -22.66 6.24
C ALA F 59 -19.85 -23.30 7.40
N ARG F 60 -19.14 -23.88 8.37
CA ARG F 60 -19.78 -24.47 9.54
C ARG F 60 -20.71 -23.47 10.23
N PHE F 61 -20.31 -22.20 10.29
CA PHE F 61 -21.11 -21.17 10.94
C PHE F 61 -22.29 -20.76 10.06
N SER F 62 -23.30 -20.20 10.72
CA SER F 62 -24.49 -19.69 10.05
C SER F 62 -25.27 -18.85 11.06
N GLY F 63 -26.17 -18.02 10.54
CA GLY F 63 -26.98 -17.17 11.39
C GLY F 63 -28.35 -16.97 10.80
N SER F 64 -29.34 -16.80 11.67
CA SER F 64 -30.72 -16.62 11.25
C SER F 64 -31.47 -15.88 12.35
N GLY F 65 -32.73 -15.56 12.08
CA GLY F 65 -33.60 -14.92 13.03
C GLY F 65 -34.31 -13.72 12.44
N SER F 66 -35.19 -13.14 13.26
CA SER F 66 -35.94 -11.95 12.88
C SER F 66 -36.61 -11.41 14.13
N GLY F 67 -37.12 -10.18 14.03
CA GLY F 67 -37.80 -9.53 15.13
C GLY F 67 -36.94 -9.37 16.37
N THR F 68 -37.19 -10.20 17.37
CA THR F 68 -36.43 -10.17 18.61
C THR F 68 -35.59 -11.42 18.83
N SER F 69 -35.78 -12.47 18.04
CA SER F 69 -35.10 -13.74 18.21
C SER F 69 -34.10 -13.92 17.07
N TYR F 70 -32.82 -14.03 17.42
CA TYR F 70 -31.75 -14.30 16.47
C TYR F 70 -30.84 -15.37 17.05
N SER F 71 -30.09 -16.04 16.16
CA SER F 71 -29.28 -17.17 16.60
C SER F 71 -28.09 -17.37 15.68
N LEU F 72 -27.01 -17.89 16.27
CA LEU F 72 -25.83 -18.31 15.54
C LEU F 72 -25.69 -19.83 15.68
N THR F 73 -25.36 -20.51 14.58
CA THR F 73 -25.36 -21.96 14.55
C THR F 73 -24.01 -22.45 14.03
N ILE F 74 -23.52 -23.54 14.61
CA ILE F 74 -22.34 -24.25 14.13
C ILE F 74 -22.76 -25.66 13.78
N SER F 75 -22.56 -26.05 12.52
CA SER F 75 -23.01 -27.36 12.05
C SER F 75 -22.24 -28.49 12.73
N SER F 76 -20.94 -28.30 12.95
CA SER F 76 -20.09 -29.35 13.52
C SER F 76 -18.99 -28.67 14.33
N MET F 77 -19.15 -28.67 15.66
CA MET F 77 -18.20 -27.99 16.53
C MET F 77 -16.79 -28.55 16.34
N GLU F 78 -15.80 -27.66 16.41
CA GLU F 78 -14.40 -28.02 16.41
C GLU F 78 -13.70 -27.22 17.48
N ALA F 79 -12.51 -27.69 17.88
CA ALA F 79 -11.75 -26.99 18.91
C ALA F 79 -11.40 -25.57 18.52
N GLU F 80 -11.32 -25.29 17.21
CA GLU F 80 -11.04 -23.95 16.73
C GLU F 80 -12.10 -22.93 17.15
N ASP F 81 -13.30 -23.39 17.50
CA ASP F 81 -14.44 -22.50 17.75
C ASP F 81 -14.58 -22.10 19.21
N ALA F 82 -13.74 -22.61 20.11
CA ALA F 82 -13.82 -22.23 21.51
C ALA F 82 -13.49 -20.75 21.68
N ALA F 83 -14.51 -19.94 21.93
CA ALA F 83 -14.35 -18.49 22.04
C ALA F 83 -15.68 -17.90 22.51
N THR F 84 -15.65 -16.61 22.78
CA THR F 84 -16.83 -15.85 23.17
C THR F 84 -17.42 -15.16 21.95
N TYR F 85 -18.75 -15.10 21.90
CA TYR F 85 -19.47 -14.54 20.75
C TYR F 85 -20.47 -13.50 21.26
N TYR F 86 -20.35 -12.28 20.73
CA TYR F 86 -21.25 -11.19 21.07
C TYR F 86 -22.15 -10.87 19.88
N CYS F 87 -23.42 -10.58 20.15
CA CYS F 87 -24.30 -10.04 19.12
C CYS F 87 -24.40 -8.53 19.26
N HIS F 88 -24.83 -7.89 18.17
CA HIS F 88 -24.76 -6.45 18.06
C HIS F 88 -25.94 -5.93 17.26
N GLN F 89 -26.55 -4.85 17.74
CA GLN F 89 -27.68 -4.23 17.07
C GLN F 89 -27.45 -2.72 17.01
N TRP F 90 -28.04 -2.10 16.00
CA TRP F 90 -28.00 -0.64 15.88
C TRP F 90 -29.29 -0.17 15.21
N ARG F 91 -30.43 -0.64 15.74
CA ARG F 91 -31.72 -0.15 15.30
C ARG F 91 -32.07 1.19 15.91
N THR F 92 -31.45 1.55 17.03
CA THR F 92 -31.70 2.81 17.72
C THR F 92 -30.41 3.26 18.40
N ASN F 93 -30.23 4.57 18.49
CA ASN F 93 -29.06 5.13 19.16
C ASN F 93 -29.24 5.03 20.67
N PRO F 94 -28.24 4.54 21.42
CA PRO F 94 -26.97 4.04 20.91
C PRO F 94 -27.01 2.54 20.59
N PRO F 95 -26.11 2.07 19.74
CA PRO F 95 -26.00 0.62 19.51
C PRO F 95 -25.57 -0.10 20.77
N THR F 96 -25.90 -1.39 20.84
CA THR F 96 -25.63 -2.19 22.03
C THR F 96 -25.14 -3.56 21.63
N PHE F 97 -24.34 -4.17 22.50
CA PHE F 97 -23.87 -5.54 22.35
C PHE F 97 -24.50 -6.40 23.44
N GLY F 98 -24.58 -7.70 23.14
CA GLY F 98 -24.97 -8.64 24.17
C GLY F 98 -23.84 -8.92 25.14
N ALA F 99 -24.21 -9.49 26.30
CA ALA F 99 -23.21 -9.82 27.31
C ALA F 99 -22.25 -10.89 26.83
N GLY F 100 -22.58 -11.61 25.77
CA GLY F 100 -21.69 -12.59 25.20
C GLY F 100 -22.07 -14.01 25.58
N THR F 101 -21.70 -14.95 24.72
CA THR F 101 -21.86 -16.38 24.98
C THR F 101 -20.47 -17.02 24.97
N LYS F 102 -19.98 -17.41 26.13
CA LYS F 102 -18.68 -18.04 26.23
C LYS F 102 -18.82 -19.50 25.83
N LEU F 103 -18.31 -19.85 24.65
CA LEU F 103 -18.41 -21.20 24.11
C LEU F 103 -17.12 -21.95 24.42
N GLU F 104 -17.21 -22.90 25.33
CA GLU F 104 -16.10 -23.78 25.67
C GLU F 104 -16.30 -25.15 25.03
N ILE F 105 -15.23 -25.93 25.00
CA ILE F 105 -15.25 -27.27 24.42
C ILE F 105 -15.41 -28.29 25.54
N LYS F 106 -16.13 -29.37 25.24
CA LYS F 106 -16.44 -30.41 26.21
C LYS F 106 -15.42 -31.54 26.12
N ARG F 107 -15.10 -32.12 27.27
CA ARG F 107 -14.15 -33.22 27.35
C ARG F 107 -14.52 -34.12 28.52
N ALA F 108 -13.81 -35.24 28.63
CA ALA F 108 -13.97 -36.13 29.76
C ALA F 108 -13.36 -35.50 31.01
N ASP F 109 -13.95 -35.83 32.16
CA ASP F 109 -13.46 -35.26 33.41
C ASP F 109 -12.04 -35.75 33.70
N ALA F 110 -11.37 -35.05 34.61
CA ALA F 110 -9.99 -35.39 34.96
C ALA F 110 -9.69 -34.85 36.35
N ALA F 111 -8.87 -35.60 37.10
CA ALA F 111 -8.50 -35.18 38.43
C ALA F 111 -7.31 -34.21 38.37
N PRO F 112 -7.24 -33.26 39.30
CA PRO F 112 -6.16 -32.27 39.25
C PRO F 112 -4.85 -32.85 39.76
N THR F 113 -3.78 -32.63 39.00
CA THR F 113 -2.43 -32.94 39.47
C THR F 113 -2.00 -31.83 40.42
N VAL F 114 -1.82 -32.17 41.70
CA VAL F 114 -1.56 -31.20 42.75
C VAL F 114 -0.09 -31.23 43.11
N SER F 115 0.47 -30.07 43.44
CA SER F 115 1.86 -29.95 43.87
C SER F 115 1.98 -28.74 44.77
N ILE F 116 2.65 -28.91 45.91
CA ILE F 116 2.84 -27.85 46.89
C ILE F 116 4.30 -27.40 46.85
N PHE F 117 4.52 -26.10 47.12
CA PHE F 117 5.84 -25.52 47.07
C PHE F 117 6.02 -24.61 48.28
N PRO F 118 7.07 -24.80 49.06
CA PRO F 118 7.29 -23.95 50.24
C PRO F 118 7.88 -22.62 49.85
N PRO F 119 7.95 -21.67 50.78
CA PRO F 119 8.62 -20.40 50.48
C PRO F 119 10.10 -20.60 50.23
N SER F 120 10.62 -19.99 49.16
CA SER F 120 12.04 -20.05 48.87
C SER F 120 12.81 -19.26 49.92
N SER F 121 14.00 -19.77 50.27
CA SER F 121 14.87 -19.08 51.21
C SER F 121 15.13 -17.64 50.79
N GLU F 122 15.14 -17.37 49.48
CA GLU F 122 15.26 -16.00 48.99
C GLU F 122 14.15 -15.11 49.56
N GLN F 123 12.89 -15.54 49.40
CA GLN F 123 11.78 -14.77 49.95
C GLN F 123 11.85 -14.70 51.47
N LEU F 124 12.29 -15.78 52.11
CA LEU F 124 12.45 -15.78 53.56
C LEU F 124 13.41 -14.66 53.99
N THR F 125 14.55 -14.55 53.32
CA THR F 125 15.51 -13.49 53.64
C THR F 125 15.01 -12.11 53.27
N SER F 126 13.92 -12.00 52.52
CA SER F 126 13.32 -10.72 52.17
C SER F 126 12.16 -10.36 53.10
N GLY F 127 11.92 -11.13 54.16
CA GLY F 127 10.84 -10.85 55.07
C GLY F 127 9.47 -11.29 54.59
N GLY F 128 9.39 -12.38 53.84
CA GLY F 128 8.11 -12.89 53.37
C GLY F 128 8.13 -14.40 53.32
N ALA F 129 6.93 -14.98 53.20
CA ALA F 129 6.81 -16.43 53.10
C ALA F 129 5.48 -16.75 52.41
N SER F 130 5.55 -17.10 51.14
CA SER F 130 4.38 -17.51 50.36
C SER F 130 4.52 -18.97 49.98
N VAL F 131 3.50 -19.77 50.29
CA VAL F 131 3.45 -21.17 49.94
C VAL F 131 2.46 -21.35 48.80
N VAL F 132 2.86 -22.04 47.76
CA VAL F 132 2.10 -22.15 46.52
C VAL F 132 1.57 -23.56 46.36
N CYS F 133 0.41 -23.69 45.71
CA CYS F 133 -0.20 -24.98 45.43
C CYS F 133 -0.80 -24.93 44.04
N PHE F 134 -0.26 -25.72 43.13
CA PHE F 134 -0.72 -25.78 41.75
C PHE F 134 -1.70 -26.94 41.60
N LEU F 135 -2.89 -26.62 41.09
CA LEU F 135 -3.92 -27.61 40.78
C LEU F 135 -4.07 -27.60 39.26
N ASN F 136 -3.31 -28.48 38.61
CA ASN F 136 -3.16 -28.45 37.16
C ASN F 136 -3.95 -29.58 36.51
N ASN F 137 -4.49 -29.27 35.33
CA ASN F 137 -5.13 -30.27 34.47
C ASN F 137 -6.31 -30.95 35.15
N PHE F 138 -7.46 -30.26 35.20
CA PHE F 138 -8.68 -30.84 35.75
C PHE F 138 -9.87 -30.33 34.94
N TYR F 139 -10.98 -31.06 35.04
CA TYR F 139 -12.22 -30.72 34.36
C TYR F 139 -13.35 -31.31 35.17
N PRO F 140 -14.46 -30.57 35.39
CA PRO F 140 -14.82 -29.23 34.93
C PRO F 140 -14.20 -28.05 35.69
N LYS F 141 -14.76 -26.86 35.42
CA LYS F 141 -14.21 -25.61 35.92
C LYS F 141 -14.37 -25.45 37.42
N ASP F 142 -15.54 -25.77 37.96
CA ASP F 142 -15.84 -25.51 39.36
C ASP F 142 -14.94 -26.33 40.29
N ILE F 143 -14.32 -25.66 41.25
CA ILE F 143 -13.36 -26.29 42.16
C ILE F 143 -13.27 -25.44 43.42
N ASN F 144 -12.82 -26.04 44.52
CA ASN F 144 -12.56 -25.37 45.79
C ASN F 144 -11.28 -25.93 46.41
N VAL F 145 -10.59 -25.08 47.17
CA VAL F 145 -9.33 -25.43 47.81
C VAL F 145 -9.37 -24.95 49.26
N LYS F 146 -8.63 -25.64 50.13
CA LYS F 146 -8.54 -25.26 51.53
C LYS F 146 -7.15 -25.55 52.08
N TRP F 147 -6.68 -24.65 52.93
CA TRP F 147 -5.37 -24.73 53.56
C TRP F 147 -5.51 -25.15 55.02
N LYS F 148 -4.57 -25.95 55.50
CA LYS F 148 -4.54 -26.35 56.90
C LYS F 148 -3.13 -26.26 57.46
N ILE F 149 -3.02 -25.84 58.71
CA ILE F 149 -1.75 -25.65 59.40
C ILE F 149 -1.75 -26.56 60.61
N ASP F 150 -0.93 -27.61 60.56
CA ASP F 150 -0.86 -28.62 61.62
C ASP F 150 -2.22 -29.23 61.92
N GLY F 151 -3.14 -29.17 60.96
CA GLY F 151 -4.50 -29.63 61.13
C GLY F 151 -5.52 -28.53 61.27
N SER F 152 -5.08 -27.31 61.59
CA SER F 152 -6.00 -26.19 61.80
C SER F 152 -6.21 -25.42 60.50
N GLU F 153 -7.48 -25.15 60.18
CA GLU F 153 -7.84 -24.45 58.96
C GLU F 153 -7.55 -22.95 59.08
N ARG F 154 -7.20 -22.33 57.95
CA ARG F 154 -6.94 -20.89 57.86
C ARG F 154 -7.47 -20.35 56.54
N GLN F 155 -8.27 -19.29 56.62
CA GLN F 155 -8.75 -18.61 55.41
C GLN F 155 -7.89 -17.39 55.12
N LEU F 159 -5.22 -16.66 48.27
CA LEU F 159 -5.44 -16.14 46.92
C LEU F 159 -5.49 -17.23 45.86
N ASN F 160 -6.45 -17.14 44.95
CA ASN F 160 -6.63 -18.13 43.91
C ASN F 160 -6.69 -17.48 42.53
N SER F 161 -6.20 -18.19 41.53
CA SER F 161 -6.19 -17.69 40.15
C SER F 161 -6.56 -18.84 39.21
N TRP F 162 -7.58 -18.61 38.39
CA TRP F 162 -8.08 -19.62 37.46
C TRP F 162 -7.56 -19.36 36.05
N THR F 163 -7.13 -20.42 35.37
CA THR F 163 -6.74 -20.33 33.97
C THR F 163 -7.94 -20.59 33.08
N ASP F 164 -7.90 -20.02 31.88
CA ASP F 164 -8.87 -20.35 30.86
C ASP F 164 -8.64 -21.78 30.36
N GLN F 165 -9.61 -22.28 29.59
CA GLN F 165 -9.52 -23.63 29.05
C GLN F 165 -8.27 -23.79 28.20
N ASP F 166 -7.35 -24.65 28.65
CA ASP F 166 -6.11 -24.90 27.93
C ASP F 166 -6.41 -25.30 26.49
N SER F 167 -5.58 -24.79 25.57
CA SER F 167 -5.84 -25.00 24.15
C SER F 167 -5.40 -26.36 23.64
N LYS F 168 -4.53 -27.06 24.38
CA LYS F 168 -4.03 -28.35 23.92
C LYS F 168 -4.88 -29.52 24.40
N ASP F 169 -5.18 -29.56 25.70
CA ASP F 169 -5.93 -30.66 26.29
C ASP F 169 -7.32 -30.26 26.77
N SER F 170 -7.73 -29.01 26.53
CA SER F 170 -9.06 -28.51 26.88
C SER F 170 -9.32 -28.56 28.37
N THR F 171 -8.27 -28.66 29.18
CA THR F 171 -8.42 -28.75 30.63
C THR F 171 -8.38 -27.37 31.27
N TYR F 172 -8.46 -27.34 32.60
CA TYR F 172 -8.34 -26.12 33.36
C TYR F 172 -7.29 -26.30 34.44
N SER F 173 -6.85 -25.19 35.01
CA SER F 173 -5.87 -25.21 36.09
C SER F 173 -6.09 -24.00 36.98
N MET F 174 -5.62 -24.10 38.21
CA MET F 174 -5.73 -22.99 39.15
C MET F 174 -4.54 -23.02 40.10
N SER F 175 -4.09 -21.83 40.49
CA SER F 175 -3.03 -21.67 41.47
C SER F 175 -3.61 -21.08 42.76
N SER F 176 -3.13 -21.58 43.90
CA SER F 176 -3.55 -21.10 45.20
C SER F 176 -2.32 -20.70 45.98
N THR F 177 -2.28 -19.44 46.43
CA THR F 177 -1.12 -18.86 47.10
C THR F 177 -1.54 -18.39 48.49
N LEU F 178 -1.05 -19.09 49.51
CA LEU F 178 -1.26 -18.69 50.89
C LEU F 178 -0.12 -17.78 51.32
N THR F 179 -0.43 -16.52 51.59
CA THR F 179 0.58 -15.50 51.85
C THR F 179 0.72 -15.30 53.36
N LEU F 180 1.96 -15.39 53.85
CA LEU F 180 2.28 -15.16 55.25
C LEU F 180 3.41 -14.16 55.35
N THR F 181 3.74 -13.78 56.58
CA THR F 181 4.98 -13.03 56.81
C THR F 181 6.07 -14.06 57.14
N LYS F 182 7.14 -13.62 57.78
CA LYS F 182 8.22 -14.54 58.16
C LYS F 182 7.94 -15.15 59.52
N ASP F 183 7.84 -14.30 60.54
CA ASP F 183 7.63 -14.76 61.92
C ASP F 183 6.39 -15.64 62.03
N GLU F 184 5.33 -15.35 61.26
CA GLU F 184 4.16 -16.22 61.30
C GLU F 184 4.48 -17.60 60.76
N TYR F 185 5.22 -17.67 59.65
CA TYR F 185 5.63 -18.96 59.11
C TYR F 185 6.58 -19.70 60.05
N GLU F 186 7.33 -18.96 60.86
CA GLU F 186 8.30 -19.57 61.76
C GLU F 186 7.64 -20.25 62.97
N ARG F 187 6.35 -20.02 63.19
CA ARG F 187 5.69 -20.57 64.37
C ARG F 187 5.38 -22.05 64.19
N HIS F 188 4.59 -22.37 63.16
CA HIS F 188 4.11 -23.73 62.92
C HIS F 188 5.00 -24.45 61.91
N ASN F 189 4.82 -25.77 61.85
CA ASN F 189 5.69 -26.65 61.07
C ASN F 189 4.99 -27.23 59.84
N SER F 190 3.91 -27.99 60.04
CA SER F 190 3.28 -28.71 58.93
C SER F 190 2.31 -27.82 58.18
N TYR F 191 2.43 -27.79 56.86
CA TYR F 191 1.52 -27.05 55.99
C TYR F 191 0.93 -28.02 54.96
N THR F 192 -0.40 -28.01 54.85
CA THR F 192 -1.13 -29.00 54.08
C THR F 192 -2.07 -28.32 53.09
N CYS F 193 -2.08 -28.82 51.86
CA CYS F 193 -2.95 -28.35 50.80
C CYS F 193 -4.00 -29.40 50.47
N GLU F 194 -5.27 -29.01 50.52
CA GLU F 194 -6.39 -29.93 50.27
C GLU F 194 -7.23 -29.40 49.12
N ALA F 195 -7.41 -30.24 48.09
CA ALA F 195 -8.19 -29.92 46.91
C ALA F 195 -9.38 -30.86 46.82
N THR F 196 -10.53 -30.33 46.44
CA THR F 196 -11.75 -31.11 46.27
C THR F 196 -12.23 -30.97 44.83
N HIS F 197 -12.40 -32.11 44.15
CA HIS F 197 -12.78 -32.15 42.76
C HIS F 197 -14.01 -33.04 42.58
N LYS F 198 -14.73 -32.79 41.49
CA LYS F 198 -15.95 -33.53 41.19
C LYS F 198 -15.70 -35.03 41.03
N THR F 199 -14.51 -35.41 40.56
CA THR F 199 -14.25 -36.80 40.18
C THR F 199 -14.38 -37.74 41.38
N SER F 200 -13.78 -37.39 42.51
CA SER F 200 -13.73 -38.28 43.67
C SER F 200 -14.25 -37.57 44.91
N THR F 201 -14.80 -38.36 45.83
CA THR F 201 -15.28 -37.83 47.09
C THR F 201 -14.15 -37.50 48.05
N SER F 202 -13.10 -38.31 48.05
CA SER F 202 -11.95 -38.05 48.91
C SER F 202 -11.10 -36.94 48.31
N PRO F 203 -10.70 -35.95 49.10
CA PRO F 203 -9.89 -34.85 48.55
C PRO F 203 -8.47 -35.31 48.26
N ILE F 204 -7.85 -34.62 47.29
CA ILE F 204 -6.43 -34.82 46.98
C ILE F 204 -5.61 -33.90 47.88
N VAL F 205 -4.65 -34.48 48.59
CA VAL F 205 -3.93 -33.81 49.66
C VAL F 205 -2.43 -33.91 49.40
N LYS F 206 -1.75 -32.77 49.43
CA LYS F 206 -0.30 -32.71 49.40
C LYS F 206 0.16 -31.79 50.51
N SER F 207 1.32 -32.08 51.08
CA SER F 207 1.78 -31.36 52.27
C SER F 207 3.30 -31.46 52.36
N PHE F 208 3.85 -30.77 53.35
CA PHE F 208 5.27 -30.84 53.66
C PHE F 208 5.49 -30.33 55.08
N ASN F 209 6.66 -30.63 55.63
CA ASN F 209 7.10 -30.08 56.90
C ASN F 209 8.32 -29.20 56.67
N ARG F 210 8.44 -28.15 57.48
CA ARG F 210 9.54 -27.20 57.33
C ARG F 210 10.89 -27.90 57.31
N ASN F 211 11.20 -28.65 58.37
CA ASN F 211 12.45 -29.38 58.47
C ASN F 211 12.60 -30.40 57.34
N LEU G 2 -6.79 -18.46 -22.55
CA LEU G 2 -5.96 -17.73 -23.49
C LEU G 2 -6.83 -16.83 -24.37
N VAL G 3 -6.55 -15.53 -24.33
CA VAL G 3 -7.39 -14.53 -24.99
C VAL G 3 -6.86 -14.25 -26.39
N LEU G 4 -7.77 -14.07 -27.34
CA LEU G 4 -7.45 -13.63 -28.69
C LEU G 4 -8.10 -12.28 -28.93
N THR G 5 -7.30 -11.32 -29.41
CA THR G 5 -7.77 -9.98 -29.73
C THR G 5 -7.47 -9.68 -31.19
N GLN G 6 -8.51 -9.42 -31.97
CA GLN G 6 -8.38 -9.08 -33.37
C GLN G 6 -8.43 -7.57 -33.55
N SER G 7 -7.62 -7.06 -34.48
CA SER G 7 -7.54 -5.64 -34.76
C SER G 7 -7.40 -5.44 -36.26
N PRO G 8 -8.13 -4.48 -36.84
CA PRO G 8 -9.10 -3.62 -36.13
C PRO G 8 -10.44 -4.31 -35.89
N ALA G 9 -11.24 -3.78 -34.97
CA ALA G 9 -12.57 -4.31 -34.73
C ALA G 9 -13.46 -4.11 -35.96
N ILE G 10 -13.37 -2.96 -36.60
CA ILE G 10 -14.14 -2.63 -37.80
C ILE G 10 -13.22 -1.85 -38.74
N MET G 11 -13.37 -2.08 -40.04
CA MET G 11 -12.53 -1.42 -41.02
C MET G 11 -13.25 -1.38 -42.36
N SER G 12 -12.76 -0.50 -43.24
CA SER G 12 -13.29 -0.37 -44.58
C SER G 12 -12.15 -0.48 -45.58
N ALA G 13 -12.50 -0.80 -46.82
CA ALA G 13 -11.52 -0.94 -47.89
C ALA G 13 -12.22 -0.81 -49.22
N SER G 14 -11.49 -0.29 -50.21
CA SER G 14 -12.04 -0.06 -51.53
C SER G 14 -11.79 -1.26 -52.43
N PRO G 15 -12.56 -1.41 -53.51
CA PRO G 15 -12.33 -2.51 -54.44
C PRO G 15 -10.90 -2.49 -54.97
N GLY G 16 -10.27 -3.66 -54.98
CA GLY G 16 -8.89 -3.78 -55.41
C GLY G 16 -7.86 -3.45 -54.34
N GLU G 17 -8.27 -2.86 -53.23
CA GLU G 17 -7.33 -2.48 -52.17
C GLU G 17 -6.87 -3.69 -51.38
N LYS G 18 -5.61 -3.66 -50.96
CA LYS G 18 -5.06 -4.72 -50.13
C LYS G 18 -5.56 -4.58 -48.69
N VAL G 19 -5.84 -5.72 -48.06
CA VAL G 19 -6.40 -5.74 -46.72
C VAL G 19 -5.57 -6.69 -45.85
N THR G 20 -5.35 -6.29 -44.60
CA THR G 20 -4.67 -7.12 -43.61
C THR G 20 -5.36 -6.91 -42.26
N MET G 21 -5.55 -7.99 -41.52
CA MET G 21 -6.17 -7.95 -40.20
C MET G 21 -5.40 -8.85 -39.25
N THR G 22 -5.18 -8.36 -38.04
CA THR G 22 -4.30 -9.01 -37.08
C THR G 22 -5.11 -9.80 -36.05
N CYS G 23 -4.50 -10.86 -35.55
CA CYS G 23 -5.05 -11.65 -34.44
C CYS G 23 -3.92 -11.82 -33.42
N SER G 24 -4.09 -11.21 -32.25
CA SER G 24 -3.08 -11.24 -31.20
C SER G 24 -3.51 -12.20 -30.10
N ALA G 25 -2.54 -12.94 -29.57
CA ALA G 25 -2.78 -13.92 -28.51
C ALA G 25 -2.16 -13.42 -27.22
N SER G 26 -2.91 -13.54 -26.12
CA SER G 26 -2.40 -13.12 -24.82
C SER G 26 -1.13 -13.87 -24.44
N SER G 27 -0.97 -15.08 -24.95
CA SER G 27 0.25 -15.86 -24.75
C SER G 27 0.53 -16.65 -26.03
N SER G 28 1.78 -17.11 -26.14
CA SER G 28 2.24 -17.73 -27.39
C SER G 28 1.45 -19.00 -27.70
N VAL G 29 1.01 -19.10 -28.95
CA VAL G 29 0.39 -20.33 -29.47
C VAL G 29 1.25 -20.83 -30.63
N SER G 30 0.75 -21.82 -31.36
CA SER G 30 1.50 -22.41 -32.46
C SER G 30 0.81 -22.31 -33.81
N TYR G 31 -0.50 -22.06 -33.83
CA TYR G 31 -1.25 -21.90 -35.08
C TYR G 31 -2.64 -21.40 -34.73
N VAL G 32 -3.34 -20.89 -35.76
CA VAL G 32 -4.70 -20.37 -35.60
C VAL G 32 -5.51 -20.71 -36.85
N HIS G 33 -6.82 -20.62 -36.70
CA HIS G 33 -7.76 -20.82 -37.80
C HIS G 33 -8.61 -19.57 -37.99
N TRP G 34 -8.96 -19.29 -39.24
CA TRP G 34 -9.76 -18.13 -39.59
C TRP G 34 -11.08 -18.58 -40.18
N TYR G 35 -12.17 -18.00 -39.68
CA TYR G 35 -13.52 -18.34 -40.11
C TYR G 35 -14.21 -17.10 -40.65
N GLN G 36 -14.78 -17.20 -41.85
CA GLN G 36 -15.56 -16.13 -42.43
C GLN G 36 -17.04 -16.32 -42.11
N GLN G 37 -17.73 -15.22 -41.82
CA GLN G 37 -19.16 -15.25 -41.56
C GLN G 37 -19.82 -14.04 -42.19
N LYS G 38 -20.88 -14.28 -42.96
CA LYS G 38 -21.72 -13.23 -43.50
C LYS G 38 -23.03 -13.18 -42.73
N SER G 39 -23.74 -12.06 -42.87
CA SER G 39 -24.95 -11.83 -42.10
C SER G 39 -25.98 -12.93 -42.32
N GLY G 40 -26.57 -13.41 -41.23
CA GLY G 40 -27.62 -14.41 -41.31
C GLY G 40 -27.19 -15.77 -41.80
N THR G 41 -25.91 -16.12 -41.64
CA THR G 41 -25.40 -17.41 -42.08
C THR G 41 -24.37 -17.91 -41.06
N SER G 42 -23.95 -19.16 -41.25
CA SER G 42 -23.03 -19.81 -40.34
C SER G 42 -21.59 -19.46 -40.70
N PRO G 43 -20.67 -19.59 -39.75
CA PRO G 43 -19.25 -19.39 -40.08
C PRO G 43 -18.75 -20.47 -41.02
N LYS G 44 -17.85 -20.09 -41.92
CA LYS G 44 -17.20 -21.01 -42.83
C LYS G 44 -15.72 -21.08 -42.51
N ARG G 45 -15.17 -22.29 -42.51
CA ARG G 45 -13.72 -22.42 -42.38
C ARG G 45 -13.04 -21.78 -43.58
N TRP G 46 -12.27 -20.72 -43.33
CA TRP G 46 -11.64 -19.97 -44.40
C TRP G 46 -10.15 -20.28 -44.52
N ILE G 47 -9.41 -20.14 -43.42
CA ILE G 47 -8.01 -20.51 -43.35
C ILE G 47 -7.81 -21.35 -42.09
N TYR G 48 -7.01 -22.40 -42.21
CA TYR G 48 -6.72 -23.26 -41.07
C TYR G 48 -5.22 -23.56 -41.04
N ASP G 49 -4.73 -23.93 -39.86
CA ASP G 49 -3.31 -24.18 -39.64
C ASP G 49 -2.48 -22.97 -40.08
N THR G 50 -3.00 -21.77 -39.79
CA THR G 50 -2.35 -20.49 -40.06
C THR G 50 -2.35 -20.16 -41.53
N SER G 51 -1.81 -21.03 -42.38
CA SER G 51 -1.57 -20.71 -43.78
C SER G 51 -2.39 -21.50 -44.78
N LYS G 52 -3.01 -22.61 -44.37
CA LYS G 52 -3.69 -23.48 -45.32
C LYS G 52 -5.05 -22.91 -45.70
N LEU G 53 -5.31 -22.84 -47.00
CA LEU G 53 -6.57 -22.32 -47.52
C LEU G 53 -7.59 -23.44 -47.65
N ALA G 54 -8.83 -23.14 -47.27
CA ALA G 54 -9.91 -24.12 -47.34
C ALA G 54 -10.29 -24.40 -48.78
N SER G 55 -11.31 -25.25 -48.96
CA SER G 55 -11.79 -25.59 -50.29
C SER G 55 -12.71 -24.50 -50.81
N GLY G 56 -12.42 -23.99 -52.01
CA GLY G 56 -13.26 -23.02 -52.67
C GLY G 56 -12.98 -21.57 -52.34
N VAL G 57 -11.98 -21.29 -51.51
CA VAL G 57 -11.62 -19.91 -51.17
C VAL G 57 -10.71 -19.36 -52.26
N PRO G 58 -10.88 -18.11 -52.69
CA PRO G 58 -10.02 -17.57 -53.74
C PRO G 58 -8.58 -17.47 -53.28
N ALA G 59 -7.67 -17.43 -54.26
CA ALA G 59 -6.25 -17.31 -53.98
C ALA G 59 -5.88 -15.95 -53.41
N ARG G 60 -6.76 -14.94 -53.55
CA ARG G 60 -6.48 -13.63 -52.99
C ARG G 60 -6.16 -13.71 -51.50
N PHE G 61 -6.85 -14.59 -50.79
CA PHE G 61 -6.68 -14.70 -49.34
C PHE G 61 -5.37 -15.43 -49.02
N SER G 62 -4.88 -15.19 -47.81
CA SER G 62 -3.67 -15.82 -47.29
C SER G 62 -3.61 -15.56 -45.80
N GLY G 63 -2.78 -16.34 -45.11
CA GLY G 63 -2.61 -16.20 -43.69
C GLY G 63 -1.19 -16.52 -43.30
N SER G 64 -0.72 -15.84 -42.24
CA SER G 64 0.65 -16.02 -41.77
C SER G 64 0.71 -15.61 -40.31
N GLY G 65 1.88 -15.80 -39.71
CA GLY G 65 2.14 -15.42 -38.34
C GLY G 65 2.76 -16.54 -37.54
N SER G 66 3.09 -16.21 -36.29
CA SER G 66 3.70 -17.16 -35.37
C SER G 66 3.66 -16.54 -33.97
N GLY G 67 3.91 -17.37 -32.97
CA GLY G 67 3.93 -16.93 -31.59
C GLY G 67 2.63 -16.31 -31.14
N THR G 68 2.61 -14.98 -31.03
CA THR G 68 1.41 -14.26 -30.62
C THR G 68 0.82 -13.39 -31.72
N SER G 69 1.54 -13.19 -32.83
CA SER G 69 1.10 -12.32 -33.90
C SER G 69 0.73 -13.16 -35.11
N TYR G 70 -0.53 -13.06 -35.54
CA TYR G 70 -1.03 -13.72 -36.73
C TYR G 70 -1.86 -12.74 -37.53
N SER G 71 -2.03 -13.02 -38.82
CA SER G 71 -2.69 -12.07 -39.71
C SER G 71 -3.33 -12.79 -40.89
N LEU G 72 -4.42 -12.21 -41.37
CA LEU G 72 -5.09 -12.64 -42.59
C LEU G 72 -4.96 -11.51 -43.62
N THR G 73 -4.63 -11.87 -44.86
CA THR G 73 -4.34 -10.90 -45.89
C THR G 73 -5.18 -11.19 -47.13
N ILE G 74 -5.64 -10.12 -47.78
CA ILE G 74 -6.31 -10.19 -49.07
C ILE G 74 -5.49 -9.35 -50.04
N SER G 75 -5.01 -9.98 -51.11
CA SER G 75 -4.14 -9.27 -52.05
C SER G 75 -4.89 -8.15 -52.75
N SER G 76 -6.15 -8.39 -53.11
CA SER G 76 -6.97 -7.38 -53.78
C SER G 76 -8.41 -7.65 -53.36
N MET G 77 -8.87 -6.93 -52.34
CA MET G 77 -10.21 -7.16 -51.82
C MET G 77 -11.26 -6.90 -52.89
N GLU G 78 -12.34 -7.69 -52.85
CA GLU G 78 -13.48 -7.50 -53.71
C GLU G 78 -14.74 -7.54 -52.86
N ALA G 79 -15.85 -7.06 -53.44
CA ALA G 79 -17.12 -7.01 -52.71
C ALA G 79 -17.53 -8.39 -52.22
N GLU G 80 -17.07 -9.45 -52.88
CA GLU G 80 -17.36 -10.82 -52.43
C GLU G 80 -16.80 -11.09 -51.04
N ASP G 81 -15.79 -10.33 -50.61
CA ASP G 81 -15.09 -10.60 -49.36
C ASP G 81 -15.64 -9.81 -48.18
N ALA G 82 -16.63 -8.96 -48.39
CA ALA G 82 -17.22 -8.19 -47.30
C ALA G 82 -17.91 -9.09 -46.29
N ALA G 83 -17.29 -9.27 -45.12
CA ALA G 83 -17.78 -10.18 -44.09
C ALA G 83 -16.94 -9.99 -42.84
N THR G 84 -17.36 -10.67 -41.78
CA THR G 84 -16.64 -10.68 -40.51
C THR G 84 -15.75 -11.92 -40.45
N TYR G 85 -14.57 -11.76 -39.86
CA TYR G 85 -13.57 -12.82 -39.80
C TYR G 85 -13.12 -13.02 -38.36
N TYR G 86 -13.25 -14.24 -37.86
CA TYR G 86 -12.82 -14.59 -36.51
C TYR G 86 -11.59 -15.50 -36.58
N CYS G 87 -10.65 -15.29 -35.66
CA CYS G 87 -9.54 -16.21 -35.49
C CYS G 87 -9.81 -17.14 -34.32
N HIS G 88 -9.08 -18.25 -34.30
CA HIS G 88 -9.38 -19.36 -33.40
C HIS G 88 -8.08 -20.03 -32.98
N GLN G 89 -7.95 -20.32 -31.68
CA GLN G 89 -6.78 -20.99 -31.14
C GLN G 89 -7.22 -22.11 -30.21
N TRP G 90 -6.38 -23.13 -30.10
CA TRP G 90 -6.65 -24.23 -29.17
C TRP G 90 -5.33 -24.80 -28.64
N ARG G 91 -4.46 -23.94 -28.12
CA ARG G 91 -3.27 -24.45 -27.45
C ARG G 91 -3.57 -24.96 -26.05
N THR G 92 -4.64 -24.48 -25.42
CA THR G 92 -5.00 -24.89 -24.08
C THR G 92 -6.52 -24.91 -23.95
N ASN G 93 -7.01 -25.79 -23.10
CA ASN G 93 -8.45 -25.87 -22.85
C ASN G 93 -8.88 -24.71 -21.95
N PRO G 94 -9.95 -23.99 -22.28
CA PRO G 94 -10.74 -24.19 -23.50
C PRO G 94 -10.25 -23.35 -24.68
N PRO G 95 -10.56 -23.76 -25.90
CA PRO G 95 -10.26 -22.92 -27.07
C PRO G 95 -11.06 -21.63 -27.02
N THR G 96 -10.55 -20.62 -27.73
CA THR G 96 -11.16 -19.29 -27.72
C THR G 96 -11.15 -18.71 -29.12
N PHE G 97 -12.12 -17.84 -29.38
CA PHE G 97 -12.22 -17.09 -30.62
C PHE G 97 -11.97 -15.62 -30.35
N GLY G 98 -11.51 -14.91 -31.38
CA GLY G 98 -11.43 -13.47 -31.30
C GLY G 98 -12.80 -12.82 -31.44
N ALA G 99 -12.88 -11.56 -31.04
CA ALA G 99 -14.13 -10.82 -31.16
C ALA G 99 -14.53 -10.59 -32.61
N GLY G 100 -13.60 -10.75 -33.54
CA GLY G 100 -13.92 -10.64 -34.95
C GLY G 100 -13.47 -9.32 -35.55
N THR G 101 -13.20 -9.34 -36.84
CA THR G 101 -12.90 -8.14 -37.61
C THR G 101 -13.96 -7.99 -38.69
N LYS G 102 -14.83 -7.00 -38.52
CA LYS G 102 -15.89 -6.76 -39.49
C LYS G 102 -15.32 -5.97 -40.67
N LEU G 103 -15.21 -6.63 -41.81
CA LEU G 103 -14.64 -6.03 -43.01
C LEU G 103 -15.78 -5.51 -43.88
N GLU G 104 -15.92 -4.21 -43.97
CA GLU G 104 -16.88 -3.56 -44.85
C GLU G 104 -16.15 -3.01 -46.07
N ILE G 105 -16.91 -2.69 -47.10
CA ILE G 105 -16.34 -2.17 -48.34
C ILE G 105 -16.45 -0.65 -48.33
N LYS G 106 -15.46 0.01 -48.92
CA LYS G 106 -15.38 1.46 -48.96
C LYS G 106 -15.96 1.96 -50.28
N ARG G 107 -16.68 3.08 -50.22
CA ARG G 107 -17.27 3.68 -51.40
C ARG G 107 -17.39 5.19 -51.17
N ALA G 108 -17.80 5.89 -52.23
CA ALA G 108 -17.98 7.34 -52.15
C ALA G 108 -19.19 7.71 -51.29
N ASP G 109 -19.11 8.84 -50.62
CA ASP G 109 -20.20 9.27 -49.74
C ASP G 109 -21.46 9.54 -50.56
N ALA G 110 -22.59 9.58 -49.85
CA ALA G 110 -23.88 9.80 -50.49
C ALA G 110 -24.84 10.35 -49.46
N ALA G 111 -25.73 11.24 -49.91
CA ALA G 111 -26.73 11.81 -49.02
C ALA G 111 -27.93 10.88 -48.89
N PRO G 112 -28.58 10.86 -47.72
CA PRO G 112 -29.71 9.94 -47.52
C PRO G 112 -30.96 10.45 -48.20
N THR G 113 -31.62 9.56 -48.94
CA THR G 113 -32.95 9.83 -49.49
C THR G 113 -33.97 9.69 -48.37
N VAL G 114 -34.60 10.79 -47.99
CA VAL G 114 -35.48 10.85 -46.83
C VAL G 114 -36.93 10.81 -47.29
N SER G 115 -37.78 10.13 -46.52
CA SER G 115 -39.21 10.08 -46.79
C SER G 115 -39.95 9.86 -45.47
N ILE G 116 -40.99 10.64 -45.23
CA ILE G 116 -41.78 10.55 -44.02
C ILE G 116 -43.13 9.94 -44.34
N PHE G 117 -43.69 9.21 -43.37
CA PHE G 117 -44.96 8.51 -43.56
C PHE G 117 -45.82 8.71 -42.31
N PRO G 118 -47.06 9.17 -42.48
CA PRO G 118 -47.93 9.40 -41.32
C PRO G 118 -48.52 8.10 -40.84
N PRO G 119 -49.20 8.11 -39.69
CA PRO G 119 -49.89 6.90 -39.22
C PRO G 119 -51.02 6.51 -40.16
N SER G 120 -51.07 5.23 -40.51
CA SER G 120 -52.15 4.72 -41.34
C SER G 120 -53.46 4.76 -40.58
N SER G 121 -54.56 5.05 -41.29
CA SER G 121 -55.89 5.05 -40.68
C SER G 121 -56.18 3.73 -39.97
N GLU G 122 -55.62 2.63 -40.47
CA GLU G 122 -55.76 1.35 -39.79
C GLU G 122 -55.24 1.42 -38.37
N GLN G 123 -53.99 1.88 -38.20
CA GLN G 123 -53.42 2.00 -36.86
C GLN G 123 -54.20 2.99 -36.00
N LEU G 124 -54.68 4.08 -36.63
CA LEU G 124 -55.49 5.05 -35.89
C LEU G 124 -56.72 4.39 -35.30
N THR G 125 -57.45 3.61 -36.10
CA THR G 125 -58.63 2.91 -35.60
C THR G 125 -58.30 1.79 -34.63
N SER G 126 -57.03 1.40 -34.51
CA SER G 126 -56.61 0.38 -33.55
C SER G 126 -56.05 0.99 -32.28
N GLY G 127 -56.14 2.30 -32.10
CA GLY G 127 -55.59 2.94 -30.93
C GLY G 127 -54.10 3.18 -30.98
N GLY G 128 -53.57 3.47 -32.17
CA GLY G 128 -52.15 3.75 -32.29
C GLY G 128 -51.90 4.81 -33.35
N ALA G 129 -50.68 5.36 -33.31
CA ALA G 129 -50.27 6.35 -34.31
C ALA G 129 -48.74 6.37 -34.34
N SER G 130 -48.17 5.74 -35.35
CA SER G 130 -46.72 5.71 -35.54
C SER G 130 -46.38 6.45 -36.83
N VAL G 131 -45.46 7.41 -36.74
CA VAL G 131 -44.98 8.15 -37.90
C VAL G 131 -43.57 7.65 -38.21
N VAL G 132 -43.34 7.31 -39.47
CA VAL G 132 -42.10 6.65 -39.90
C VAL G 132 -41.30 7.61 -40.77
N CYS G 133 -39.98 7.46 -40.73
CA CYS G 133 -39.07 8.26 -41.55
C CYS G 133 -37.96 7.34 -42.03
N PHE G 134 -37.89 7.12 -43.34
CA PHE G 134 -36.87 6.27 -43.95
C PHE G 134 -35.73 7.15 -44.45
N LEU G 135 -34.51 6.83 -44.02
CA LEU G 135 -33.29 7.48 -44.46
C LEU G 135 -32.48 6.44 -45.22
N ASN G 136 -32.68 6.36 -46.53
CA ASN G 136 -32.17 5.27 -47.34
C ASN G 136 -30.97 5.71 -48.16
N ASN G 137 -30.03 4.78 -48.34
CA ASN G 137 -28.91 4.93 -49.25
C ASN G 137 -28.03 6.13 -48.90
N PHE G 138 -27.17 5.98 -47.90
CA PHE G 138 -26.22 7.01 -47.54
C PHE G 138 -24.92 6.35 -47.09
N TYR G 139 -23.84 7.13 -47.11
CA TYR G 139 -22.53 6.65 -46.72
C TYR G 139 -21.72 7.83 -46.20
N PRO G 140 -21.01 7.68 -45.07
CA PRO G 140 -20.89 6.43 -44.30
C PRO G 140 -22.10 6.16 -43.40
N LYS G 141 -21.99 5.17 -42.51
CA LYS G 141 -23.13 4.78 -41.70
C LYS G 141 -23.50 5.84 -40.67
N ASP G 142 -22.49 6.50 -40.09
CA ASP G 142 -22.75 7.44 -39.01
C ASP G 142 -23.66 8.57 -39.49
N ILE G 143 -24.74 8.79 -38.74
CA ILE G 143 -25.78 9.73 -39.13
C ILE G 143 -26.56 10.10 -37.87
N ASN G 144 -27.30 11.20 -37.93
CA ASN G 144 -28.15 11.62 -36.83
C ASN G 144 -29.50 12.11 -37.36
N VAL G 145 -30.53 11.91 -36.56
CA VAL G 145 -31.91 12.26 -36.92
C VAL G 145 -32.55 12.99 -35.74
N LYS G 146 -33.49 13.88 -36.05
CA LYS G 146 -34.24 14.58 -35.02
C LYS G 146 -35.66 14.81 -35.52
N TRP G 147 -36.61 14.70 -34.59
CA TRP G 147 -38.03 14.90 -34.88
C TRP G 147 -38.50 16.23 -34.31
N LYS G 148 -39.37 16.91 -35.06
CA LYS G 148 -39.98 18.14 -34.59
C LYS G 148 -41.47 18.09 -34.88
N ILE G 149 -42.26 18.56 -33.93
CA ILE G 149 -43.71 18.58 -34.04
C ILE G 149 -44.15 20.03 -33.82
N ASP G 150 -44.61 20.68 -34.89
CA ASP G 150 -45.01 22.10 -34.88
C ASP G 150 -43.86 23.01 -34.44
N GLY G 151 -42.62 22.55 -34.59
CA GLY G 151 -41.45 23.31 -34.20
C GLY G 151 -40.80 22.86 -32.91
N SER G 152 -41.51 22.12 -32.07
CA SER G 152 -40.99 21.68 -30.79
C SER G 152 -40.32 20.31 -30.92
N GLU G 153 -39.11 20.21 -30.38
CA GLU G 153 -38.37 18.96 -30.45
C GLU G 153 -38.93 17.96 -29.45
N ARG G 154 -38.90 16.68 -29.81
CA ARG G 154 -39.39 15.60 -28.95
C ARG G 154 -38.48 14.39 -29.10
N GLN G 155 -37.96 13.91 -27.98
CA GLN G 155 -37.15 12.70 -27.97
C GLN G 155 -37.98 11.50 -27.52
N VAL G 158 -38.87 7.38 -29.57
CA VAL G 158 -38.25 7.33 -30.88
C VAL G 158 -37.34 6.12 -30.98
N LEU G 159 -37.57 5.29 -32.00
CA LEU G 159 -36.80 4.08 -32.24
C LEU G 159 -36.08 4.17 -33.57
N ASN G 160 -34.83 3.71 -33.60
CA ASN G 160 -34.03 3.73 -34.82
C ASN G 160 -33.47 2.34 -35.08
N SER G 161 -33.37 1.99 -36.36
CA SER G 161 -32.86 0.69 -36.77
C SER G 161 -31.99 0.87 -38.02
N TRP G 162 -30.76 0.36 -37.95
CA TRP G 162 -29.80 0.48 -39.04
C TRP G 162 -29.72 -0.83 -39.82
N THR G 163 -29.65 -0.72 -41.14
CA THR G 163 -29.44 -1.88 -42.00
C THR G 163 -27.95 -2.15 -42.17
N ASP G 164 -27.64 -3.41 -42.47
CA ASP G 164 -26.28 -3.77 -42.83
C ASP G 164 -25.92 -3.16 -44.18
N GLN G 165 -24.63 -3.20 -44.52
CA GLN G 165 -24.16 -2.65 -45.78
C GLN G 165 -24.85 -3.34 -46.95
N ASP G 166 -25.66 -2.58 -47.69
CA ASP G 166 -26.37 -3.13 -48.83
C ASP G 166 -25.38 -3.78 -49.81
N SER G 167 -25.78 -4.93 -50.35
CA SER G 167 -24.87 -5.71 -51.18
C SER G 167 -24.79 -5.19 -52.60
N LYS G 168 -25.74 -4.36 -53.04
CA LYS G 168 -25.75 -3.88 -54.42
C LYS G 168 -25.00 -2.56 -54.58
N ASP G 169 -25.30 -1.58 -53.74
CA ASP G 169 -24.68 -0.25 -53.86
C ASP G 169 -23.76 0.08 -52.69
N SER G 170 -23.53 -0.85 -51.77
CA SER G 170 -22.62 -0.69 -50.64
C SER G 170 -23.03 0.45 -49.71
N THR G 171 -24.29 0.88 -49.78
CA THR G 171 -24.76 1.97 -48.96
C THR G 171 -25.37 1.43 -47.65
N TYR G 172 -25.86 2.35 -46.83
CA TYR G 172 -26.55 2.01 -45.59
C TYR G 172 -27.90 2.71 -45.57
N SER G 173 -28.76 2.27 -44.65
CA SER G 173 -30.07 2.86 -44.48
C SER G 173 -30.49 2.75 -43.03
N MET G 174 -31.44 3.60 -42.63
CA MET G 174 -31.94 3.59 -41.27
C MET G 174 -33.42 3.98 -41.27
N SER G 175 -34.17 3.38 -40.36
CA SER G 175 -35.57 3.72 -40.14
C SER G 175 -35.71 4.38 -38.76
N SER G 176 -36.55 5.42 -38.71
CA SER G 176 -36.81 6.13 -37.46
C SER G 176 -38.32 6.14 -37.24
N THR G 177 -38.75 5.63 -36.09
CA THR G 177 -40.17 5.46 -35.78
C THR G 177 -40.50 6.20 -34.50
N LEU G 178 -41.26 7.28 -34.63
CA LEU G 178 -41.81 8.02 -33.50
C LEU G 178 -43.17 7.41 -33.16
N THR G 179 -43.26 6.78 -31.99
CA THR G 179 -44.43 5.97 -31.63
C THR G 179 -45.37 6.74 -30.72
N LEU G 180 -46.64 6.82 -31.13
CA LEU G 180 -47.70 7.39 -30.29
C LEU G 180 -48.89 6.42 -30.27
N THR G 181 -49.83 6.70 -29.38
CA THR G 181 -51.09 5.98 -29.29
C THR G 181 -52.18 6.79 -30.01
N LYS G 182 -53.36 7.01 -29.42
CA LYS G 182 -54.49 7.69 -30.05
C LYS G 182 -54.41 9.21 -29.94
N ASP G 183 -54.91 9.74 -28.83
CA ASP G 183 -54.96 11.19 -28.60
C ASP G 183 -53.57 11.83 -28.68
N GLU G 186 -53.46 13.58 -32.26
CA GLU G 186 -54.22 14.52 -33.06
C GLU G 186 -54.14 15.92 -32.47
N ARG G 187 -53.46 16.02 -31.33
CA ARG G 187 -53.30 17.28 -30.63
C ARG G 187 -52.49 18.27 -31.48
N HIS G 188 -51.30 17.86 -31.90
CA HIS G 188 -50.46 18.73 -32.70
C HIS G 188 -50.71 18.42 -34.18
N ASN G 189 -50.26 19.34 -35.05
CA ASN G 189 -50.62 19.28 -36.46
C ASN G 189 -49.44 18.88 -37.35
N SER G 190 -48.40 19.71 -37.42
CA SER G 190 -47.29 19.47 -38.34
C SER G 190 -46.26 18.53 -37.70
N TYR G 191 -45.86 17.50 -38.45
CA TYR G 191 -44.84 16.56 -38.00
C TYR G 191 -43.69 16.58 -38.99
N THR G 192 -42.47 16.76 -38.48
CA THR G 192 -41.31 17.05 -39.32
C THR G 192 -40.17 16.09 -39.01
N CYS G 193 -39.52 15.59 -40.07
CA CYS G 193 -38.36 14.75 -39.98
C CYS G 193 -37.13 15.53 -40.46
N GLU G 194 -36.10 15.59 -39.62
CA GLU G 194 -34.87 16.30 -39.94
C GLU G 194 -33.70 15.33 -39.83
N ALA G 195 -32.93 15.21 -40.91
CA ALA G 195 -31.77 14.33 -40.96
C ALA G 195 -30.51 15.15 -41.15
N THR G 196 -29.46 14.80 -40.40
CA THR G 196 -28.16 15.45 -40.49
C THR G 196 -27.10 14.41 -40.79
N HIS G 197 -26.41 14.57 -41.90
CA HIS G 197 -25.38 13.63 -42.33
C HIS G 197 -24.10 14.41 -42.67
N LYS G 198 -22.99 13.67 -42.70
CA LYS G 198 -21.69 14.28 -42.95
C LYS G 198 -21.64 15.07 -44.27
N THR G 199 -22.43 14.65 -45.26
CA THR G 199 -22.28 15.20 -46.61
C THR G 199 -22.50 16.71 -46.63
N SER G 200 -23.57 17.19 -46.00
CA SER G 200 -23.94 18.59 -46.04
C SER G 200 -24.15 19.13 -44.63
N THR G 201 -23.89 20.43 -44.47
CA THR G 201 -24.11 21.07 -43.18
C THR G 201 -25.60 21.35 -42.95
N SER G 202 -26.33 21.68 -44.00
CA SER G 202 -27.76 21.91 -43.87
C SER G 202 -28.50 20.59 -43.79
N PRO G 203 -29.42 20.40 -42.85
CA PRO G 203 -30.12 19.13 -42.75
C PRO G 203 -31.14 18.97 -43.87
N ILE G 204 -31.40 17.71 -44.22
CA ILE G 204 -32.47 17.38 -45.16
C ILE G 204 -33.75 17.22 -44.36
N VAL G 205 -34.78 17.98 -44.75
CA VAL G 205 -35.99 18.13 -43.94
C VAL G 205 -37.20 17.84 -44.82
N LYS G 206 -38.03 16.91 -44.38
CA LYS G 206 -39.34 16.66 -44.99
C LYS G 206 -40.37 16.55 -43.87
N SER G 207 -41.61 16.94 -44.19
CA SER G 207 -42.65 17.07 -43.17
C SER G 207 -44.02 16.90 -43.82
N PHE G 208 -45.05 16.95 -42.98
CA PHE G 208 -46.44 16.89 -43.45
C PHE G 208 -47.34 17.47 -42.37
N ASN G 209 -48.56 17.79 -42.78
CA ASN G 209 -49.62 18.24 -41.89
C ASN G 209 -50.75 17.23 -41.86
N ARG G 210 -51.44 17.16 -40.71
CA ARG G 210 -52.54 16.22 -40.55
C ARG G 210 -53.53 16.29 -41.69
N ASN G 211 -54.10 17.47 -41.91
CA ASN G 211 -55.09 17.67 -42.98
C ASN G 211 -54.53 17.37 -44.36
N PHE H 2 54.58 -5.24 17.39
CA PHE H 2 53.27 -5.15 16.75
C PHE H 2 53.42 -5.10 15.23
N GLN H 3 53.02 -6.17 14.56
CA GLN H 3 53.14 -6.26 13.11
C GLN H 3 52.15 -7.28 12.57
N LEU H 4 51.63 -7.00 11.38
CA LEU H 4 50.70 -7.89 10.70
C LEU H 4 51.30 -8.29 9.36
N LEU H 5 51.27 -9.59 9.07
CA LEU H 5 51.78 -10.13 7.81
C LEU H 5 50.62 -10.72 7.01
N GLU H 6 50.54 -10.37 5.73
CA GLU H 6 49.49 -10.83 4.84
C GLU H 6 50.04 -11.85 3.86
N SER H 7 49.12 -12.65 3.31
CA SER H 7 49.48 -13.63 2.30
C SER H 7 50.03 -12.93 1.05
N GLY H 8 50.78 -13.70 0.25
CA GLY H 8 51.39 -13.17 -0.93
C GLY H 8 50.37 -12.86 -2.01
N PRO H 9 50.86 -12.30 -3.13
CA PRO H 9 49.95 -11.93 -4.22
C PRO H 9 49.27 -13.16 -4.81
N GLU H 10 48.17 -12.91 -5.53
CA GLU H 10 47.35 -13.98 -6.06
C GLU H 10 46.83 -13.62 -7.45
N LEU H 11 46.91 -14.59 -8.36
CA LEU H 11 46.29 -14.51 -9.67
C LEU H 11 45.12 -15.48 -9.68
N VAL H 12 43.93 -14.98 -10.00
CA VAL H 12 42.72 -15.78 -9.96
C VAL H 12 41.88 -15.47 -11.21
N LYS H 13 41.15 -16.49 -11.68
CA LYS H 13 40.24 -16.34 -12.80
C LYS H 13 38.95 -15.68 -12.33
N PRO H 14 38.27 -14.93 -13.21
CA PRO H 14 37.01 -14.31 -12.80
C PRO H 14 35.97 -15.35 -12.40
N GLY H 15 35.15 -14.97 -11.42
CA GLY H 15 34.13 -15.85 -10.88
C GLY H 15 34.59 -16.72 -9.71
N ALA H 16 35.88 -17.04 -9.65
CA ALA H 16 36.40 -17.85 -8.56
C ALA H 16 36.47 -17.04 -7.27
N SER H 17 36.95 -17.67 -6.21
CA SER H 17 37.09 -17.05 -4.91
C SER H 17 38.55 -17.08 -4.44
N VAL H 18 38.83 -16.30 -3.40
CA VAL H 18 40.17 -16.22 -2.82
C VAL H 18 40.01 -15.93 -1.33
N LYS H 19 41.01 -16.32 -0.55
CA LYS H 19 41.01 -16.12 0.89
C LYS H 19 42.35 -15.55 1.31
N ILE H 20 42.34 -14.34 1.87
CA ILE H 20 43.54 -13.64 2.29
C ILE H 20 43.68 -13.78 3.80
N SER H 21 44.92 -13.97 4.26
CA SER H 21 45.22 -14.12 5.68
C SER H 21 45.94 -12.89 6.20
N CYS H 22 45.86 -12.71 7.52
CA CYS H 22 46.49 -11.57 8.21
C CYS H 22 46.96 -12.11 9.56
N LYS H 23 48.25 -12.43 9.63
CA LYS H 23 48.85 -13.05 10.82
C LYS H 23 49.32 -11.96 11.77
N ALA H 24 48.69 -11.86 12.93
CA ALA H 24 49.10 -10.87 13.92
C ALA H 24 50.20 -11.42 14.81
N SER H 25 50.86 -10.51 15.52
CA SER H 25 51.96 -10.85 16.43
C SER H 25 52.35 -9.60 17.21
N GLY H 26 52.88 -9.81 18.41
CA GLY H 26 53.34 -8.73 19.25
C GLY H 26 52.31 -8.09 20.14
N TYR H 27 51.10 -8.64 20.21
CA TYR H 27 50.05 -8.08 21.04
C TYR H 27 48.97 -9.13 21.25
N SER H 28 48.12 -8.88 22.24
CA SER H 28 46.99 -9.75 22.54
C SER H 28 46.01 -9.67 21.37
N PHE H 29 46.05 -10.70 20.52
CA PHE H 29 45.28 -10.69 19.28
C PHE H 29 43.79 -10.44 19.52
N THR H 30 43.24 -11.02 20.59
CA THR H 30 41.79 -10.99 20.81
C THR H 30 41.28 -9.63 21.29
N ASP H 31 42.15 -8.75 21.76
CA ASP H 31 41.71 -7.49 22.37
C ASP H 31 41.55 -6.35 21.37
N TYR H 32 42.09 -6.48 20.16
CA TYR H 32 42.04 -5.40 19.17
C TYR H 32 41.32 -5.88 17.92
N ASN H 33 40.36 -5.08 17.46
CA ASN H 33 39.62 -5.39 16.25
C ASN H 33 40.53 -5.37 15.03
N MET H 34 40.06 -5.95 13.94
CA MET H 34 40.79 -6.00 12.67
C MET H 34 39.91 -5.42 11.58
N ASN H 35 40.40 -4.35 10.95
CA ASN H 35 39.71 -3.71 9.84
C ASN H 35 40.38 -4.10 8.52
N TRP H 36 39.59 -4.06 7.45
CA TRP H 36 40.10 -4.36 6.11
C TRP H 36 39.76 -3.20 5.18
N VAL H 37 40.74 -2.82 4.36
CA VAL H 37 40.64 -1.68 3.48
C VAL H 37 41.05 -2.10 2.08
N LYS H 38 40.38 -1.56 1.06
CA LYS H 38 40.71 -1.82 -0.33
C LYS H 38 41.30 -0.55 -0.96
N GLN H 39 42.43 -0.69 -1.63
CA GLN H 39 43.06 0.39 -2.38
C GLN H 39 43.23 -0.07 -3.82
N SER H 40 42.46 0.52 -4.73
CA SER H 40 42.45 0.12 -6.12
C SER H 40 43.49 0.91 -6.90
N ASN H 41 44.49 0.21 -7.44
CA ASN H 41 45.52 0.81 -8.29
C ASN H 41 46.12 2.07 -7.68
N GLY H 42 46.26 2.06 -6.35
CA GLY H 42 46.98 3.10 -5.66
C GLY H 42 46.24 4.41 -5.41
N LYS H 43 44.95 4.49 -5.73
CA LYS H 43 44.26 5.75 -5.50
C LYS H 43 43.67 5.80 -4.09
N SER H 44 42.37 6.02 -3.98
CA SER H 44 41.75 6.23 -2.67
C SER H 44 41.62 4.91 -1.91
N LEU H 45 41.26 5.03 -0.64
CA LEU H 45 41.10 3.90 0.27
C LEU H 45 39.62 3.66 0.55
N GLU H 46 39.19 2.41 0.42
CA GLU H 46 37.81 2.02 0.71
C GLU H 46 37.80 1.03 1.87
N TRP H 47 37.02 1.34 2.90
CA TRP H 47 36.92 0.49 4.08
C TRP H 47 35.95 -0.65 3.84
N ILE H 48 36.41 -1.88 4.08
CA ILE H 48 35.61 -3.07 3.81
C ILE H 48 34.78 -3.45 5.03
N GLY H 49 35.45 -3.83 6.12
CA GLY H 49 34.73 -4.26 7.30
C GLY H 49 35.64 -4.34 8.50
N VAL H 50 35.05 -4.71 9.64
CA VAL H 50 35.77 -4.85 10.90
C VAL H 50 35.25 -6.08 11.64
N ILE H 51 36.13 -6.74 12.38
CA ILE H 51 35.80 -7.95 13.12
C ILE H 51 36.34 -7.84 14.54
N ASN H 52 35.58 -8.39 15.49
CA ASN H 52 36.05 -8.55 16.85
C ASN H 52 36.67 -9.94 16.98
N PRO H 53 37.99 -10.07 17.09
CA PRO H 53 38.59 -11.40 17.18
C PRO H 53 38.16 -12.16 18.42
N ASN H 54 37.81 -11.44 19.50
CA ASN H 54 37.38 -12.10 20.73
C ASN H 54 35.97 -12.68 20.58
N SER H 55 35.02 -11.88 20.09
CA SER H 55 33.63 -12.31 19.98
C SER H 55 33.24 -12.78 18.58
N GLY H 56 34.05 -12.48 17.57
CA GLY H 56 33.71 -12.90 16.21
C GLY H 56 32.60 -12.13 15.55
N THR H 57 32.16 -11.01 16.13
CA THR H 57 31.11 -10.21 15.53
C THR H 57 31.67 -9.38 14.39
N THR H 58 30.84 -9.17 13.37
CA THR H 58 31.27 -8.53 12.13
C THR H 58 30.45 -7.29 11.84
N ASN H 59 31.05 -6.36 11.10
CA ASN H 59 30.36 -5.19 10.58
C ASN H 59 30.91 -4.88 9.19
N TYR H 60 30.06 -5.01 8.17
CA TYR H 60 30.48 -4.87 6.79
C TYR H 60 30.04 -3.54 6.21
N ASN H 61 30.82 -3.04 5.26
CA ASN H 61 30.39 -1.94 4.41
C ASN H 61 29.29 -2.45 3.49
N GLN H 62 28.20 -1.69 3.37
CA GLN H 62 27.07 -2.14 2.56
C GLN H 62 27.45 -2.43 1.12
N LYS H 63 28.53 -1.84 0.61
CA LYS H 63 29.01 -2.17 -0.72
C LYS H 63 29.72 -3.52 -0.77
N PHE H 64 30.16 -4.06 0.37
CA PHE H 64 30.91 -5.31 0.40
C PHE H 64 30.21 -6.37 1.25
N LYS H 65 28.88 -6.29 1.36
CA LYS H 65 28.11 -7.32 2.06
C LYS H 65 28.41 -8.71 1.51
N ASP H 66 28.02 -8.96 0.25
CA ASP H 66 28.13 -10.26 -0.36
C ASP H 66 29.32 -10.38 -1.29
N LYS H 67 30.31 -9.51 -1.14
CA LYS H 67 31.57 -9.59 -1.87
C LYS H 67 32.71 -10.09 -1.00
N ALA H 68 32.73 -9.71 0.28
CA ALA H 68 33.76 -10.12 1.22
C ALA H 68 33.12 -10.76 2.42
N THR H 69 33.76 -11.79 2.96
CA THR H 69 33.33 -12.45 4.18
C THR H 69 34.52 -12.51 5.12
N LEU H 70 34.37 -11.92 6.29
CA LEU H 70 35.46 -11.81 7.26
C LEU H 70 35.31 -12.87 8.34
N THR H 71 36.38 -13.60 8.60
CA THR H 71 36.42 -14.62 9.64
C THR H 71 37.71 -14.45 10.44
N VAL H 72 37.87 -15.28 11.47
CA VAL H 72 39.03 -15.19 12.36
C VAL H 72 39.29 -16.56 12.97
N ASP H 73 40.56 -16.85 13.22
CA ASP H 73 41.00 -18.07 13.88
C ASP H 73 41.76 -17.64 15.13
N GLN H 74 41.10 -17.73 16.29
CA GLN H 74 41.74 -17.33 17.54
C GLN H 74 42.91 -18.24 17.91
N SER H 75 42.90 -19.49 17.46
CA SER H 75 43.97 -20.42 17.82
C SER H 75 45.32 -19.91 17.35
N SER H 76 45.45 -19.61 16.06
CA SER H 76 46.70 -19.13 15.49
C SER H 76 46.75 -17.61 15.37
N SER H 77 45.83 -16.90 16.01
CA SER H 77 45.77 -15.44 15.99
C SER H 77 45.84 -14.89 14.57
N THR H 78 44.88 -15.30 13.76
CA THR H 78 44.88 -14.97 12.34
C THR H 78 43.50 -14.48 11.92
N ALA H 79 43.46 -13.34 11.24
CA ALA H 79 42.24 -12.83 10.62
C ALA H 79 42.21 -13.21 9.15
N TYR H 80 41.00 -13.36 8.62
CA TYR H 80 40.82 -13.82 7.25
C TYR H 80 39.77 -12.97 6.55
N MET H 81 39.99 -12.73 5.25
CA MET H 81 39.01 -12.09 4.38
C MET H 81 38.88 -12.93 3.12
N GLN H 82 37.66 -13.35 2.81
CA GLN H 82 37.37 -14.18 1.65
C GLN H 82 36.55 -13.37 0.65
N LEU H 83 37.06 -13.26 -0.57
CA LEU H 83 36.39 -12.55 -1.65
C LEU H 83 35.83 -13.56 -2.64
N ASN H 84 34.56 -13.39 -3.00
CA ASN H 84 33.86 -14.33 -3.85
C ASN H 84 33.34 -13.63 -5.10
N SER H 85 33.05 -14.44 -6.12
CA SER H 85 32.55 -13.95 -7.41
C SER H 85 33.42 -12.80 -7.93
N LEU H 86 34.68 -13.12 -8.16
CA LEU H 86 35.68 -12.10 -8.45
C LEU H 86 35.57 -11.62 -9.89
N THR H 87 35.66 -10.30 -10.07
CA THR H 87 35.68 -9.66 -11.37
C THR H 87 36.90 -8.75 -11.43
N SER H 88 37.12 -8.15 -12.61
CA SER H 88 38.23 -7.22 -12.78
C SER H 88 38.11 -6.03 -11.84
N GLU H 89 36.88 -5.67 -11.46
CA GLU H 89 36.68 -4.58 -10.51
C GLU H 89 37.34 -4.88 -9.17
N ASP H 90 37.44 -6.16 -8.80
CA ASP H 90 38.03 -6.54 -7.52
C ASP H 90 39.55 -6.55 -7.53
N SER H 91 40.18 -6.43 -8.71
CA SER H 91 41.63 -6.39 -8.77
C SER H 91 42.16 -5.14 -8.07
N ALA H 92 42.92 -5.35 -6.99
CA ALA H 92 43.41 -4.26 -6.16
C ALA H 92 44.34 -4.74 -5.06
N VAL H 93 44.84 -3.82 -4.25
CA VAL H 93 45.64 -4.14 -3.07
C VAL H 93 44.74 -4.05 -1.85
N TYR H 94 44.75 -5.10 -1.03
CA TYR H 94 43.92 -5.17 0.17
C TYR H 94 44.81 -5.17 1.40
N TYR H 95 44.48 -4.32 2.37
CA TYR H 95 45.23 -4.19 3.60
C TYR H 95 44.38 -4.63 4.78
N CYS H 96 45.02 -5.26 5.77
CA CYS H 96 44.42 -5.47 7.08
C CYS H 96 45.06 -4.50 8.06
N ALA H 97 44.23 -3.77 8.80
CA ALA H 97 44.70 -2.75 9.72
C ALA H 97 44.07 -2.97 11.08
N ARG H 98 44.91 -2.95 12.12
CA ARG H 98 44.43 -3.17 13.48
C ARG H 98 43.74 -1.92 14.00
N GLY H 99 42.48 -2.07 14.40
CA GLY H 99 41.78 -0.99 15.08
C GLY H 99 42.29 -0.78 16.48
N GLY H 100 43.01 0.33 16.69
CA GLY H 100 43.61 0.60 17.99
C GLY H 100 42.66 1.03 19.08
N GLY H 101 41.38 1.18 18.77
CA GLY H 101 40.39 1.61 19.73
C GLY H 101 39.92 3.03 19.46
N PHE H 102 38.87 3.41 20.20
CA PHE H 102 38.28 4.74 20.06
C PHE H 102 39.33 5.82 20.27
N ARG H 103 39.39 6.77 19.32
CA ARG H 103 40.31 7.90 19.35
C ARG H 103 41.76 7.44 19.23
N ARG H 104 41.98 6.34 18.52
CA ARG H 104 43.32 5.84 18.25
C ARG H 104 43.55 5.44 16.80
N GLY H 105 42.50 5.28 16.01
CA GLY H 105 42.62 4.98 14.60
C GLY H 105 43.22 3.61 14.33
N PHE H 106 43.65 3.44 13.09
CA PHE H 106 44.25 2.18 12.63
C PHE H 106 45.75 2.31 12.85
N ASP H 107 46.24 1.78 13.98
CA ASP H 107 47.60 2.01 14.43
C ASP H 107 48.59 0.97 13.92
N SER H 108 48.17 0.09 13.01
CA SER H 108 49.08 -0.90 12.44
C SER H 108 48.46 -1.43 11.16
N TRP H 109 49.28 -1.55 10.12
CA TRP H 109 48.83 -1.96 8.80
C TRP H 109 49.73 -3.07 8.26
N GLY H 110 49.11 -4.09 7.66
CA GLY H 110 49.88 -5.10 6.98
C GLY H 110 50.48 -4.58 5.68
N GLN H 111 51.42 -5.37 5.14
CA GLN H 111 52.11 -4.95 3.91
C GLN H 111 51.18 -4.92 2.71
N GLY H 112 49.98 -5.49 2.80
CA GLY H 112 49.07 -5.49 1.68
C GLY H 112 49.26 -6.68 0.77
N THR H 113 48.17 -7.07 0.11
CA THR H 113 48.17 -8.19 -0.82
C THR H 113 47.60 -7.74 -2.15
N THR H 114 48.30 -8.04 -3.24
CA THR H 114 47.89 -7.64 -4.58
C THR H 114 47.16 -8.80 -5.22
N VAL H 115 45.86 -8.63 -5.48
CA VAL H 115 45.05 -9.63 -6.15
C VAL H 115 44.84 -9.19 -7.59
N THR H 116 44.89 -10.15 -8.51
CA THR H 116 44.69 -9.89 -9.93
C THR H 116 43.64 -10.84 -10.46
N VAL H 117 42.52 -10.28 -10.91
CA VAL H 117 41.42 -11.05 -11.49
C VAL H 117 41.44 -10.79 -12.99
N SER H 118 41.81 -11.81 -13.77
CA SER H 118 41.93 -11.64 -15.21
C SER H 118 41.96 -13.02 -15.87
N SER H 119 41.58 -13.03 -17.15
CA SER H 119 41.64 -14.24 -17.96
C SER H 119 43.00 -14.48 -18.58
N ALA H 120 43.87 -13.46 -18.59
CA ALA H 120 45.20 -13.62 -19.15
C ALA H 120 45.98 -14.69 -18.41
N LYS H 121 46.81 -15.41 -19.16
CA LYS H 121 47.61 -16.50 -18.59
C LYS H 121 48.98 -15.99 -18.17
N THR H 122 49.59 -16.71 -17.22
CA THR H 122 50.94 -16.38 -16.79
C THR H 122 51.90 -16.51 -17.96
N THR H 123 52.61 -15.43 -18.26
CA THR H 123 53.53 -15.39 -19.39
C THR H 123 54.85 -14.77 -18.97
N PRO H 124 55.99 -15.36 -19.32
CA PRO H 124 57.28 -14.74 -19.01
C PRO H 124 57.57 -13.59 -19.95
N PRO H 125 58.47 -12.69 -19.58
CA PRO H 125 58.71 -11.50 -20.40
C PRO H 125 59.63 -11.76 -21.57
N SER H 126 59.44 -10.95 -22.62
CA SER H 126 60.38 -10.85 -23.73
C SER H 126 61.16 -9.55 -23.54
N VAL H 127 62.48 -9.66 -23.46
CA VAL H 127 63.36 -8.54 -23.18
C VAL H 127 64.11 -8.14 -24.45
N TYR H 128 64.22 -6.83 -24.68
CA TYR H 128 64.91 -6.31 -25.85
C TYR H 128 65.87 -5.21 -25.40
N PRO H 129 67.12 -5.22 -25.86
CA PRO H 129 68.07 -4.18 -25.45
C PRO H 129 67.79 -2.85 -26.12
N LEU H 130 68.22 -1.78 -25.45
CA LEU H 130 68.06 -0.41 -25.95
C LEU H 130 69.43 0.27 -25.93
N ALA H 131 70.09 0.29 -27.09
CA ALA H 131 71.40 0.89 -27.25
C ALA H 131 71.38 1.98 -28.32
N PRO H 132 72.20 3.02 -28.17
CA PRO H 132 72.22 4.08 -29.18
C PRO H 132 72.86 3.62 -30.48
N VAL H 133 72.31 4.10 -31.58
CA VAL H 133 72.84 3.78 -32.91
C VAL H 133 73.81 4.87 -33.36
N ALA H 137 74.01 10.64 -31.81
CA ALA H 137 74.85 11.71 -31.27
C ALA H 137 75.52 11.27 -29.97
N GLN H 138 76.72 11.78 -29.73
CA GLN H 138 77.50 11.48 -28.53
C GLN H 138 77.72 12.77 -27.73
N THR H 139 77.44 12.72 -26.42
CA THR H 139 77.51 13.89 -25.57
C THR H 139 78.25 13.59 -24.26
N ASN H 140 77.77 14.17 -23.16
CA ASN H 140 78.47 14.10 -21.87
C ASN H 140 78.33 12.72 -21.23
N SER H 141 77.09 12.23 -21.09
CA SER H 141 76.81 10.92 -20.53
C SER H 141 76.17 10.04 -21.60
N VAL H 142 75.93 8.79 -21.23
CA VAL H 142 75.30 7.82 -22.11
C VAL H 142 74.16 7.14 -21.36
N THR H 143 73.02 7.00 -22.02
CA THR H 143 71.84 6.36 -21.46
C THR H 143 71.55 5.07 -22.21
N LEU H 144 71.26 4.01 -21.46
CA LEU H 144 70.92 2.70 -22.02
C LEU H 144 69.60 2.25 -21.42
N GLY H 145 69.05 1.20 -22.01
CA GLY H 145 67.77 0.70 -21.50
C GLY H 145 67.51 -0.74 -21.89
N CYS H 146 66.43 -1.27 -21.33
CA CYS H 146 65.94 -2.59 -21.67
C CYS H 146 64.42 -2.55 -21.72
N LEU H 147 63.84 -3.09 -22.79
CA LEU H 147 62.40 -3.11 -22.98
C LEU H 147 61.86 -4.48 -22.60
N VAL H 148 60.93 -4.50 -21.64
CA VAL H 148 60.32 -5.72 -21.14
C VAL H 148 58.88 -5.74 -21.62
N LYS H 149 58.53 -6.76 -22.41
CA LYS H 149 57.24 -6.80 -23.09
C LYS H 149 56.68 -8.22 -23.10
N GLY H 150 55.36 -8.32 -22.96
CA GLY H 150 54.67 -9.59 -23.11
C GLY H 150 54.54 -10.44 -21.87
N TYR H 151 54.73 -9.87 -20.69
CA TYR H 151 54.65 -10.64 -19.45
C TYR H 151 53.33 -10.40 -18.73
N PHE H 152 53.00 -11.32 -17.83
CA PHE H 152 51.80 -11.25 -17.01
C PHE H 152 51.87 -12.34 -15.94
N PRO H 153 51.49 -12.03 -14.69
CA PRO H 153 51.03 -10.72 -14.22
C PRO H 153 52.16 -9.84 -13.70
N GLU H 154 51.78 -8.70 -13.13
CA GLU H 154 52.74 -7.85 -12.44
C GLU H 154 53.24 -8.56 -11.17
N PRO H 155 54.40 -8.15 -10.64
CA PRO H 155 55.35 -7.17 -11.19
C PRO H 155 56.63 -7.81 -11.71
N VAL H 156 57.55 -6.96 -12.18
CA VAL H 156 58.88 -7.41 -12.59
C VAL H 156 59.91 -6.51 -11.93
N THR H 157 61.13 -7.03 -11.82
CA THR H 157 62.23 -6.34 -11.15
C THR H 157 63.43 -6.29 -12.09
N VAL H 158 63.79 -5.08 -12.52
CA VAL H 158 64.96 -4.86 -13.37
C VAL H 158 66.09 -4.33 -12.50
N THR H 159 67.23 -5.01 -12.52
CA THR H 159 68.41 -4.60 -11.76
C THR H 159 69.59 -4.52 -12.72
N TRP H 160 70.25 -3.36 -12.74
CA TRP H 160 71.37 -3.13 -13.65
C TRP H 160 72.69 -3.46 -12.97
N ASN H 161 73.61 -4.02 -13.75
CA ASN H 161 74.95 -4.34 -13.28
C ASN H 161 75.94 -3.80 -14.31
N SER H 162 76.65 -2.74 -13.95
CA SER H 162 77.60 -2.09 -14.85
C SER H 162 78.97 -2.02 -14.18
N GLY H 163 79.95 -1.54 -14.94
CA GLY H 163 81.28 -1.32 -14.42
C GLY H 163 81.47 0.09 -13.91
N SER H 164 80.38 0.71 -13.45
CA SER H 164 80.41 2.08 -12.97
C SER H 164 79.69 2.18 -11.64
N LEU H 165 80.26 2.94 -10.72
CA LEU H 165 79.67 3.12 -9.40
C LEU H 165 78.52 4.12 -9.40
N SER H 166 78.36 4.91 -10.47
CA SER H 166 77.24 5.83 -10.61
C SER H 166 76.25 5.27 -11.62
N SER H 167 74.96 5.34 -11.29
CA SER H 167 73.95 4.66 -12.11
C SER H 167 72.62 5.39 -11.95
N GLY H 168 72.43 6.44 -12.76
CA GLY H 168 71.16 7.14 -12.81
C GLY H 168 70.08 6.29 -13.45
N VAL H 169 69.42 5.44 -12.65
CA VAL H 169 68.46 4.47 -13.15
C VAL H 169 67.05 5.00 -12.95
N HIS H 170 66.16 4.68 -13.90
CA HIS H 170 64.75 5.03 -13.82
C HIS H 170 63.92 3.82 -14.25
N THR H 171 62.96 3.44 -13.43
CA THR H 171 62.06 2.32 -13.70
C THR H 171 60.70 2.89 -14.08
N PHE H 172 60.23 2.58 -15.28
CA PHE H 172 58.96 3.12 -15.77
C PHE H 172 57.83 2.15 -15.46
N PRO H 173 56.75 2.62 -14.85
CA PRO H 173 55.63 1.73 -14.49
C PRO H 173 55.12 0.95 -15.69
N ALA H 174 54.58 -0.24 -15.40
CA ALA H 174 54.08 -1.12 -16.43
C ALA H 174 52.72 -0.63 -16.95
N VAL H 175 52.55 -0.78 -18.25
CA VAL H 175 51.35 -0.39 -18.98
C VAL H 175 50.80 -1.59 -19.75
N LEU H 176 49.48 -1.63 -19.90
CA LEU H 176 48.78 -2.80 -20.42
C LEU H 176 48.51 -2.61 -21.91
N GLN H 177 49.10 -3.47 -22.73
CA GLN H 177 48.85 -3.50 -24.16
C GLN H 177 48.62 -4.93 -24.61
N SER H 178 47.60 -5.13 -25.46
CA SER H 178 47.26 -6.45 -25.98
C SER H 178 47.03 -7.46 -24.86
N ASP H 179 46.50 -6.98 -23.73
CA ASP H 179 46.20 -7.78 -22.55
C ASP H 179 47.45 -8.34 -21.88
N LEU H 180 48.60 -7.71 -22.11
CA LEU H 180 49.84 -8.11 -21.47
C LEU H 180 50.64 -6.86 -21.11
N TYR H 181 51.41 -6.95 -20.03
CA TYR H 181 52.10 -5.79 -19.50
C TYR H 181 53.36 -5.51 -20.30
N THR H 182 53.78 -4.24 -20.27
CA THR H 182 54.99 -3.79 -20.95
C THR H 182 55.70 -2.78 -20.07
N LEU H 183 57.00 -2.97 -19.87
CA LEU H 183 57.81 -2.11 -19.02
C LEU H 183 59.08 -1.72 -19.75
N SER H 184 59.65 -0.59 -19.33
CA SER H 184 60.95 -0.13 -19.80
C SER H 184 61.74 0.38 -18.61
N SER H 185 63.05 0.18 -18.66
CA SER H 185 63.95 0.65 -17.63
C SER H 185 65.16 1.30 -18.29
N SER H 186 65.59 2.43 -17.73
CA SER H 186 66.72 3.19 -18.27
C SER H 186 67.81 3.31 -17.21
N VAL H 187 69.04 3.52 -17.71
CA VAL H 187 70.21 3.73 -16.85
C VAL H 187 71.11 4.76 -17.53
N THR H 188 71.67 5.65 -16.74
CA THR H 188 72.57 6.69 -17.24
C THR H 188 73.91 6.56 -16.52
N VAL H 189 74.98 6.39 -17.30
CA VAL H 189 76.32 6.18 -16.77
C VAL H 189 77.28 7.13 -17.48
N PRO H 190 78.49 7.34 -16.98
CA PRO H 190 79.46 8.17 -17.72
C PRO H 190 79.80 7.54 -19.07
N SER H 191 80.10 8.41 -20.03
CA SER H 191 80.41 7.95 -21.38
C SER H 191 81.66 7.09 -21.40
N SER H 192 82.64 7.39 -20.56
CA SER H 192 83.90 6.65 -20.56
C SER H 192 83.75 5.24 -20.01
N THR H 193 82.61 4.89 -19.40
CA THR H 193 82.44 3.56 -18.83
C THR H 193 81.88 2.56 -19.84
N TRP H 194 80.88 2.96 -20.63
CA TRP H 194 80.31 2.10 -21.65
C TRP H 194 80.67 2.62 -23.04
N PRO H 195 80.99 1.73 -24.01
CA PRO H 195 81.02 0.27 -23.90
C PRO H 195 82.34 -0.30 -23.41
N SER H 196 83.17 0.53 -22.78
CA SER H 196 84.43 0.04 -22.26
C SER H 196 84.26 -0.91 -21.08
N GLN H 197 83.07 -0.97 -20.49
CA GLN H 197 82.77 -1.87 -19.39
C GLN H 197 81.39 -2.46 -19.58
N SER H 198 81.26 -3.75 -19.29
CA SER H 198 80.01 -4.47 -19.54
C SER H 198 78.86 -3.88 -18.73
N VAL H 199 77.70 -3.76 -19.37
CA VAL H 199 76.47 -3.32 -18.74
C VAL H 199 75.40 -4.37 -19.02
N THR H 200 74.70 -4.80 -17.96
CA THR H 200 73.69 -5.84 -18.06
C THR H 200 72.44 -5.41 -17.31
N CYS H 201 71.28 -5.73 -17.89
CA CYS H 201 69.99 -5.56 -17.23
C CYS H 201 69.45 -6.93 -16.85
N ASN H 202 69.10 -7.10 -15.59
CA ASN H 202 68.61 -8.38 -15.06
C ASN H 202 67.13 -8.23 -14.75
N VAL H 203 66.29 -8.86 -15.57
CA VAL H 203 64.84 -8.79 -15.43
C VAL H 203 64.36 -10.05 -14.74
N ALA H 204 63.76 -9.89 -13.55
CA ALA H 204 63.27 -11.01 -12.76
C ALA H 204 61.75 -10.98 -12.75
N HIS H 205 61.14 -12.09 -13.17
CA HIS H 205 59.68 -12.27 -13.15
C HIS H 205 59.39 -13.47 -12.25
N PRO H 206 59.17 -13.25 -10.95
CA PRO H 206 58.94 -14.39 -10.05
C PRO H 206 57.67 -15.16 -10.37
N ALA H 207 56.62 -14.50 -10.87
CA ALA H 207 55.37 -15.19 -11.17
C ALA H 207 55.59 -16.36 -12.12
N SER H 208 56.41 -16.17 -13.15
CA SER H 208 56.76 -17.23 -14.08
C SER H 208 58.05 -17.95 -13.70
N SER H 209 58.74 -17.49 -12.65
CA SER H 209 60.00 -18.08 -12.19
C SER H 209 61.07 -18.00 -13.29
N THR H 210 61.23 -16.79 -13.85
CA THR H 210 62.13 -16.56 -14.97
C THR H 210 62.96 -15.33 -14.71
N ALA H 211 64.27 -15.45 -14.87
CA ALA H 211 65.19 -14.32 -14.82
C ALA H 211 65.97 -14.27 -16.12
N VAL H 212 65.89 -13.13 -16.81
CA VAL H 212 66.53 -12.96 -18.12
C VAL H 212 67.56 -11.84 -18.01
N ASP H 213 68.74 -12.07 -18.58
CA ASP H 213 69.82 -11.10 -18.57
C ASP H 213 70.12 -10.65 -20.00
N LYS H 214 70.38 -9.37 -20.17
CA LYS H 214 70.66 -8.78 -21.47
C LYS H 214 71.90 -7.92 -21.36
N LYS H 215 72.94 -8.27 -22.11
CA LYS H 215 74.14 -7.44 -22.19
C LYS H 215 74.00 -6.45 -23.34
N ILE H 216 74.03 -5.16 -23.02
CA ILE H 216 73.82 -4.11 -24.01
C ILE H 216 75.08 -3.96 -24.84
N GLU H 217 74.91 -3.93 -26.17
CA GLU H 217 76.03 -3.86 -27.09
C GLU H 217 75.90 -2.65 -28.00
N PRO H 218 77.02 -2.06 -28.42
CA PRO H 218 76.97 -0.93 -29.36
C PRO H 218 76.39 -1.32 -30.70
N ASN H 219 76.19 -0.31 -31.54
CA ASN H 219 75.67 -0.51 -32.88
C ASN H 219 76.64 0.02 -33.93
N PHE I 2 -54.82 -20.70 51.46
CA PHE I 2 -53.70 -21.32 50.74
C PHE I 2 -52.37 -20.93 51.37
N GLN I 3 -51.71 -21.89 52.01
CA GLN I 3 -50.43 -21.65 52.65
C GLN I 3 -49.71 -22.98 52.81
N LEU I 4 -48.40 -22.95 52.66
CA LEU I 4 -47.56 -24.14 52.83
C LEU I 4 -46.55 -23.88 53.93
N LEU I 5 -46.44 -24.82 54.86
CA LEU I 5 -45.49 -24.74 55.97
C LEU I 5 -44.45 -25.85 55.83
N GLU I 6 -43.18 -25.49 55.97
CA GLU I 6 -42.08 -26.43 55.87
C GLU I 6 -41.47 -26.69 57.24
N SER I 7 -40.77 -27.82 57.33
CA SER I 7 -40.07 -28.16 58.57
C SER I 7 -38.97 -27.14 58.85
N GLY I 8 -38.57 -27.08 60.12
CA GLY I 8 -37.58 -26.13 60.54
C GLY I 8 -36.20 -26.47 60.02
N PRO I 9 -35.23 -25.59 60.30
CA PRO I 9 -33.87 -25.80 59.81
C PRO I 9 -33.27 -27.08 60.40
N GLU I 10 -32.22 -27.57 59.75
CA GLU I 10 -31.60 -28.83 60.14
C GLU I 10 -30.10 -28.75 59.99
N LEU I 11 -29.38 -29.21 61.03
CA LEU I 11 -27.94 -29.41 60.97
C LEU I 11 -27.67 -30.90 60.98
N VAL I 12 -26.94 -31.38 59.98
CA VAL I 12 -26.68 -32.81 59.84
C VAL I 12 -25.21 -33.00 59.45
N LYS I 13 -24.67 -34.13 59.86
CA LYS I 13 -23.31 -34.50 59.49
C LYS I 13 -23.27 -35.04 58.07
N PRO I 14 -22.15 -34.87 57.36
CA PRO I 14 -22.06 -35.39 55.99
C PRO I 14 -22.24 -36.89 55.94
N GLY I 15 -22.84 -37.36 54.84
CA GLY I 15 -23.15 -38.74 54.63
C GLY I 15 -24.52 -39.18 55.14
N ALA I 16 -25.05 -38.48 56.16
CA ALA I 16 -26.35 -38.81 56.69
C ALA I 16 -27.45 -38.35 55.73
N SER I 17 -28.70 -38.59 56.12
CA SER I 17 -29.86 -38.20 55.35
C SER I 17 -30.74 -37.25 56.15
N VAL I 18 -31.69 -36.62 55.45
CA VAL I 18 -32.64 -35.70 56.06
C VAL I 18 -33.94 -35.78 55.28
N LYS I 19 -35.04 -35.44 55.95
CA LYS I 19 -36.37 -35.48 55.35
C LYS I 19 -37.10 -34.18 55.69
N ILE I 20 -37.45 -33.42 54.64
CA ILE I 20 -38.12 -32.14 54.79
C ILE I 20 -39.61 -32.34 54.51
N SER I 21 -40.46 -31.67 55.30
CA SER I 21 -41.90 -31.76 55.17
C SER I 21 -42.46 -30.46 54.61
N CYS I 22 -43.65 -30.55 54.03
CA CYS I 22 -44.34 -29.40 53.45
C CYS I 22 -45.83 -29.59 53.70
N LYS I 23 -46.35 -28.93 54.73
CA LYS I 23 -47.73 -29.10 55.16
C LYS I 23 -48.61 -28.10 54.41
N ALA I 24 -49.49 -28.61 53.56
CA ALA I 24 -50.41 -27.77 52.81
C ALA I 24 -51.68 -27.52 53.61
N SER I 25 -52.43 -26.51 53.18
CA SER I 25 -53.68 -26.12 53.82
C SER I 25 -54.38 -25.07 52.95
N GLY I 26 -55.70 -25.02 53.05
CA GLY I 26 -56.48 -24.05 52.33
C GLY I 26 -56.91 -24.44 50.93
N TYR I 27 -56.66 -25.68 50.51
CA TYR I 27 -57.02 -26.12 49.18
C TYR I 27 -57.02 -27.64 49.13
N SER I 28 -57.65 -28.18 48.09
CA SER I 28 -57.70 -29.62 47.87
C SER I 28 -56.29 -30.09 47.56
N PHE I 29 -55.64 -30.69 48.56
CA PHE I 29 -54.22 -31.05 48.45
C PHE I 29 -53.95 -31.95 47.24
N THR I 30 -54.86 -32.88 46.95
CA THR I 30 -54.61 -33.90 45.93
C THR I 30 -54.73 -33.36 44.50
N ASP I 31 -55.33 -32.20 44.29
CA ASP I 31 -55.59 -31.71 42.94
C ASP I 31 -54.46 -30.88 42.36
N TYR I 32 -53.49 -30.44 43.16
CA TYR I 32 -52.41 -29.58 42.69
C TYR I 32 -51.07 -30.25 42.96
N ASN I 33 -50.23 -30.28 41.93
CA ASN I 33 -48.90 -30.87 42.06
C ASN I 33 -48.05 -30.05 43.03
N MET I 34 -46.96 -30.66 43.50
CA MET I 34 -46.04 -30.01 44.43
C MET I 34 -44.63 -30.05 43.85
N ASN I 35 -44.05 -28.88 43.66
CA ASN I 35 -42.69 -28.76 43.15
C ASN I 35 -41.73 -28.42 44.29
N TRP I 36 -40.47 -28.81 44.12
CA TRP I 36 -39.43 -28.53 45.09
C TRP I 36 -38.27 -27.81 44.39
N VAL I 37 -37.75 -26.77 45.05
CA VAL I 37 -36.72 -25.91 44.49
C VAL I 37 -35.58 -25.78 45.49
N LYS I 38 -34.36 -25.74 44.98
CA LYS I 38 -33.16 -25.53 45.78
C LYS I 38 -32.58 -24.16 45.47
N GLN I 39 -32.26 -23.39 46.50
CA GLN I 39 -31.60 -22.10 46.37
C GLN I 39 -30.30 -22.14 47.16
N SER I 40 -29.18 -22.17 46.44
CA SER I 40 -27.86 -22.32 47.05
C SER I 40 -27.29 -20.95 47.39
N ASN I 41 -27.03 -20.73 48.68
CA ASN I 41 -26.41 -19.50 49.19
C ASN I 41 -27.11 -18.26 48.64
N GLY I 42 -28.43 -18.34 48.48
CA GLY I 42 -29.19 -17.17 48.10
C GLY I 42 -29.07 -16.78 46.65
N LYS I 43 -28.38 -17.57 45.84
CA LYS I 43 -28.12 -17.23 44.45
C LYS I 43 -29.26 -17.72 43.56
N SER I 44 -28.94 -18.51 42.55
CA SER I 44 -29.92 -18.92 41.56
C SER I 44 -30.83 -20.01 42.12
N LEU I 45 -31.89 -20.30 41.39
CA LEU I 45 -32.88 -21.29 41.79
C LEU I 45 -32.75 -22.53 40.90
N GLU I 46 -32.70 -23.70 41.53
CA GLU I 46 -32.62 -24.97 40.83
C GLU I 46 -33.86 -25.80 41.14
N TRP I 47 -34.54 -26.25 40.09
CA TRP I 47 -35.74 -27.05 40.24
C TRP I 47 -35.37 -28.51 40.50
N ILE I 48 -35.93 -29.07 41.58
CA ILE I 48 -35.60 -30.43 41.99
C ILE I 48 -36.54 -31.42 41.33
N GLY I 49 -37.83 -31.34 41.66
CA GLY I 49 -38.78 -32.28 41.11
C GLY I 49 -40.20 -31.84 41.35
N VAL I 50 -41.14 -32.65 40.85
CA VAL I 50 -42.56 -32.40 41.00
C VAL I 50 -43.26 -33.73 41.24
N ILE I 51 -44.33 -33.68 42.03
CA ILE I 51 -45.10 -34.87 42.38
C ILE I 51 -46.58 -34.60 42.19
N ASN I 52 -47.31 -35.64 41.74
CA ASN I 52 -48.76 -35.59 41.70
C ASN I 52 -49.27 -36.20 43.00
N PRO I 53 -49.80 -35.40 43.93
CA PRO I 53 -50.26 -35.99 45.21
C PRO I 53 -51.40 -36.98 45.06
N ASN I 54 -52.21 -36.84 44.00
CA ASN I 54 -53.32 -37.77 43.80
C ASN I 54 -52.82 -39.13 43.34
N SER I 55 -51.94 -39.16 42.35
CA SER I 55 -51.46 -40.41 41.78
C SER I 55 -50.11 -40.85 42.34
N GLY I 56 -49.37 -39.96 43.00
CA GLY I 56 -48.09 -40.33 43.55
C GLY I 56 -46.96 -40.45 42.55
N THR I 57 -47.18 -40.03 41.31
CA THR I 57 -46.15 -40.11 40.29
C THR I 57 -45.15 -38.96 40.47
N THR I 58 -43.90 -39.23 40.10
CA THR I 58 -42.80 -38.30 40.32
C THR I 58 -42.13 -37.93 39.01
N ASN I 59 -41.50 -36.77 38.99
CA ASN I 59 -40.66 -36.33 37.88
C ASN I 59 -39.47 -35.59 38.46
N TYR I 60 -38.27 -36.14 38.29
CA TYR I 60 -37.07 -35.60 38.90
C TYR I 60 -36.20 -34.88 37.87
N ASN I 61 -35.47 -33.87 38.36
CA ASN I 61 -34.40 -33.26 37.58
C ASN I 61 -33.23 -34.24 37.47
N GLN I 62 -32.67 -34.37 36.28
CA GLN I 62 -31.57 -35.30 36.06
C GLN I 62 -30.39 -35.02 36.99
N LYS I 63 -30.27 -33.79 37.48
CA LYS I 63 -29.24 -33.48 38.47
C LYS I 63 -29.57 -34.00 39.85
N PHE I 64 -30.85 -34.27 40.15
CA PHE I 64 -31.27 -34.70 41.47
C PHE I 64 -32.00 -36.04 41.44
N LYS I 65 -31.71 -36.88 40.44
CA LYS I 65 -32.29 -38.22 40.37
C LYS I 65 -32.10 -39.01 41.66
N ASP I 66 -30.85 -39.35 41.96
CA ASP I 66 -30.52 -40.22 43.09
C ASP I 66 -29.99 -39.44 44.29
N LYS I 67 -30.28 -38.14 44.35
CA LYS I 67 -29.95 -37.31 45.50
C LYS I 67 -31.17 -36.98 46.35
N ALA I 68 -32.33 -36.80 45.72
CA ALA I 68 -33.57 -36.48 46.40
C ALA I 68 -34.63 -37.51 46.06
N THR I 69 -35.47 -37.82 47.05
CA THR I 69 -36.60 -38.72 46.86
C THR I 69 -37.86 -38.02 47.36
N LEU I 70 -38.83 -37.86 46.47
CA LEU I 70 -40.07 -37.15 46.77
C LEU I 70 -41.17 -38.15 47.07
N THR I 71 -41.87 -37.93 48.19
CA THR I 71 -43.01 -38.75 48.60
C THR I 71 -44.13 -37.82 49.04
N VAL I 72 -45.28 -38.41 49.40
CA VAL I 72 -46.45 -37.62 49.77
C VAL I 72 -47.30 -38.42 50.74
N ASP I 73 -47.97 -37.71 51.64
CA ASP I 73 -48.91 -38.28 52.59
C ASP I 73 -50.26 -37.60 52.35
N GLN I 74 -51.17 -38.30 51.65
CA GLN I 74 -52.48 -37.72 51.36
C GLN I 74 -53.31 -37.52 52.62
N SER I 75 -53.08 -38.33 53.66
CA SER I 75 -53.87 -38.22 54.88
C SER I 75 -53.70 -36.85 55.53
N SER I 76 -52.47 -36.43 55.79
CA SER I 76 -52.19 -35.17 56.46
C SER I 76 -51.89 -34.04 55.49
N SER I 77 -52.16 -34.24 54.19
CA SER I 77 -51.91 -33.24 53.16
C SER I 77 -50.50 -32.67 53.27
N THR I 78 -49.52 -33.57 53.20
CA THR I 78 -48.12 -33.23 53.43
C THR I 78 -47.25 -33.85 52.35
N ALA I 79 -46.41 -33.03 51.73
CA ALA I 79 -45.40 -33.50 50.79
C ALA I 79 -44.06 -33.64 51.51
N TYR I 80 -43.22 -34.55 51.02
CA TYR I 80 -41.95 -34.86 51.65
C TYR I 80 -40.85 -34.93 50.60
N MET I 81 -39.66 -34.47 50.99
CA MET I 81 -38.46 -34.60 50.18
C MET I 81 -37.35 -35.13 51.07
N GLN I 82 -36.75 -36.25 50.67
CA GLN I 82 -35.70 -36.90 51.44
C GLN I 82 -34.39 -36.79 50.68
N LEU I 83 -33.38 -36.21 51.31
CA LEU I 83 -32.06 -36.03 50.72
C LEU I 83 -31.10 -37.02 51.36
N ASN I 84 -30.32 -37.71 50.52
CA ASN I 84 -29.41 -38.76 50.98
C ASN I 84 -27.98 -38.45 50.59
N SER I 85 -27.05 -39.10 51.29
CA SER I 85 -25.62 -38.95 51.06
C SER I 85 -25.24 -37.46 51.00
N LEU I 86 -25.48 -36.78 52.11
CA LEU I 86 -25.38 -35.33 52.14
C LEU I 86 -23.92 -34.87 52.21
N THR I 87 -23.61 -33.85 51.42
CA THR I 87 -22.32 -33.20 51.41
C THR I 87 -22.52 -31.70 51.60
N SER I 88 -21.41 -30.96 51.71
CA SER I 88 -21.49 -29.52 51.86
C SER I 88 -22.17 -28.87 50.66
N GLU I 89 -22.08 -29.50 49.48
CA GLU I 89 -22.75 -28.97 48.30
C GLU I 89 -24.26 -28.89 48.49
N ASP I 90 -24.82 -29.78 49.31
CA ASP I 90 -26.27 -29.81 49.54
C ASP I 90 -26.74 -28.76 50.54
N SER I 91 -25.83 -28.11 51.25
CA SER I 91 -26.21 -27.06 52.20
C SER I 91 -26.84 -25.88 51.46
N ALA I 92 -28.12 -25.64 51.72
CA ALA I 92 -28.88 -24.61 51.02
C ALA I 92 -30.28 -24.44 51.60
N VAL I 93 -31.06 -23.54 51.02
CA VAL I 93 -32.45 -23.34 51.37
C VAL I 93 -33.31 -24.06 50.34
N TYR I 94 -34.24 -24.89 50.81
CA TYR I 94 -35.11 -25.67 49.94
C TYR I 94 -36.55 -25.20 50.12
N TYR I 95 -37.22 -24.95 49.00
CA TYR I 95 -38.61 -24.48 49.00
C TYR I 95 -39.51 -25.54 48.39
N CYS I 96 -40.73 -25.64 48.92
CA CYS I 96 -41.79 -26.37 48.25
C CYS I 96 -42.79 -25.35 47.69
N ALA I 97 -43.11 -25.51 46.42
CA ALA I 97 -43.97 -24.56 45.71
C ALA I 97 -45.09 -25.33 45.03
N ARG I 98 -46.32 -24.86 45.22
CA ARG I 98 -47.48 -25.52 44.64
C ARG I 98 -47.56 -25.22 43.15
N GLY I 99 -47.57 -26.25 42.33
CA GLY I 99 -47.81 -26.08 40.92
C GLY I 99 -49.25 -25.71 40.63
N GLY I 100 -49.48 -24.46 40.24
CA GLY I 100 -50.83 -23.99 40.03
C GLY I 100 -51.52 -24.49 38.78
N GLY I 101 -50.84 -25.25 37.94
CA GLY I 101 -51.43 -25.75 36.71
C GLY I 101 -50.88 -25.06 35.47
N PHE I 102 -51.29 -25.59 34.33
CA PHE I 102 -50.88 -25.05 33.03
C PHE I 102 -51.21 -23.56 32.94
N ARG I 103 -50.19 -22.77 32.55
CA ARG I 103 -50.32 -21.33 32.38
C ARG I 103 -50.60 -20.63 33.71
N ARG I 104 -50.10 -21.19 34.82
CA ARG I 104 -50.27 -20.56 36.12
C ARG I 104 -49.00 -20.52 36.97
N GLY I 105 -47.96 -21.27 36.65
CA GLY I 105 -46.72 -21.21 37.41
C GLY I 105 -46.87 -21.71 38.83
N PHE I 106 -45.86 -21.37 39.64
CA PHE I 106 -45.82 -21.76 41.06
C PHE I 106 -46.48 -20.64 41.86
N ASP I 107 -47.76 -20.81 42.16
CA ASP I 107 -48.58 -19.75 42.74
C ASP I 107 -48.54 -19.72 44.27
N SER I 108 -47.69 -20.52 44.91
CA SER I 108 -47.59 -20.52 46.35
C SER I 108 -46.27 -21.16 46.76
N TRP I 109 -45.58 -20.56 47.71
CA TRP I 109 -44.26 -21.01 48.14
C TRP I 109 -44.22 -21.11 49.65
N GLY I 110 -43.62 -22.18 50.15
CA GLY I 110 -43.36 -22.30 51.58
C GLY I 110 -42.26 -21.36 52.02
N GLN I 111 -42.15 -21.20 53.35
CA GLN I 111 -41.16 -20.29 53.90
C GLN I 111 -39.72 -20.76 53.66
N GLY I 112 -39.53 -22.00 53.22
CA GLY I 112 -38.19 -22.52 52.98
C GLY I 112 -37.57 -23.16 54.20
N THR I 113 -36.67 -24.11 53.95
CA THR I 113 -35.97 -24.82 55.01
C THR I 113 -34.47 -24.74 54.74
N THR I 114 -33.72 -24.32 55.75
CA THR I 114 -32.27 -24.16 55.66
C THR I 114 -31.59 -25.41 56.20
N VAL I 115 -30.91 -26.15 55.33
CA VAL I 115 -30.16 -27.33 55.74
C VAL I 115 -28.69 -26.97 55.78
N THR I 116 -27.98 -27.50 56.79
CA THR I 116 -26.56 -27.25 56.96
C THR I 116 -25.85 -28.58 57.11
N VAL I 117 -24.96 -28.90 56.18
CA VAL I 117 -24.19 -30.14 56.20
C VAL I 117 -22.76 -29.76 56.58
N SER I 118 -22.34 -30.14 57.79
CA SER I 118 -21.02 -29.79 58.27
C SER I 118 -20.66 -30.69 59.44
N SER I 119 -19.36 -30.84 59.67
CA SER I 119 -18.84 -31.59 60.81
C SER I 119 -18.75 -30.75 62.08
N ALA I 120 -18.82 -29.43 61.96
CA ALA I 120 -18.73 -28.55 63.12
C ALA I 120 -19.88 -28.82 64.09
N LYS I 121 -19.59 -28.65 65.37
CA LYS I 121 -20.56 -28.86 66.44
C LYS I 121 -21.30 -27.57 66.74
N THR I 122 -22.51 -27.71 67.28
CA THR I 122 -23.28 -26.56 67.72
C THR I 122 -22.53 -25.81 68.80
N THR I 123 -22.29 -24.52 68.59
CA THR I 123 -21.52 -23.72 69.52
C THR I 123 -22.25 -22.41 69.78
N PRO I 124 -22.39 -21.99 71.03
CA PRO I 124 -23.02 -20.71 71.33
C PRO I 124 -22.08 -19.55 71.05
N PRO I 125 -22.62 -18.34 70.87
CA PRO I 125 -21.76 -17.21 70.51
C PRO I 125 -21.07 -16.58 71.71
N SER I 126 -19.91 -15.98 71.43
CA SER I 126 -19.24 -15.09 72.36
C SER I 126 -19.50 -13.66 71.91
N VAL I 127 -20.10 -12.85 72.78
CA VAL I 127 -20.50 -11.49 72.44
C VAL I 127 -19.57 -10.51 73.14
N TYR I 128 -19.16 -9.47 72.40
CA TYR I 128 -18.26 -8.45 72.92
C TYR I 128 -18.84 -7.08 72.60
N PRO I 129 -18.87 -6.17 73.57
CA PRO I 129 -19.44 -4.85 73.31
C PRO I 129 -18.50 -3.98 72.48
N LEU I 130 -19.10 -3.02 71.77
CA LEU I 130 -18.36 -2.08 70.92
C LEU I 130 -18.77 -0.67 71.32
N ALA I 131 -17.96 -0.03 72.16
CA ALA I 131 -18.19 1.31 72.64
C ALA I 131 -17.03 2.22 72.28
N PRO I 132 -17.29 3.52 72.06
CA PRO I 132 -16.19 4.43 71.69
C PRO I 132 -15.28 4.72 72.88
N VAL I 133 -13.99 4.82 72.60
CA VAL I 133 -13.00 5.16 73.61
C VAL I 133 -12.70 6.65 73.61
N ALA I 137 -13.99 10.40 70.28
CA ALA I 137 -14.54 11.60 69.68
C ALA I 137 -16.05 11.67 69.91
N GLN I 138 -16.57 12.89 70.06
CA GLN I 138 -17.99 13.13 70.29
C GLN I 138 -18.55 13.98 69.16
N THR I 139 -19.70 13.57 68.60
CA THR I 139 -20.31 14.29 67.50
C THR I 139 -21.80 14.48 67.77
N ASN I 140 -22.62 14.49 66.72
CA ASN I 140 -24.04 14.79 66.88
C ASN I 140 -24.79 13.58 67.41
N SER I 141 -24.59 12.43 66.79
CA SER I 141 -25.16 11.17 67.24
C SER I 141 -24.04 10.25 67.70
N VAL I 142 -24.42 9.09 68.23
CA VAL I 142 -23.45 8.11 68.72
C VAL I 142 -23.81 6.74 68.15
N THR I 143 -22.80 6.01 67.69
CA THR I 143 -22.96 4.68 67.13
C THR I 143 -22.30 3.67 68.06
N LEU I 144 -23.01 2.58 68.34
CA LEU I 144 -22.53 1.51 69.19
C LEU I 144 -22.68 0.19 68.45
N GLY I 145 -22.10 -0.86 68.99
CA GLY I 145 -22.19 -2.16 68.34
C GLY I 145 -21.95 -3.31 69.30
N CYS I 146 -22.16 -4.51 68.77
CA CYS I 146 -21.87 -5.74 69.49
C CYS I 146 -21.28 -6.75 68.52
N LEU I 147 -20.18 -7.38 68.92
CA LEU I 147 -19.47 -8.35 68.09
C LEU I 147 -19.84 -9.76 68.53
N VAL I 148 -20.35 -10.54 67.58
CA VAL I 148 -20.78 -11.91 67.82
C VAL I 148 -19.81 -12.83 67.09
N LYS I 149 -19.12 -13.69 67.85
CA LYS I 149 -18.05 -14.52 67.30
C LYS I 149 -18.07 -15.91 67.93
N GLY I 150 -17.76 -16.91 67.11
CA GLY I 150 -17.56 -18.27 67.61
C GLY I 150 -18.80 -19.13 67.67
N TYR I 151 -19.87 -18.76 67.00
CA TYR I 151 -21.10 -19.53 67.03
C TYR I 151 -21.27 -20.35 65.75
N PHE I 152 -22.13 -21.37 65.85
CA PHE I 152 -22.47 -22.26 64.74
C PHE I 152 -23.65 -23.12 65.15
N PRO I 153 -24.63 -23.36 64.26
CA PRO I 153 -24.72 -22.80 62.90
C PRO I 153 -25.49 -21.48 62.85
N GLU I 154 -25.74 -21.00 61.62
CA GLU I 154 -26.60 -19.86 61.43
C GLU I 154 -28.04 -20.21 61.81
N PRO I 155 -28.88 -19.19 62.09
CA PRO I 155 -28.57 -17.76 62.21
C PRO I 155 -28.63 -17.26 63.65
N VAL I 156 -28.40 -15.95 63.83
CA VAL I 156 -28.55 -15.30 65.12
C VAL I 156 -29.39 -14.04 64.93
N THR I 157 -29.99 -13.60 66.03
CA THR I 157 -30.89 -12.44 66.02
C THR I 157 -30.44 -11.46 67.09
N VAL I 158 -29.99 -10.28 66.66
CA VAL I 158 -29.59 -9.21 67.56
C VAL I 158 -30.72 -8.19 67.62
N THR I 159 -31.18 -7.89 68.83
CA THR I 159 -32.24 -6.91 69.06
C THR I 159 -31.74 -5.89 70.07
N TRP I 160 -31.79 -4.61 69.70
CA TRP I 160 -31.30 -3.54 70.56
C TRP I 160 -32.43 -2.94 71.38
N ASN I 161 -32.12 -2.58 72.61
CA ASN I 161 -33.05 -1.92 73.52
C ASN I 161 -32.32 -0.73 74.12
N SER I 162 -32.71 0.47 73.71
CA SER I 162 -32.09 1.72 74.14
C SER I 162 -33.14 2.65 74.73
N GLY I 163 -32.67 3.81 75.18
CA GLY I 163 -33.55 4.85 75.70
C GLY I 163 -34.00 5.77 74.59
N SER I 164 -34.12 5.21 73.38
CA SER I 164 -34.49 5.95 72.19
C SER I 164 -35.57 5.17 71.45
N LEU I 165 -36.55 5.91 70.91
CA LEU I 165 -37.66 5.29 70.20
C LEU I 165 -37.24 4.80 68.82
N SER I 166 -36.69 5.70 68.00
CA SER I 166 -36.19 5.36 66.68
C SER I 166 -34.66 5.28 66.71
N SER I 167 -34.11 4.28 66.03
CA SER I 167 -32.67 4.02 66.12
C SER I 167 -32.20 3.38 64.81
N GLY I 168 -31.13 3.96 64.25
CA GLY I 168 -30.48 3.45 63.07
C GLY I 168 -29.70 2.17 63.26
N VAL I 169 -30.36 1.02 63.13
CA VAL I 169 -29.74 -0.28 63.39
C VAL I 169 -29.30 -0.88 62.06
N HIS I 170 -28.16 -1.57 62.08
CA HIS I 170 -27.65 -2.25 60.89
C HIS I 170 -27.13 -3.63 61.30
N THR I 171 -27.59 -4.65 60.59
CA THR I 171 -27.18 -6.03 60.84
C THR I 171 -26.26 -6.49 59.73
N PHE I 172 -25.03 -6.87 60.09
CA PHE I 172 -24.04 -7.29 59.11
C PHE I 172 -24.09 -8.80 58.95
N PRO I 173 -24.23 -9.30 57.71
CA PRO I 173 -24.31 -10.75 57.50
C PRO I 173 -23.14 -11.50 58.13
N ALA I 174 -23.42 -12.75 58.50
CA ALA I 174 -22.41 -13.59 59.13
C ALA I 174 -21.40 -14.10 58.11
N VAL I 175 -20.15 -14.12 58.51
CA VAL I 175 -19.06 -14.63 57.69
C VAL I 175 -18.33 -15.74 58.46
N LEU I 176 -17.78 -16.69 57.71
CA LEU I 176 -17.22 -17.91 58.28
C LEU I 176 -15.71 -17.75 58.42
N GLN I 177 -15.23 -17.77 59.66
CA GLN I 177 -13.80 -17.74 59.96
C GLN I 177 -13.46 -18.81 60.97
N SER I 178 -12.35 -19.51 60.75
CA SER I 178 -11.89 -20.57 61.65
C SER I 178 -12.96 -21.63 61.89
N ASP I 179 -13.78 -21.90 60.87
CA ASP I 179 -14.85 -22.89 60.90
C ASP I 179 -15.98 -22.51 61.85
N LEU I 180 -16.10 -21.22 62.19
CA LEU I 180 -17.18 -20.73 63.02
C LEU I 180 -17.63 -19.37 62.51
N TYR I 181 -18.91 -19.07 62.69
CA TYR I 181 -19.47 -17.84 62.14
C TYR I 181 -19.13 -16.65 63.02
N THR I 182 -19.12 -15.47 62.40
CA THR I 182 -18.86 -14.22 63.11
C THR I 182 -19.77 -13.14 62.54
N LEU I 183 -20.46 -12.43 63.43
CA LEU I 183 -21.40 -11.39 63.04
C LEU I 183 -21.13 -10.13 63.85
N SER I 184 -21.54 -8.99 63.30
CA SER I 184 -21.50 -7.71 63.98
C SER I 184 -22.80 -6.96 63.71
N SER I 185 -23.25 -6.20 64.70
CA SER I 185 -24.45 -5.38 64.58
C SER I 185 -24.17 -4.01 65.15
N SER I 186 -24.66 -2.97 64.47
CA SER I 186 -24.44 -1.59 64.88
C SER I 186 -25.78 -0.90 65.13
N VAL I 187 -25.75 0.13 65.96
CA VAL I 187 -26.93 0.95 66.26
C VAL I 187 -26.49 2.40 66.41
N THR I 188 -27.30 3.32 65.90
CA THR I 188 -27.03 4.74 65.99
C THR I 188 -28.19 5.42 66.69
N VAL I 189 -27.89 6.13 67.79
CA VAL I 189 -28.91 6.78 68.60
C VAL I 189 -28.48 8.23 68.84
N PRO I 190 -29.37 9.11 69.30
CA PRO I 190 -28.94 10.48 69.64
C PRO I 190 -27.93 10.48 70.78
N SER I 191 -27.03 11.47 70.73
CA SER I 191 -26.00 11.59 71.75
C SER I 191 -26.60 11.85 73.13
N SER I 192 -27.71 12.58 73.21
CA SER I 192 -28.30 12.91 74.50
C SER I 192 -28.92 11.71 75.19
N THR I 193 -29.07 10.58 74.51
CA THR I 193 -29.68 9.40 75.12
C THR I 193 -28.64 8.51 75.79
N TRP I 194 -27.49 8.29 75.14
CA TRP I 194 -26.43 7.46 75.69
C TRP I 194 -25.22 8.33 76.06
N PRO I 195 -24.55 8.06 77.19
CA PRO I 195 -24.81 7.00 78.16
C PRO I 195 -25.82 7.38 79.23
N SER I 196 -26.62 8.42 79.01
CA SER I 196 -27.63 8.81 79.97
C SER I 196 -28.76 7.80 80.08
N GLN I 197 -28.87 6.88 79.13
CA GLN I 197 -29.90 5.85 79.15
C GLN I 197 -29.29 4.52 78.72
N SER I 198 -29.69 3.45 79.40
CA SER I 198 -29.09 2.14 79.15
C SER I 198 -29.34 1.69 77.71
N VAL I 199 -28.30 1.12 77.10
CA VAL I 199 -28.38 0.52 75.77
C VAL I 199 -27.88 -0.91 75.88
N THR I 200 -28.67 -1.85 75.36
CA THR I 200 -28.36 -3.27 75.45
C THR I 200 -28.55 -3.93 74.10
N CYS I 201 -27.68 -4.87 73.78
CA CYS I 201 -27.82 -5.73 72.60
C CYS I 201 -28.18 -7.13 73.08
N ASN I 202 -29.25 -7.69 72.54
CA ASN I 202 -29.74 -9.00 72.92
C ASN I 202 -29.51 -9.95 71.75
N VAL I 203 -28.54 -10.86 71.91
CA VAL I 203 -28.16 -11.80 70.87
C VAL I 203 -28.80 -13.14 71.17
N ALA I 204 -29.66 -13.60 70.26
CA ALA I 204 -30.37 -14.85 70.43
C ALA I 204 -29.83 -15.87 69.43
N HIS I 205 -29.39 -17.02 69.95
CA HIS I 205 -28.91 -18.13 69.13
C HIS I 205 -29.80 -19.34 69.42
N PRO I 206 -30.89 -19.52 68.67
CA PRO I 206 -31.81 -20.63 68.96
C PRO I 206 -31.17 -22.00 68.79
N ALA I 207 -30.22 -22.15 67.85
CA ALA I 207 -29.59 -23.44 67.62
C ALA I 207 -28.98 -24.00 68.90
N SER I 208 -28.31 -23.15 69.68
CA SER I 208 -27.76 -23.54 70.96
C SER I 208 -28.69 -23.23 72.12
N SER I 209 -29.83 -22.58 71.86
CA SER I 209 -30.80 -22.22 72.89
C SER I 209 -30.18 -21.28 73.91
N THR I 210 -29.53 -20.23 73.42
CA THR I 210 -28.79 -19.29 74.25
C THR I 210 -29.13 -17.87 73.84
N ALA I 211 -29.46 -17.04 74.83
CA ALA I 211 -29.68 -15.61 74.64
C ALA I 211 -28.71 -14.86 75.55
N VAL I 212 -27.88 -14.00 74.96
CA VAL I 212 -26.87 -13.25 75.69
C VAL I 212 -27.17 -11.76 75.57
N ASP I 213 -27.07 -11.06 76.69
CA ASP I 213 -27.32 -9.63 76.75
C ASP I 213 -26.05 -8.89 77.15
N LYS I 214 -25.80 -7.76 76.49
CA LYS I 214 -24.63 -6.93 76.74
C LYS I 214 -25.06 -5.48 76.91
N LYS I 215 -24.80 -4.92 78.08
CA LYS I 215 -25.06 -3.51 78.33
C LYS I 215 -23.81 -2.70 77.97
N ILE I 216 -23.96 -1.78 77.03
CA ILE I 216 -22.83 -0.99 76.55
C ILE I 216 -22.48 0.06 77.58
N GLU I 217 -21.19 0.17 77.90
CA GLU I 217 -20.69 1.08 78.92
C GLU I 217 -19.66 2.02 78.34
N PRO I 218 -19.57 3.25 78.86
CA PRO I 218 -18.55 4.19 78.38
C PRO I 218 -17.14 3.68 78.68
N ASN I 219 -16.16 4.41 78.16
CA ASN I 219 -14.76 4.09 78.36
C ASN I 219 -14.02 5.26 79.00
N PHE J 2 21.58 45.63 -15.13
CA PHE J 2 22.91 45.15 -14.78
C PHE J 2 23.37 44.14 -15.82
N GLN J 3 24.36 44.50 -16.64
CA GLN J 3 24.83 43.59 -17.66
C GLN J 3 26.26 43.94 -18.05
N LEU J 4 27.08 42.91 -18.27
CA LEU J 4 28.44 43.06 -18.73
C LEU J 4 28.61 42.24 -20.00
N LEU J 5 29.19 42.86 -21.04
CA LEU J 5 29.47 42.16 -22.29
C LEU J 5 30.97 42.13 -22.51
N GLU J 6 31.50 40.95 -22.84
CA GLU J 6 32.93 40.78 -23.06
C GLU J 6 33.22 40.59 -24.54
N SER J 7 34.46 40.86 -24.91
CA SER J 7 34.91 40.64 -26.28
C SER J 7 34.84 39.17 -26.65
N GLY J 8 34.79 38.90 -27.95
CA GLY J 8 34.67 37.55 -28.42
C GLY J 8 35.95 36.75 -28.19
N PRO J 9 35.90 35.46 -28.53
CA PRO J 9 37.06 34.60 -28.32
C PRO J 9 38.26 35.05 -29.16
N GLU J 10 39.44 34.60 -28.74
CA GLU J 10 40.68 35.02 -29.39
C GLU J 10 41.64 33.85 -29.49
N LEU J 11 42.23 33.67 -30.67
CA LEU J 11 43.32 32.75 -30.89
C LEU J 11 44.60 33.55 -31.15
N VAL J 12 45.63 33.29 -30.34
CA VAL J 12 46.87 34.03 -30.41
C VAL J 12 48.04 33.06 -30.30
N LYS J 13 49.16 33.43 -30.89
CA LYS J 13 50.37 32.60 -30.79
C LYS J 13 51.02 32.79 -29.43
N PRO J 14 51.72 31.77 -28.93
CA PRO J 14 52.39 31.90 -27.63
C PRO J 14 53.43 33.02 -27.64
N GLY J 15 53.58 33.66 -26.49
CA GLY J 15 54.48 34.79 -26.34
C GLY J 15 53.84 36.13 -26.63
N ALA J 16 52.81 36.16 -27.46
CA ALA J 16 52.13 37.41 -27.77
C ALA J 16 51.28 37.86 -26.59
N SER J 17 50.59 38.99 -26.76
CA SER J 17 49.73 39.54 -25.74
C SER J 17 48.30 39.67 -26.26
N VAL J 18 47.36 39.90 -25.33
CA VAL J 18 45.95 40.08 -25.67
C VAL J 18 45.34 41.02 -24.66
N LYS J 19 44.28 41.71 -25.06
CA LYS J 19 43.58 42.66 -24.20
C LYS J 19 42.09 42.40 -24.33
N ILE J 20 41.45 42.04 -23.22
CA ILE J 20 40.03 41.71 -23.19
C ILE J 20 39.25 42.90 -22.65
N SER J 21 38.08 43.15 -23.23
CA SER J 21 37.22 44.25 -22.84
C SER J 21 36.00 43.73 -22.08
N CYS J 22 35.40 44.62 -21.30
CA CYS J 22 34.22 44.28 -20.49
C CYS J 22 33.32 45.51 -20.47
N LYS J 23 32.29 45.50 -21.31
CA LYS J 23 31.40 46.66 -21.48
C LYS J 23 30.26 46.55 -20.48
N ALA J 24 30.23 47.47 -19.52
CA ALA J 24 29.17 47.51 -18.52
C ALA J 24 27.99 48.32 -19.03
N SER J 25 26.85 48.15 -18.34
CA SER J 25 25.62 48.85 -18.67
C SER J 25 24.59 48.59 -17.58
N GLY J 26 23.69 49.54 -17.40
CA GLY J 26 22.60 49.40 -16.44
C GLY J 26 22.92 49.85 -15.03
N TYR J 27 24.08 50.46 -14.80
CA TYR J 27 24.44 50.91 -13.47
C TYR J 27 25.57 51.92 -13.57
N SER J 28 25.77 52.65 -12.48
CA SER J 28 26.85 53.63 -12.38
C SER J 28 28.19 52.89 -12.42
N PHE J 29 28.83 52.91 -13.57
CA PHE J 29 30.03 52.11 -13.80
C PHE J 29 31.11 52.42 -12.77
N THR J 30 31.28 53.68 -12.39
CA THR J 30 32.40 54.08 -11.55
C THR J 30 32.22 53.70 -10.08
N ASP J 31 31.00 53.36 -9.66
CA ASP J 31 30.73 53.11 -8.25
C ASP J 31 30.95 51.67 -7.82
N TYR J 32 31.08 50.73 -8.76
CA TYR J 32 31.25 49.32 -8.45
C TYR J 32 32.55 48.82 -9.03
N ASN J 33 33.33 48.14 -8.20
CA ASN J 33 34.61 47.59 -8.63
C ASN J 33 34.40 46.48 -9.67
N MET J 34 35.48 46.14 -10.37
CA MET J 34 35.45 45.10 -11.38
C MET J 34 36.51 44.06 -11.04
N ASN J 35 36.09 42.82 -10.84
CA ASN J 35 36.98 41.71 -10.58
C ASN J 35 37.13 40.85 -11.83
N TRP J 36 38.27 40.18 -11.94
CA TRP J 36 38.54 39.28 -13.06
C TRP J 36 38.91 37.91 -12.52
N VAL J 37 38.35 36.87 -13.13
CA VAL J 37 38.50 35.50 -12.68
C VAL J 37 38.91 34.63 -13.86
N LYS J 38 39.76 33.65 -13.61
CA LYS J 38 40.19 32.68 -14.61
C LYS J 38 39.58 31.33 -14.28
N GLN J 39 38.96 30.71 -15.28
CA GLN J 39 38.41 29.36 -15.19
C GLN J 39 39.04 28.53 -16.30
N SER J 40 39.88 27.56 -15.92
CA SER J 40 40.61 26.77 -16.90
C SER J 40 39.76 25.59 -17.33
N ASN J 41 39.33 25.61 -18.58
CA ASN J 41 38.59 24.52 -19.21
C ASN J 41 37.45 24.00 -18.32
N GLY J 42 36.79 24.92 -17.63
CA GLY J 42 35.59 24.60 -16.87
C GLY J 42 35.79 24.03 -15.48
N LYS J 43 37.02 23.97 -14.98
CA LYS J 43 37.23 23.43 -13.63
C LYS J 43 37.14 24.52 -12.57
N SER J 44 38.18 24.68 -11.76
CA SER J 44 38.12 25.59 -10.62
C SER J 44 38.26 27.04 -11.08
N LEU J 45 37.98 27.95 -10.14
CA LEU J 45 38.04 29.39 -10.39
C LEU J 45 39.23 30.00 -9.66
N GLU J 46 40.01 30.80 -10.38
CA GLU J 46 41.15 31.51 -9.81
C GLU J 46 40.92 33.01 -9.94
N TRP J 47 41.00 33.71 -8.82
CA TRP J 47 40.80 35.15 -8.81
C TRP J 47 42.08 35.87 -9.25
N ILE J 48 41.95 36.74 -10.25
CA ILE J 48 43.10 37.43 -10.84
C ILE J 48 43.34 38.74 -10.10
N GLY J 49 42.39 39.66 -10.21
CA GLY J 49 42.57 40.96 -9.61
C GLY J 49 41.27 41.74 -9.58
N VAL J 50 41.36 42.94 -9.03
CA VAL J 50 40.22 43.85 -8.94
C VAL J 50 40.71 45.26 -9.24
N ILE J 51 39.83 46.06 -9.85
CA ILE J 51 40.16 47.43 -10.26
C ILE J 51 39.05 48.34 -9.77
N ASN J 52 39.43 49.54 -9.32
CA ASN J 52 38.47 50.58 -8.97
C ASN J 52 38.26 51.45 -10.20
N PRO J 53 37.12 51.36 -10.89
CA PRO J 53 36.93 52.17 -12.11
C PRO J 53 36.97 53.67 -11.84
N ASN J 54 36.60 54.10 -10.63
CA ASN J 54 36.60 55.53 -10.33
C ASN J 54 38.02 56.05 -10.16
N SER J 55 38.83 55.38 -9.35
CA SER J 55 40.19 55.83 -9.05
C SER J 55 41.27 55.13 -9.86
N GLY J 56 40.96 54.00 -10.49
CA GLY J 56 41.95 53.29 -11.28
C GLY J 56 42.98 52.51 -10.49
N THR J 57 42.79 52.38 -9.18
CA THR J 57 43.73 51.62 -8.35
C THR J 57 43.48 50.13 -8.51
N THR J 58 44.55 49.34 -8.43
CA THR J 58 44.51 47.91 -8.73
C THR J 58 44.93 47.11 -7.51
N ASN J 59 44.46 45.86 -7.47
CA ASN J 59 44.90 44.87 -6.48
C ASN J 59 44.97 43.53 -7.19
N TYR J 60 46.18 43.00 -7.33
CA TYR J 60 46.42 41.79 -8.11
C TYR J 60 46.67 40.60 -7.20
N ASN J 61 46.31 39.42 -7.68
CA ASN J 61 46.73 38.18 -7.04
C ASN J 61 48.23 38.00 -7.27
N GLN J 62 48.95 37.64 -6.21
CA GLN J 62 50.39 37.49 -6.31
C GLN J 62 50.80 36.47 -7.36
N LYS J 63 49.90 35.56 -7.72
CA LYS J 63 50.15 34.64 -8.82
C LYS J 63 50.06 35.32 -10.18
N PHE J 64 49.43 36.49 -10.25
CA PHE J 64 49.20 37.20 -11.49
C PHE J 64 49.83 38.60 -11.49
N LYS J 65 50.92 38.80 -10.77
CA LYS J 65 51.62 40.08 -10.77
C LYS J 65 51.93 40.56 -12.19
N ASP J 66 52.82 39.84 -12.87
CA ASP J 66 53.31 40.25 -14.18
C ASP J 66 52.67 39.47 -15.32
N LYS J 67 51.50 38.88 -15.08
CA LYS J 67 50.76 38.19 -16.14
C LYS J 67 49.57 38.99 -16.63
N ALA J 68 48.88 39.71 -15.74
CA ALA J 68 47.72 40.49 -16.09
C ALA J 68 47.90 41.94 -15.63
N THR J 69 47.42 42.88 -16.45
CA THR J 69 47.41 44.30 -16.10
C THR J 69 46.01 44.83 -16.33
N LEU J 70 45.41 45.39 -15.29
CA LEU J 70 44.02 45.85 -15.34
C LEU J 70 43.98 47.35 -15.56
N THR J 71 43.18 47.79 -16.53
CA THR J 71 42.95 49.19 -16.83
C THR J 71 41.45 49.41 -16.99
N VAL J 72 41.06 50.66 -17.21
CA VAL J 72 39.64 51.01 -17.29
C VAL J 72 39.47 52.24 -18.15
N ASP J 73 38.34 52.31 -18.85
CA ASP J 73 37.95 53.46 -19.66
C ASP J 73 36.62 53.95 -19.11
N GLN J 74 36.66 55.02 -18.32
CA GLN J 74 35.44 55.57 -17.73
C GLN J 74 34.50 56.14 -18.77
N SER J 75 35.03 56.60 -19.91
CA SER J 75 34.19 57.20 -20.94
C SER J 75 33.15 56.21 -21.46
N SER J 76 33.60 55.05 -21.91
CA SER J 76 32.71 54.04 -22.48
C SER J 76 32.29 52.99 -21.46
N SER J 77 32.52 53.22 -20.17
CA SER J 77 32.17 52.29 -19.10
C SER J 77 32.66 50.88 -19.42
N THR J 78 33.98 50.78 -19.65
CA THR J 78 34.60 49.54 -20.09
C THR J 78 35.83 49.25 -19.25
N ALA J 79 35.92 48.03 -18.74
CA ALA J 79 37.11 47.54 -18.05
C ALA J 79 37.95 46.72 -19.01
N TYR J 80 39.25 46.70 -18.76
CA TYR J 80 40.19 46.02 -19.64
C TYR J 80 41.18 45.20 -18.82
N MET J 81 41.54 44.03 -19.37
CA MET J 81 42.58 43.18 -18.81
C MET J 81 43.53 42.78 -19.92
N GLN J 82 44.82 43.04 -19.73
CA GLN J 82 45.83 42.75 -20.72
C GLN J 82 46.73 41.63 -20.20
N LEU J 83 46.82 40.55 -20.97
CA LEU J 83 47.64 39.39 -20.62
C LEU J 83 48.86 39.36 -21.51
N ASN J 84 50.04 39.15 -20.91
CA ASN J 84 51.30 39.19 -21.62
C ASN J 84 52.04 37.87 -21.46
N SER J 85 52.99 37.63 -22.36
CA SER J 85 53.82 36.43 -22.37
C SER J 85 52.96 35.17 -22.25
N LEU J 86 52.10 34.99 -23.24
CA LEU J 86 51.07 33.94 -23.18
C LEU J 86 51.66 32.58 -23.48
N THR J 87 51.26 31.59 -22.67
CA THR J 87 51.62 30.19 -22.84
C THR J 87 50.35 29.36 -22.85
N SER J 88 50.50 28.05 -23.09
CA SER J 88 49.35 27.16 -23.14
C SER J 88 48.59 27.13 -21.81
N GLU J 89 49.28 27.34 -20.68
CA GLU J 89 48.58 27.40 -19.39
C GLU J 89 47.57 28.54 -19.34
N ASP J 90 47.81 29.61 -20.10
CA ASP J 90 46.90 30.74 -20.08
C ASP J 90 45.64 30.49 -20.91
N SER J 91 45.63 29.42 -21.71
CA SER J 91 44.43 29.08 -22.46
C SER J 91 43.30 28.71 -21.51
N ALA J 92 42.24 29.52 -21.50
CA ALA J 92 41.14 29.34 -20.57
C ALA J 92 40.01 30.33 -20.85
N VAL J 93 38.95 30.26 -20.05
CA VAL J 93 37.85 31.22 -20.11
C VAL J 93 38.05 32.24 -19.00
N TYR J 94 38.00 33.52 -19.36
CA TYR J 94 38.20 34.61 -18.41
C TYR J 94 36.92 35.40 -18.29
N TYR J 95 36.49 35.66 -17.05
CA TYR J 95 35.27 36.38 -16.75
C TYR J 95 35.58 37.71 -16.09
N CYS J 96 34.79 38.72 -16.41
CA CYS J 96 34.76 39.95 -15.62
C CYS J 96 33.49 39.95 -14.78
N ALA J 97 33.65 40.18 -13.49
CA ALA J 97 32.54 40.12 -12.55
C ALA J 97 32.50 41.39 -11.73
N ARG J 98 31.32 41.99 -11.63
CA ARG J 98 31.17 43.23 -10.87
C ARG J 98 31.18 42.93 -9.39
N GLY J 99 32.10 43.57 -8.67
CA GLY J 99 32.10 43.49 -7.22
C GLY J 99 30.93 44.25 -6.63
N GLY J 100 29.95 43.53 -6.09
CA GLY J 100 28.75 44.16 -5.58
C GLY J 100 28.91 44.90 -4.27
N GLY J 101 30.10 44.88 -3.68
CA GLY J 101 30.36 45.51 -2.41
C GLY J 101 30.58 44.50 -1.30
N PHE J 102 31.00 45.02 -0.15
CA PHE J 102 31.28 44.18 1.01
C PHE J 102 30.05 43.34 1.36
N ARG J 103 30.27 42.03 1.50
CA ARG J 103 29.21 41.08 1.87
C ARG J 103 28.12 41.00 0.80
N ARG J 104 28.52 41.17 -0.46
CA ARG J 104 27.63 41.01 -1.59
C ARG J 104 28.21 40.18 -2.71
N GLY J 105 29.51 39.91 -2.70
CA GLY J 105 30.10 39.04 -3.69
C GLY J 105 30.05 39.62 -5.10
N PHE J 106 30.28 38.74 -6.07
CA PHE J 106 30.30 39.11 -7.48
C PHE J 106 28.86 38.93 -7.99
N ASP J 107 28.11 40.03 -8.02
CA ASP J 107 26.68 39.99 -8.28
C ASP J 107 26.33 40.09 -9.76
N SER J 108 27.32 40.06 -10.64
CA SER J 108 27.07 40.10 -12.07
C SER J 108 28.31 39.58 -12.79
N TRP J 109 28.09 38.73 -13.79
CA TRP J 109 29.18 38.10 -14.53
C TRP J 109 28.96 38.25 -16.02
N GLY J 110 30.03 38.57 -16.73
CA GLY J 110 29.98 38.57 -18.18
C GLY J 110 29.93 37.15 -18.73
N GLN J 111 29.60 37.06 -20.02
CA GLN J 111 29.49 35.74 -20.64
C GLN J 111 30.82 35.01 -20.73
N GLY J 112 31.93 35.70 -20.47
CA GLY J 112 33.23 35.06 -20.53
C GLY J 112 33.85 35.11 -21.91
N THR J 113 35.17 35.10 -21.94
CA THR J 113 35.94 35.12 -23.18
C THR J 113 36.91 33.95 -23.18
N THR J 114 36.91 33.18 -24.27
CA THR J 114 37.74 32.00 -24.41
C THR J 114 39.00 32.40 -25.18
N VAL J 115 40.14 32.33 -24.51
CA VAL J 115 41.44 32.60 -25.14
C VAL J 115 42.11 31.27 -25.41
N THR J 116 42.77 31.17 -26.57
CA THR J 116 43.46 29.95 -26.99
C THR J 116 44.88 30.31 -27.38
N VAL J 117 45.84 29.75 -26.65
CA VAL J 117 47.26 29.97 -26.91
C VAL J 117 47.79 28.70 -27.56
N SER J 118 48.07 28.77 -28.87
CA SER J 118 48.54 27.60 -29.60
C SER J 118 49.14 28.06 -30.92
N SER J 119 50.01 27.22 -31.47
CA SER J 119 50.61 27.48 -32.78
C SER J 119 49.74 26.99 -33.92
N ALA J 120 48.74 26.14 -33.64
CA ALA J 120 47.88 25.63 -34.70
C ALA J 120 47.14 26.76 -35.39
N LYS J 121 46.93 26.61 -36.69
CA LYS J 121 46.26 27.61 -37.50
C LYS J 121 44.77 27.32 -37.60
N THR J 122 43.99 28.36 -37.88
CA THR J 122 42.56 28.21 -38.09
C THR J 122 42.28 27.28 -39.26
N THR J 123 41.52 26.23 -39.00
CA THR J 123 41.21 25.23 -40.01
C THR J 123 39.71 24.92 -39.98
N PRO J 124 39.04 24.87 -41.12
CA PRO J 124 37.63 24.52 -41.14
C PRO J 124 37.43 23.02 -40.93
N PRO J 125 36.25 22.60 -40.52
CA PRO J 125 36.03 21.18 -40.21
C PRO J 125 35.74 20.34 -41.44
N SER J 126 36.12 19.06 -41.34
CA SER J 126 35.69 18.04 -42.28
C SER J 126 34.58 17.22 -41.63
N VAL J 127 33.41 17.21 -42.28
CA VAL J 127 32.22 16.56 -41.74
C VAL J 127 31.93 15.30 -42.54
N TYR J 128 31.60 14.22 -41.82
CA TYR J 128 31.29 12.93 -42.43
C TYR J 128 29.98 12.41 -41.85
N PRO J 129 29.05 11.95 -42.68
CA PRO J 129 27.77 11.46 -42.16
C PRO J 129 27.92 10.11 -41.48
N LEU J 130 26.98 9.83 -40.56
CA LEU J 130 26.95 8.58 -39.81
C LEU J 130 25.56 7.97 -39.99
N ALA J 131 25.44 7.03 -40.91
CA ALA J 131 24.20 6.34 -41.19
C ALA J 131 24.37 4.83 -41.04
N PRO J 132 23.33 4.12 -40.61
CA PRO J 132 23.44 2.66 -40.45
C PRO J 132 23.46 1.97 -41.81
N VAL J 133 24.26 0.91 -41.90
CA VAL J 133 24.36 0.12 -43.13
C VAL J 133 23.44 -1.10 -43.05
N ALA J 137 20.59 -3.83 -38.78
CA ALA J 137 19.23 -4.13 -38.37
C ALA J 137 18.43 -2.86 -38.10
N GLN J 138 17.14 -2.92 -38.36
CA GLN J 138 16.22 -1.80 -38.16
C GLN J 138 15.23 -2.17 -37.05
N THR J 139 15.05 -1.26 -36.11
CA THR J 139 14.23 -1.52 -34.92
C THR J 139 13.24 -0.40 -34.69
N ASN J 140 12.99 -0.06 -33.43
CA ASN J 140 11.91 0.88 -33.11
C ASN J 140 12.30 2.31 -33.49
N SER J 141 13.47 2.76 -33.07
CA SER J 141 13.96 4.07 -33.44
C SER J 141 15.20 3.94 -34.32
N VAL J 142 15.66 5.08 -34.83
CA VAL J 142 16.85 5.13 -35.67
C VAL J 142 17.74 6.26 -35.16
N THR J 143 19.04 5.98 -35.07
CA THR J 143 20.02 6.96 -34.62
C THR J 143 20.95 7.30 -35.77
N LEU J 144 21.19 8.59 -35.97
CA LEU J 144 22.09 9.10 -37.00
C LEU J 144 23.10 10.02 -36.35
N GLY J 145 24.13 10.38 -37.11
CA GLY J 145 25.16 11.25 -36.56
C GLY J 145 25.95 11.94 -37.63
N CYS J 146 26.81 12.86 -37.19
CA CYS J 146 27.77 13.52 -38.06
C CYS J 146 29.08 13.66 -37.31
N LEU J 147 30.17 13.29 -37.96
CA LEU J 147 31.50 13.31 -37.37
C LEU J 147 32.25 14.54 -37.87
N VAL J 148 32.69 15.38 -36.93
CA VAL J 148 33.40 16.62 -37.22
C VAL J 148 34.85 16.46 -36.79
N LYS J 149 35.77 16.58 -37.75
CA LYS J 149 37.19 16.34 -37.49
C LYS J 149 38.04 17.34 -38.26
N GLY J 150 39.15 17.72 -37.64
CA GLY J 150 40.15 18.53 -38.31
C GLY J 150 39.95 20.03 -38.21
N TYR J 151 39.14 20.51 -37.28
CA TYR J 151 38.90 21.93 -37.14
C TYR J 151 39.67 22.50 -35.97
N PHE J 152 39.84 23.83 -35.99
CA PHE J 152 40.52 24.56 -34.95
C PHE J 152 40.32 26.06 -35.17
N PRO J 153 40.06 26.84 -34.11
CA PRO J 153 39.90 26.38 -32.73
C PRO J 153 38.46 26.03 -32.37
N GLU J 154 38.22 25.75 -31.10
CA GLU J 154 36.87 25.56 -30.60
C GLU J 154 36.10 26.88 -30.65
N PRO J 155 34.76 26.82 -30.64
CA PRO J 155 33.89 25.65 -30.70
C PRO J 155 33.17 25.50 -32.03
N VAL J 156 32.33 24.46 -32.14
CA VAL J 156 31.46 24.26 -33.30
C VAL J 156 30.04 24.01 -32.81
N THR J 157 29.08 24.27 -33.69
CA THR J 157 27.67 24.16 -33.36
C THR J 157 26.99 23.26 -34.40
N VAL J 158 26.49 22.11 -33.95
CA VAL J 158 25.77 21.17 -34.80
C VAL J 158 24.28 21.34 -34.51
N THR J 159 23.50 21.60 -35.56
CA THR J 159 22.05 21.74 -35.46
C THR J 159 21.40 20.81 -36.46
N TRP J 160 20.51 19.96 -35.97
CA TRP J 160 19.84 18.96 -36.80
C TRP J 160 18.50 19.47 -37.30
N ASN J 161 18.16 19.06 -38.52
CA ASN J 161 16.87 19.40 -39.14
C ASN J 161 16.27 18.11 -39.68
N SER J 162 15.22 17.64 -39.03
CA SER J 162 14.53 16.41 -39.38
C SER J 162 13.05 16.70 -39.63
N GLY J 163 12.31 15.66 -40.01
CA GLY J 163 10.88 15.81 -40.18
C GLY J 163 10.10 15.50 -38.92
N SER J 164 10.73 15.72 -37.77
CA SER J 164 10.12 15.49 -36.48
C SER J 164 10.48 16.66 -35.55
N LEU J 165 9.50 17.12 -34.77
CA LEU J 165 9.80 18.20 -33.84
C LEU J 165 10.51 17.71 -32.60
N SER J 166 10.55 16.41 -32.37
CA SER J 166 11.30 15.81 -31.27
C SER J 166 12.55 15.17 -31.83
N SER J 167 13.68 15.38 -31.15
CA SER J 167 14.99 15.01 -31.69
C SER J 167 15.93 14.74 -30.52
N GLY J 168 15.96 13.48 -30.09
CA GLY J 168 16.88 13.10 -29.04
C GLY J 168 18.32 13.22 -29.50
N VAL J 169 18.85 14.44 -29.36
CA VAL J 169 20.18 14.81 -29.85
C VAL J 169 21.17 14.77 -28.70
N HIS J 170 22.40 14.39 -29.01
CA HIS J 170 23.48 14.38 -28.04
C HIS J 170 24.72 14.98 -28.69
N THR J 171 25.31 15.97 -28.03
CA THR J 171 26.50 16.65 -28.51
C THR J 171 27.70 16.19 -27.67
N PHE J 172 28.67 15.58 -28.32
CA PHE J 172 29.83 15.04 -27.62
C PHE J 172 30.96 16.05 -27.59
N PRO J 173 31.52 16.36 -26.43
CA PRO J 173 32.60 17.34 -26.35
C PRO J 173 33.76 17.00 -27.27
N ALA J 174 34.46 18.03 -27.72
CA ALA J 174 35.57 17.86 -28.65
C ALA J 174 36.80 17.33 -27.94
N VAL J 175 37.52 16.45 -28.62
CA VAL J 175 38.76 15.88 -28.11
C VAL J 175 39.87 16.19 -29.11
N LEU J 176 41.08 16.34 -28.58
CA LEU J 176 42.22 16.81 -29.35
C LEU J 176 43.05 15.63 -29.82
N GLN J 177 43.12 15.45 -31.14
CA GLN J 177 43.95 14.44 -31.79
C GLN J 177 44.75 15.08 -32.91
N SER J 178 46.03 14.73 -32.98
CA SER J 178 46.93 15.21 -34.02
C SER J 178 46.94 16.74 -34.09
N ASP J 179 46.78 17.39 -32.94
CA ASP J 179 46.76 18.84 -32.80
C ASP J 179 45.53 19.48 -33.46
N LEU J 180 44.46 18.72 -33.64
CA LEU J 180 43.21 19.25 -34.17
C LEU J 180 42.04 18.62 -33.45
N TYR J 181 40.96 19.38 -33.32
CA TYR J 181 39.81 18.94 -32.54
C TYR J 181 38.94 17.98 -33.34
N THR J 182 38.20 17.14 -32.62
CA THR J 182 37.28 16.19 -33.22
C THR J 182 36.01 16.12 -32.38
N LEU J 183 34.87 16.27 -33.04
CA LEU J 183 33.58 16.26 -32.37
C LEU J 183 32.63 15.31 -33.10
N SER J 184 31.64 14.83 -32.36
CA SER J 184 30.57 14.03 -32.92
C SER J 184 29.24 14.46 -32.31
N SER J 185 28.19 14.38 -33.12
CA SER J 185 26.84 14.70 -32.68
C SER J 185 25.91 13.62 -33.17
N SER J 186 24.98 13.20 -32.31
CA SER J 186 24.03 12.14 -32.63
C SER J 186 22.60 12.66 -32.50
N VAL J 187 21.70 12.01 -33.21
CA VAL J 187 20.28 12.33 -33.16
C VAL J 187 19.48 11.03 -33.27
N THR J 188 18.41 10.94 -32.49
CA THR J 188 17.53 9.78 -32.48
C THR J 188 16.12 10.23 -32.85
N VAL J 189 15.57 9.65 -33.91
CA VAL J 189 14.25 10.02 -34.40
C VAL J 189 13.43 8.76 -34.61
N PRO J 190 12.11 8.84 -34.75
CA PRO J 190 11.32 7.64 -35.05
C PRO J 190 11.71 7.02 -36.39
N SER J 191 11.58 5.69 -36.46
CA SER J 191 11.94 4.97 -37.67
C SER J 191 11.07 5.38 -38.85
N SER J 192 9.79 5.69 -38.60
CA SER J 192 8.88 6.03 -39.69
C SER J 192 9.19 7.37 -40.34
N THR J 193 10.06 8.18 -39.75
CA THR J 193 10.38 9.49 -40.30
C THR J 193 11.54 9.43 -41.29
N TRP J 194 12.60 8.68 -40.97
CA TRP J 194 13.75 8.53 -41.84
C TRP J 194 13.81 7.11 -42.40
N PRO J 195 14.18 6.94 -43.69
CA PRO J 195 14.57 7.99 -44.65
C PRO J 195 13.39 8.60 -45.42
N SER J 196 12.17 8.43 -44.89
CA SER J 196 11.01 9.01 -45.54
C SER J 196 10.98 10.53 -45.45
N GLN J 197 11.82 11.13 -44.60
CA GLN J 197 11.90 12.57 -44.46
C GLN J 197 13.37 12.97 -44.33
N SER J 198 13.74 14.06 -45.00
CA SER J 198 15.13 14.49 -45.03
C SER J 198 15.64 14.83 -43.64
N VAL J 199 16.87 14.39 -43.34
CA VAL J 199 17.56 14.72 -42.11
C VAL J 199 18.91 15.33 -42.48
N THR J 200 19.23 16.48 -41.90
CA THR J 200 20.45 17.20 -42.20
C THR J 200 21.12 17.65 -40.91
N CYS J 201 22.44 17.59 -40.87
CA CYS J 201 23.23 18.15 -39.78
C CYS J 201 23.93 19.42 -40.28
N ASN J 202 23.77 20.52 -39.54
CA ASN J 202 24.34 21.80 -39.91
C ASN J 202 25.45 22.12 -38.92
N VAL J 203 26.70 22.05 -39.38
CA VAL J 203 27.87 22.28 -38.55
C VAL J 203 28.36 23.69 -38.83
N ALA J 204 28.36 24.53 -37.79
CA ALA J 204 28.79 25.91 -37.90
C ALA J 204 30.11 26.10 -37.18
N HIS J 205 31.11 26.62 -37.89
CA HIS J 205 32.42 26.94 -37.33
C HIS J 205 32.65 28.43 -37.54
N PRO J 206 32.25 29.28 -36.59
CA PRO J 206 32.40 30.73 -36.78
C PRO J 206 33.84 31.19 -36.92
N ALA J 207 34.79 30.52 -36.24
CA ALA J 207 36.18 30.93 -36.31
C ALA J 207 36.68 30.98 -37.75
N SER J 208 36.31 29.98 -38.55
CA SER J 208 36.64 29.96 -39.97
C SER J 208 35.54 30.53 -40.85
N SER J 209 34.40 30.90 -40.26
CA SER J 209 33.26 31.47 -40.99
C SER J 209 32.72 30.46 -42.01
N THR J 210 32.48 29.24 -41.54
CA THR J 210 32.07 28.14 -42.41
C THR J 210 30.88 27.41 -41.80
N ALA J 211 29.84 27.21 -42.59
CA ALA J 211 28.70 26.37 -42.22
C ALA J 211 28.55 25.29 -43.29
N VAL J 212 28.61 24.03 -42.87
CA VAL J 212 28.54 22.89 -43.77
C VAL J 212 27.32 22.05 -43.38
N ASP J 213 26.56 21.62 -44.38
CA ASP J 213 25.37 20.82 -44.18
C ASP J 213 25.55 19.45 -44.83
N LYS J 214 25.07 18.42 -44.14
CA LYS J 214 25.19 17.04 -44.61
C LYS J 214 23.81 16.38 -44.52
N LYS J 215 23.29 15.95 -45.66
CA LYS J 215 22.04 15.20 -45.69
C LYS J 215 22.36 13.71 -45.56
N ILE J 216 21.82 13.09 -44.51
CA ILE J 216 22.11 11.69 -44.22
C ILE J 216 21.32 10.81 -45.17
N GLU J 217 22.01 9.84 -45.78
CA GLU J 217 21.40 8.97 -46.77
C GLU J 217 21.56 7.50 -46.37
N PRO J 218 20.60 6.65 -46.72
CA PRO J 218 20.74 5.22 -46.43
C PRO J 218 21.92 4.61 -47.17
N ASN J 219 22.17 3.35 -46.85
CA ASN J 219 23.25 2.60 -47.47
C ASN J 219 22.72 1.35 -48.16
N PHE K 2 -6.82 -4.34 5.17
CA PHE K 2 -7.37 -3.35 6.09
C PHE K 2 -6.93 -3.66 7.52
N GLN K 3 -6.15 -2.75 8.13
CA GLN K 3 -5.66 -3.01 9.47
C GLN K 3 -5.45 -1.68 10.19
N LEU K 4 -5.73 -1.68 11.50
CA LEU K 4 -5.60 -0.50 12.35
C LEU K 4 -4.61 -0.79 13.47
N LEU K 5 -3.70 0.15 13.70
CA LEU K 5 -2.72 0.04 14.77
C LEU K 5 -2.97 1.13 15.80
N GLU K 6 -3.02 0.75 17.07
CA GLU K 6 -3.28 1.66 18.16
C GLU K 6 -2.01 1.90 18.98
N SER K 7 -2.01 3.01 19.71
CA SER K 7 -0.90 3.32 20.58
C SER K 7 -0.75 2.26 21.67
N GLY K 8 0.45 2.20 22.25
CA GLY K 8 0.74 1.21 23.24
C GLY K 8 0.01 1.47 24.54
N PRO K 9 0.17 0.56 25.51
CA PRO K 9 -0.52 0.71 26.79
C PRO K 9 -0.05 1.96 27.52
N GLU K 10 -0.88 2.40 28.48
CA GLU K 10 -0.62 3.64 29.20
C GLU K 10 -1.00 3.49 30.66
N LEU K 11 -0.12 3.94 31.54
CA LEU K 11 -0.41 4.07 32.97
C LEU K 11 -0.51 5.55 33.29
N VAL K 12 -1.65 5.95 33.86
CA VAL K 12 -1.93 7.36 34.16
C VAL K 12 -2.55 7.45 35.54
N LYS K 13 -2.28 8.56 36.22
CA LYS K 13 -2.84 8.86 37.52
C LYS K 13 -4.27 9.36 37.39
N PRO K 14 -5.11 9.12 38.40
CA PRO K 14 -6.50 9.59 38.32
C PRO K 14 -6.60 11.10 38.22
N GLY K 15 -7.63 11.56 37.49
CA GLY K 15 -7.87 12.95 37.24
C GLY K 15 -7.20 13.49 36.00
N ALA K 16 -6.08 12.90 35.59
CA ALA K 16 -5.39 13.34 34.38
C ALA K 16 -6.15 12.88 33.14
N SER K 17 -5.61 13.21 31.98
CA SER K 17 -6.20 12.85 30.70
C SER K 17 -5.21 12.00 29.89
N VAL K 18 -5.74 11.39 28.82
CA VAL K 18 -4.95 10.55 27.93
C VAL K 18 -5.54 10.67 26.52
N LYS K 19 -4.70 10.42 25.52
CA LYS K 19 -5.11 10.52 24.12
C LYS K 19 -4.64 9.26 23.40
N ILE K 20 -5.58 8.49 22.86
CA ILE K 20 -5.30 7.24 22.17
C ILE K 20 -5.34 7.48 20.67
N SER K 21 -4.42 6.87 19.94
CA SER K 21 -4.34 7.00 18.50
C SER K 21 -4.78 5.71 17.82
N CYS K 22 -5.22 5.85 16.56
CA CYS K 22 -5.67 4.71 15.77
C CYS K 22 -5.25 4.99 14.32
N LYS K 23 -4.13 4.44 13.90
CA LYS K 23 -3.57 4.70 12.58
C LYS K 23 -4.12 3.69 11.59
N ALA K 24 -4.92 4.15 10.64
CA ALA K 24 -5.48 3.29 9.62
C ALA K 24 -4.51 3.11 8.46
N SER K 25 -4.80 2.10 7.64
CA SER K 25 -3.99 1.78 6.47
C SER K 25 -4.71 0.72 5.64
N GLY K 26 -4.44 0.71 4.34
CA GLY K 26 -5.00 -0.27 3.45
C GLY K 26 -6.35 0.06 2.86
N TYR K 27 -6.88 1.26 3.11
CA TYR K 27 -8.19 1.64 2.58
C TYR K 27 -8.31 3.15 2.62
N SER K 28 -9.30 3.65 1.89
CA SER K 28 -9.59 5.08 1.86
C SER K 28 -10.09 5.50 3.25
N PHE K 29 -9.19 6.12 4.01
CA PHE K 29 -9.47 6.44 5.42
C PHE K 29 -10.73 7.28 5.57
N THR K 30 -10.95 8.23 4.66
CA THR K 30 -12.03 9.20 4.82
C THR K 30 -13.42 8.64 4.51
N ASP K 31 -13.51 7.49 3.87
CA ASP K 31 -14.80 6.97 3.42
C ASP K 31 -15.50 6.09 4.45
N TYR K 32 -14.81 5.66 5.50
CA TYR K 32 -15.40 4.77 6.51
C TYR K 32 -15.32 5.42 7.88
N ASN K 33 -16.44 5.44 8.58
CA ASN K 33 -16.48 6.00 9.92
C ASN K 33 -15.62 5.16 10.87
N MET K 34 -15.31 5.74 12.03
CA MET K 34 -14.50 5.08 13.04
C MET K 34 -15.27 5.07 14.36
N ASN K 35 -15.53 3.88 14.88
CA ASN K 35 -16.21 3.69 16.15
C ASN K 35 -15.20 3.34 17.24
N TRP K 36 -15.55 3.67 18.47
CA TRP K 36 -14.72 3.36 19.63
C TRP K 36 -15.53 2.58 20.65
N VAL K 37 -14.94 1.52 21.19
CA VAL K 37 -15.61 0.60 22.09
C VAL K 37 -14.74 0.41 23.33
N LYS K 38 -15.40 0.28 24.49
CA LYS K 38 -14.72 0.01 25.76
C LYS K 38 -15.04 -1.40 26.21
N GLN K 39 -14.00 -2.16 26.55
CA GLN K 39 -14.15 -3.51 27.10
C GLN K 39 -13.42 -3.54 28.45
N SER K 40 -14.19 -3.63 29.53
CA SER K 40 -13.63 -3.60 30.87
C SER K 40 -13.27 -5.00 31.33
N ASN K 41 -11.97 -5.23 31.55
CA ASN K 41 -11.45 -6.49 32.09
C ASN K 41 -12.02 -7.71 31.39
N GLY K 42 -12.20 -7.61 30.07
CA GLY K 42 -12.55 -8.74 29.24
C GLY K 42 -14.01 -9.14 29.23
N LYS K 43 -14.90 -8.39 29.88
CA LYS K 43 -16.31 -8.78 29.87
C LYS K 43 -17.05 -8.17 28.68
N SER K 44 -18.12 -7.43 28.95
CA SER K 44 -18.99 -6.94 27.89
C SER K 44 -18.36 -5.77 27.15
N LEU K 45 -18.96 -5.41 26.02
CA LEU K 45 -18.51 -4.33 25.17
C LEU K 45 -19.47 -3.15 25.27
N GLU K 46 -18.93 -1.96 25.48
CA GLU K 46 -19.71 -0.72 25.53
C GLU K 46 -19.29 0.19 24.39
N TRP K 47 -20.25 0.62 23.60
CA TRP K 47 -19.99 1.50 22.47
C TRP K 47 -19.87 2.95 22.95
N ILE K 48 -18.76 3.59 22.62
CA ILE K 48 -18.48 4.95 23.07
C ILE K 48 -19.02 5.97 22.08
N GLY K 49 -18.49 5.98 20.87
CA GLY K 49 -18.91 6.96 19.90
C GLY K 49 -18.41 6.61 18.51
N VAL K 50 -18.77 7.46 17.55
CA VAL K 50 -18.37 7.28 16.16
C VAL K 50 -18.03 8.66 15.60
N ILE K 51 -17.07 8.68 14.68
CA ILE K 51 -16.60 9.90 14.05
C ILE K 51 -16.58 9.70 12.55
N ASN K 52 -16.95 10.74 11.80
CA ASN K 52 -16.83 10.73 10.35
C ASN K 52 -15.50 11.35 9.98
N PRO K 53 -14.51 10.58 9.52
CA PRO K 53 -13.20 11.17 9.22
C PRO K 53 -13.25 12.19 8.09
N ASN K 54 -14.20 12.07 7.17
CA ASN K 54 -14.28 13.01 6.07
C ASN K 54 -14.80 14.37 6.54
N SER K 55 -15.91 14.38 7.28
CA SER K 55 -16.53 15.63 7.72
C SER K 55 -16.19 16.00 9.15
N GLY K 56 -15.66 15.09 9.95
CA GLY K 56 -15.32 15.39 11.33
C GLY K 56 -16.49 15.50 12.27
N THR K 57 -17.69 15.14 11.85
CA THR K 57 -18.85 15.20 12.73
C THR K 57 -18.86 13.99 13.66
N THR K 58 -19.39 14.20 14.86
CA THR K 58 -19.31 13.21 15.93
C THR K 58 -20.69 12.80 16.41
N ASN K 59 -20.76 11.59 16.95
CA ASN K 59 -21.95 11.08 17.62
C ASN K 59 -21.49 10.25 18.81
N TYR K 60 -21.79 10.70 20.02
CA TYR K 60 -21.32 10.07 21.25
C TYR K 60 -22.43 9.29 21.92
N ASN K 61 -22.05 8.24 22.64
CA ASN K 61 -22.97 7.59 23.55
C ASN K 61 -23.24 8.52 24.72
N GLN K 62 -24.52 8.67 25.08
CA GLN K 62 -24.88 9.59 26.15
C GLN K 62 -24.18 9.25 27.46
N LYS K 63 -23.73 8.01 27.63
CA LYS K 63 -22.94 7.66 28.80
C LYS K 63 -21.51 8.21 28.72
N PHE K 64 -21.04 8.54 27.51
CA PHE K 64 -19.67 9.01 27.31
C PHE K 64 -19.65 10.40 26.69
N LYS K 65 -20.67 11.21 26.95
CA LYS K 65 -20.72 12.59 26.49
C LYS K 65 -19.48 13.38 26.88
N ASP K 66 -19.29 13.57 28.20
CA ASP K 66 -18.22 14.39 28.75
C ASP K 66 -17.04 13.56 29.27
N LYS K 67 -16.93 12.31 28.82
CA LYS K 67 -15.78 11.47 29.17
C LYS K 67 -14.80 11.28 28.02
N ALA K 68 -15.29 11.18 26.78
CA ALA K 68 -14.44 10.97 25.62
C ALA K 68 -14.70 12.04 24.58
N THR K 69 -13.62 12.44 23.89
CA THR K 69 -13.70 13.40 22.79
C THR K 69 -12.99 12.82 21.58
N LEU K 70 -13.70 12.68 20.47
CA LEU K 70 -13.18 12.05 19.27
C LEU K 70 -12.73 13.11 18.27
N THR K 71 -11.52 12.96 17.77
CA THR K 71 -10.95 13.83 16.74
C THR K 71 -10.32 12.95 15.67
N VAL K 72 -9.81 13.59 14.61
CA VAL K 72 -9.27 12.84 13.48
C VAL K 72 -8.21 13.69 12.78
N ASP K 73 -7.21 13.01 12.22
CA ASP K 73 -6.15 13.63 11.43
C ASP K 73 -6.21 13.00 10.05
N GLN K 74 -6.83 13.71 9.09
CA GLN K 74 -6.95 13.17 7.74
C GLN K 74 -5.60 13.07 7.05
N SER K 75 -4.63 13.91 7.43
CA SER K 75 -3.32 13.90 6.78
C SER K 75 -2.62 12.57 6.97
N SER K 76 -2.48 12.12 8.22
CA SER K 76 -1.78 10.88 8.53
C SER K 76 -2.72 9.69 8.69
N SER K 77 -3.97 9.84 8.29
CA SER K 77 -4.99 8.78 8.39
C SER K 77 -5.02 8.17 9.79
N THR K 78 -5.23 9.03 10.78
CA THR K 78 -5.19 8.64 12.17
C THR K 78 -6.39 9.21 12.91
N ALA K 79 -7.10 8.36 13.64
CA ALA K 79 -8.19 8.77 14.50
C ALA K 79 -7.69 8.87 15.94
N TYR K 80 -8.33 9.72 16.72
CA TYR K 80 -7.91 10.00 18.09
C TYR K 80 -9.10 9.99 19.02
N MET K 81 -8.90 9.48 20.23
CA MET K 81 -9.88 9.53 21.30
C MET K 81 -9.19 10.02 22.56
N GLN K 82 -9.72 11.08 23.15
CA GLN K 82 -9.14 11.69 24.34
C GLN K 82 -10.08 11.45 25.53
N LEU K 83 -9.56 10.85 26.58
CA LEU K 83 -10.32 10.55 27.78
C LEU K 83 -9.89 11.50 28.90
N ASN K 84 -10.86 12.11 29.57
CA ASN K 84 -10.60 13.11 30.60
C ASN K 84 -11.20 12.68 31.92
N SER K 85 -10.71 13.29 33.00
CA SER K 85 -11.15 13.02 34.36
C SER K 85 -11.18 11.51 34.64
N LEU K 86 -10.00 10.91 34.57
CA LEU K 86 -9.88 9.46 34.61
C LEU K 86 -10.03 8.95 36.03
N THR K 87 -10.79 7.86 36.19
CA THR K 87 -10.96 7.15 37.44
C THR K 87 -10.65 5.68 37.22
N SER K 88 -10.67 4.91 38.31
CA SER K 88 -10.41 3.47 38.20
C SER K 88 -11.43 2.77 37.31
N GLU K 89 -12.65 3.31 37.23
CA GLU K 89 -13.66 2.74 36.34
C GLU K 89 -13.22 2.80 34.88
N ASP K 90 -12.39 3.79 34.53
CA ASP K 90 -11.95 3.94 33.15
C ASP K 90 -10.81 3.00 32.78
N SER K 91 -10.21 2.33 33.77
CA SER K 91 -9.17 1.35 33.47
C SER K 91 -9.75 0.18 32.71
N ALA K 92 -9.32 0.02 31.45
CA ALA K 92 -9.87 -1.01 30.57
C ALA K 92 -9.12 -1.07 29.25
N VAL K 93 -9.56 -1.95 28.35
CA VAL K 93 -9.03 -2.04 27.01
C VAL K 93 -9.98 -1.32 26.07
N TYR K 94 -9.45 -0.41 25.27
CA TYR K 94 -10.24 0.40 24.35
C TYR K 94 -9.85 0.04 22.92
N TYR K 95 -10.87 -0.22 22.08
CA TYR K 95 -10.66 -0.59 20.69
C TYR K 95 -11.21 0.49 19.77
N CYS K 96 -10.53 0.69 18.64
CA CYS K 96 -11.08 1.46 17.55
C CYS K 96 -11.49 0.48 16.45
N ALA K 97 -12.73 0.62 15.98
CA ALA K 97 -13.29 -0.31 15.02
C ALA K 97 -13.85 0.46 13.84
N ARG K 98 -13.51 0.03 12.63
CA ARG K 98 -13.96 0.70 11.42
C ARG K 98 -15.42 0.36 11.16
N GLY K 99 -16.26 1.38 11.07
CA GLY K 99 -17.64 1.18 10.68
C GLY K 99 -17.73 0.80 9.21
N GLY K 100 -18.05 -0.46 8.93
CA GLY K 100 -18.08 -0.94 7.57
C GLY K 100 -19.23 -0.45 6.73
N GLY K 101 -20.16 0.31 7.30
CA GLY K 101 -21.31 0.80 6.58
C GLY K 101 -22.59 0.13 7.04
N PHE K 102 -23.70 0.68 6.54
CA PHE K 102 -25.02 0.18 6.88
C PHE K 102 -25.13 -1.31 6.53
N ARG K 103 -25.57 -2.11 7.51
CA ARG K 103 -25.74 -3.56 7.35
C ARG K 103 -24.41 -4.28 7.13
N ARG K 104 -23.32 -3.76 7.71
CA ARG K 104 -22.03 -4.45 7.67
C ARG K 104 -21.34 -4.52 9.02
N GLY K 105 -21.77 -3.76 10.01
CA GLY K 105 -21.15 -3.85 11.32
C GLY K 105 -19.72 -3.33 11.31
N PHE K 106 -19.00 -3.67 12.38
CA PHE K 106 -17.61 -3.24 12.57
C PHE K 106 -16.71 -4.30 11.97
N ASP K 107 -16.27 -4.07 10.73
CA ASP K 107 -15.56 -5.08 9.95
C ASP K 107 -14.05 -5.07 10.14
N SER K 108 -13.54 -4.28 11.08
CA SER K 108 -12.11 -4.25 11.35
C SER K 108 -11.88 -3.64 12.72
N TRP K 109 -10.99 -4.27 13.49
CA TRP K 109 -10.72 -3.86 14.86
C TRP K 109 -9.22 -3.73 15.08
N GLY K 110 -8.81 -2.68 15.77
CA GLY K 110 -7.43 -2.55 16.19
C GLY K 110 -7.10 -3.52 17.31
N GLN K 111 -5.80 -3.67 17.57
CA GLN K 111 -5.37 -4.61 18.61
C GLN K 111 -5.80 -4.17 20.01
N GLY K 112 -6.26 -2.95 20.17
CA GLY K 112 -6.69 -2.48 21.48
C GLY K 112 -5.56 -1.85 22.27
N THR K 113 -5.93 -0.94 23.16
CA THR K 113 -4.99 -0.26 24.03
C THR K 113 -5.46 -0.42 25.47
N THR K 114 -4.54 -0.85 26.34
CA THR K 114 -4.83 -1.09 27.75
C THR K 114 -4.42 0.13 28.54
N VAL K 115 -5.40 0.82 29.13
CA VAL K 115 -5.15 1.97 29.98
C VAL K 115 -5.33 1.55 31.43
N THR K 116 -4.47 2.05 32.31
CA THR K 116 -4.52 1.74 33.73
C THR K 116 -4.53 3.03 34.52
N VAL K 117 -5.61 3.26 35.26
CA VAL K 117 -5.76 4.45 36.09
C VAL K 117 -5.55 4.01 37.54
N SER K 118 -4.42 4.43 38.12
CA SER K 118 -4.08 4.05 39.47
C SER K 118 -2.98 4.97 39.98
N SER K 119 -2.90 5.07 41.32
CA SER K 119 -1.86 5.84 41.97
C SER K 119 -0.58 5.05 42.18
N ALA K 120 -0.63 3.72 42.04
CA ALA K 120 0.56 2.90 42.21
C ALA K 120 1.64 3.27 41.21
N LYS K 121 2.89 3.17 41.65
CA LYS K 121 4.04 3.52 40.83
C LYS K 121 4.55 2.29 40.10
N THR K 122 5.24 2.54 38.98
CA THR K 122 5.86 1.46 38.22
C THR K 122 6.90 0.75 39.09
N THR K 123 6.73 -0.57 39.24
CA THR K 123 7.61 -1.35 40.09
C THR K 123 8.00 -2.63 39.36
N PRO K 124 9.28 -2.99 39.37
CA PRO K 124 9.70 -4.25 38.74
C PRO K 124 9.32 -5.44 39.60
N PRO K 125 9.26 -6.64 39.04
CA PRO K 125 8.79 -7.79 39.81
C PRO K 125 9.88 -8.40 40.68
N SER K 126 9.43 -9.03 41.77
CA SER K 126 10.27 -9.90 42.58
C SER K 126 9.95 -11.34 42.21
N VAL K 127 10.96 -12.08 41.77
CA VAL K 127 10.78 -13.45 41.27
C VAL K 127 11.33 -14.41 42.31
N TYR K 128 10.56 -15.48 42.56
CA TYR K 128 10.94 -16.50 43.54
C TYR K 128 10.78 -17.88 42.90
N PRO K 129 11.77 -18.76 43.05
CA PRO K 129 11.65 -20.09 42.45
C PRO K 129 10.70 -20.98 43.24
N LEU K 130 10.12 -21.95 42.54
CA LEU K 130 9.19 -22.92 43.13
C LEU K 130 9.70 -24.32 42.81
N ALA K 131 10.42 -24.92 43.76
CA ALA K 131 10.97 -26.25 43.62
C ALA K 131 10.47 -27.15 44.74
N PRO K 132 10.30 -28.45 44.49
CA PRO K 132 9.82 -29.35 45.54
C PRO K 132 10.89 -29.63 46.58
N VAL K 133 10.46 -29.72 47.83
CA VAL K 133 11.35 -30.05 48.94
C VAL K 133 11.30 -31.54 49.23
N ALA K 137 7.47 -35.80 48.38
CA ALA K 137 7.22 -37.03 47.63
C ALA K 137 7.80 -36.96 46.23
N GLN K 138 8.24 -38.11 45.72
CA GLN K 138 8.83 -38.20 44.39
C GLN K 138 7.92 -39.10 43.56
N THR K 139 7.54 -38.65 42.37
CA THR K 139 6.59 -39.42 41.58
C THR K 139 6.98 -39.53 40.11
N ASN K 140 5.96 -39.55 39.25
CA ASN K 140 6.11 -39.82 37.82
C ASN K 140 6.68 -38.61 37.07
N SER K 141 6.05 -37.46 37.23
CA SER K 141 6.53 -36.22 36.64
C SER K 141 6.93 -35.26 37.76
N VAL K 142 7.49 -34.12 37.37
CA VAL K 142 7.88 -33.08 38.31
C VAL K 142 7.34 -31.75 37.82
N THR K 143 6.77 -30.98 38.73
CA THR K 143 6.22 -29.67 38.43
C THR K 143 7.05 -28.60 39.13
N LEU K 144 7.39 -27.55 38.39
CA LEU K 144 8.15 -26.43 38.92
C LEU K 144 7.38 -25.15 38.62
N GLY K 145 7.81 -24.06 39.24
CA GLY K 145 7.12 -22.81 39.02
C GLY K 145 8.00 -21.63 39.38
N CYS K 146 7.49 -20.45 39.07
CA CYS K 146 8.12 -19.19 39.46
C CYS K 146 7.03 -18.22 39.89
N LEU K 147 7.22 -17.59 41.04
CA LEU K 147 6.27 -16.66 41.59
C LEU K 147 6.71 -15.23 41.28
N VAL K 148 5.84 -14.49 40.60
CA VAL K 148 6.11 -13.11 40.22
C VAL K 148 5.18 -12.23 41.05
N LYS K 149 5.77 -11.40 41.91
CA LYS K 149 4.97 -10.62 42.86
C LYS K 149 5.59 -9.25 43.06
N GLY K 150 4.74 -8.26 43.25
CA GLY K 150 5.18 -6.92 43.58
C GLY K 150 5.45 -6.02 42.39
N TYR K 151 4.95 -6.37 41.22
CA TYR K 151 5.16 -5.57 40.01
C TYR K 151 3.90 -4.77 39.68
N PHE K 152 4.09 -3.74 38.87
CA PHE K 152 3.01 -2.87 38.42
C PHE K 152 3.53 -1.96 37.32
N PRO K 153 2.75 -1.74 36.24
CA PRO K 153 1.45 -2.35 35.99
C PRO K 153 1.56 -3.66 35.20
N GLU K 154 0.41 -4.21 34.81
CA GLU K 154 0.39 -5.36 33.93
C GLU K 154 0.91 -4.98 32.55
N PRO K 155 1.34 -5.97 31.75
CA PRO K 155 1.48 -7.39 32.06
C PRO K 155 2.92 -7.86 32.22
N VAL K 156 3.10 -9.16 32.47
CA VAL K 156 4.40 -9.79 32.52
C VAL K 156 4.35 -11.05 31.66
N THR K 157 5.53 -11.48 31.20
CA THR K 157 5.65 -12.63 30.31
C THR K 157 6.66 -13.60 30.91
N VAL K 158 6.19 -14.79 31.28
CA VAL K 158 7.04 -15.84 31.80
C VAL K 158 7.27 -16.85 30.68
N THR K 159 8.54 -17.12 30.37
CA THR K 159 8.93 -18.08 29.35
C THR K 159 9.92 -19.06 29.96
N TRP K 160 9.63 -20.35 29.84
CA TRP K 160 10.47 -21.39 30.42
C TRP K 160 11.48 -21.89 29.39
N ASN K 161 12.68 -22.19 29.87
CA ASN K 161 13.75 -22.72 29.04
C ASN K 161 14.36 -23.93 29.73
N SER K 162 14.10 -25.13 29.20
CA SER K 162 14.64 -26.35 29.77
C SER K 162 15.38 -27.13 28.68
N GLY K 163 16.04 -28.20 29.09
CA GLY K 163 16.69 -29.08 28.15
C GLY K 163 15.81 -30.25 27.75
N SER K 164 14.50 -30.06 27.82
CA SER K 164 13.55 -31.11 27.52
C SER K 164 12.43 -30.58 26.65
N LEU K 165 12.01 -31.38 25.69
CA LEU K 165 10.91 -31.01 24.79
C LEU K 165 9.55 -31.18 25.49
N SER K 166 9.48 -30.72 26.73
CA SER K 166 8.28 -30.73 27.55
C SER K 166 7.69 -29.32 27.60
N SER K 167 6.36 -29.24 27.55
CA SER K 167 5.72 -27.93 27.39
C SER K 167 4.39 -27.83 28.11
N GLY K 168 4.16 -28.64 29.14
CA GLY K 168 2.97 -28.45 29.94
C GLY K 168 3.09 -27.22 30.82
N VAL K 169 2.83 -26.05 30.22
CA VAL K 169 2.98 -24.77 30.90
C VAL K 169 1.59 -24.24 31.26
N HIS K 170 1.49 -23.57 32.40
CA HIS K 170 0.25 -22.93 32.80
C HIS K 170 0.56 -21.55 33.35
N THR K 171 -0.09 -20.53 32.79
CA THR K 171 0.08 -19.15 33.22
C THR K 171 -1.17 -18.72 33.96
N PHE K 172 -1.01 -18.36 35.23
CA PHE K 172 -2.15 -18.00 36.05
C PHE K 172 -2.34 -16.50 36.03
N PRO K 173 -3.55 -16.02 35.74
CA PRO K 173 -3.76 -14.56 35.68
C PRO K 173 -3.32 -13.85 36.95
N ALA K 174 -2.91 -12.59 36.75
CA ALA K 174 -2.43 -11.76 37.84
C ALA K 174 -3.60 -11.26 38.66
N VAL K 175 -3.35 -11.22 39.97
CA VAL K 175 -4.24 -10.81 41.04
C VAL K 175 -3.62 -9.68 41.85
N LEU K 176 -4.48 -8.76 42.32
CA LEU K 176 -4.00 -7.54 42.95
C LEU K 176 -4.02 -7.72 44.46
N GLN K 177 -2.84 -7.68 45.09
CA GLN K 177 -2.70 -7.73 46.54
C GLN K 177 -1.77 -6.63 46.99
N SER K 178 -2.15 -5.92 48.06
CA SER K 178 -1.37 -4.80 48.59
C SER K 178 -1.12 -3.74 47.51
N ASP K 179 -2.08 -3.59 46.60
CA ASP K 179 -2.06 -2.62 45.50
C ASP K 179 -0.96 -2.93 44.49
N LEU K 180 -0.50 -4.18 44.43
CA LEU K 180 0.50 -4.60 43.45
C LEU K 180 0.14 -5.99 42.95
N TYR K 181 0.49 -6.26 41.70
CA TYR K 181 0.07 -7.49 41.05
C TYR K 181 0.93 -8.67 41.47
N THR K 182 0.35 -9.86 41.40
CA THR K 182 1.06 -11.11 41.70
C THR K 182 0.61 -12.17 40.70
N LEU K 183 1.58 -12.82 40.08
CA LEU K 183 1.30 -13.85 39.08
C LEU K 183 2.15 -15.08 39.39
N SER K 184 1.70 -16.22 38.91
CA SER K 184 2.46 -17.46 39.02
C SER K 184 2.39 -18.21 37.70
N SER K 185 3.47 -18.91 37.37
CA SER K 185 3.54 -19.74 36.18
C SER K 185 4.13 -21.08 36.56
N SER K 186 3.56 -22.15 36.00
CA SER K 186 3.98 -23.50 36.31
C SER K 186 4.43 -24.21 35.04
N VAL K 187 5.28 -25.22 35.23
CA VAL K 187 5.76 -26.06 34.14
C VAL K 187 5.87 -27.49 34.66
N THR K 188 5.49 -28.45 33.82
CA THR K 188 5.55 -29.86 34.17
C THR K 188 6.45 -30.56 33.17
N VAL K 189 7.48 -31.22 33.67
CA VAL K 189 8.46 -31.90 32.82
C VAL K 189 8.64 -33.32 33.33
N PRO K 190 9.22 -34.21 32.52
CA PRO K 190 9.51 -35.56 33.02
C PRO K 190 10.52 -35.54 34.16
N SER K 191 10.36 -36.52 35.06
CA SER K 191 11.24 -36.60 36.22
C SER K 191 12.68 -36.84 35.82
N SER K 192 12.89 -37.64 34.76
CA SER K 192 14.25 -37.97 34.35
C SER K 192 15.00 -36.80 33.73
N THR K 193 14.32 -35.70 33.42
CA THR K 193 14.96 -34.54 32.79
C THR K 193 15.51 -33.57 33.83
N TRP K 194 14.76 -33.29 34.89
CA TRP K 194 15.17 -32.41 35.96
C TRP K 194 15.44 -33.20 37.24
N PRO K 195 16.49 -32.86 38.01
CA PRO K 195 17.45 -31.78 37.79
C PRO K 195 18.63 -32.16 36.91
N SER K 196 18.51 -33.22 36.12
CA SER K 196 19.60 -33.61 35.23
C SER K 196 19.81 -32.62 34.10
N GLN K 197 18.88 -31.69 33.87
CA GLN K 197 19.01 -30.67 32.84
C GLN K 197 18.48 -29.36 33.39
N SER K 198 19.20 -28.27 33.07
CA SER K 198 18.88 -26.96 33.62
C SER K 198 17.48 -26.51 33.20
N VAL K 199 16.74 -25.94 34.15
CA VAL K 199 15.44 -25.34 33.90
C VAL K 199 15.45 -23.91 34.42
N THR K 200 15.02 -22.96 33.58
CA THR K 200 15.03 -21.54 33.92
C THR K 200 13.71 -20.92 33.53
N CYS K 201 13.22 -20.00 34.36
CA CYS K 201 12.05 -19.19 34.05
C CYS K 201 12.51 -17.77 33.76
N ASN K 202 12.08 -17.23 32.62
CA ASN K 202 12.47 -15.89 32.18
C ASN K 202 11.24 -15.00 32.27
N VAL K 203 11.23 -14.10 33.25
CA VAL K 203 10.11 -13.19 33.48
C VAL K 203 10.46 -11.84 32.90
N ALA K 204 9.68 -11.40 31.92
CA ALA K 204 9.91 -10.13 31.23
C ALA K 204 8.83 -9.13 31.65
N HIS K 205 9.26 -7.98 32.15
CA HIS K 205 8.36 -6.88 32.51
C HIS K 205 8.78 -5.67 31.68
N PRO K 206 8.19 -5.49 30.49
CA PRO K 206 8.60 -4.36 29.64
C PRO K 206 8.32 -3.00 30.25
N ALA K 207 7.26 -2.87 31.05
CA ALA K 207 6.93 -1.58 31.65
C ALA K 207 8.10 -1.00 32.43
N SER K 208 8.78 -1.84 33.20
CA SER K 208 9.97 -1.43 33.94
C SER K 208 11.26 -1.72 33.19
N SER K 209 11.18 -2.36 32.02
CA SER K 209 12.35 -2.70 31.20
C SER K 209 13.28 -3.64 31.97
N THR K 210 12.70 -4.69 32.54
CA THR K 210 13.42 -5.62 33.39
C THR K 210 13.08 -7.05 32.99
N ALA K 211 14.11 -7.87 32.78
CA ALA K 211 13.96 -9.30 32.54
C ALA K 211 14.74 -10.05 33.62
N VAL K 212 14.06 -10.93 34.33
CA VAL K 212 14.65 -11.67 35.45
C VAL K 212 14.62 -13.16 35.11
N ASP K 213 15.74 -13.84 35.34
CA ASP K 213 15.86 -15.26 35.08
C ASP K 213 16.14 -15.99 36.40
N LYS K 214 15.49 -17.14 36.57
CA LYS K 214 15.64 -17.95 37.77
C LYS K 214 15.88 -19.40 37.36
N LYS K 215 17.03 -19.94 37.75
CA LYS K 215 17.32 -21.35 37.53
C LYS K 215 16.82 -22.16 38.71
N ILE K 216 15.91 -23.09 38.45
CA ILE K 216 15.29 -23.87 39.51
C ILE K 216 16.29 -24.90 40.02
N GLU K 217 16.44 -24.97 41.34
CA GLU K 217 17.41 -25.87 41.95
C GLU K 217 16.72 -26.82 42.93
N PRO K 218 17.22 -28.04 43.08
CA PRO K 218 16.64 -28.97 44.06
C PRO K 218 16.79 -28.46 45.48
N ASN K 219 16.16 -29.20 46.39
CA ASN K 219 16.21 -28.88 47.81
C ASN K 219 16.75 -30.06 48.62
N PHE L 2 -20.91 -33.46 -47.37
CA PHE L 2 -20.62 -33.25 -45.95
C PHE L 2 -21.48 -32.10 -45.45
N GLN L 3 -22.46 -32.40 -44.60
CA GLN L 3 -23.38 -31.37 -44.12
C GLN L 3 -23.99 -31.79 -42.80
N LEU L 4 -24.23 -30.81 -41.94
CA LEU L 4 -24.87 -31.01 -40.64
C LEU L 4 -26.14 -30.19 -40.60
N LEU L 5 -27.23 -30.83 -40.16
CA LEU L 5 -28.53 -30.18 -40.04
C LEU L 5 -28.93 -30.11 -38.57
N GLU L 6 -29.36 -28.93 -38.14
CA GLU L 6 -29.76 -28.70 -36.76
C GLU L 6 -31.28 -28.55 -36.67
N SER L 7 -31.79 -28.77 -35.46
CA SER L 7 -33.22 -28.59 -35.20
C SER L 7 -33.62 -27.12 -35.40
N GLY L 8 -34.93 -26.91 -35.61
CA GLY L 8 -35.43 -25.59 -35.86
C GLY L 8 -35.38 -24.71 -34.63
N PRO L 9 -35.76 -23.45 -34.80
CA PRO L 9 -35.72 -22.50 -33.68
C PRO L 9 -36.70 -22.90 -32.58
N GLU L 10 -36.45 -22.38 -31.37
CA GLU L 10 -37.25 -22.74 -30.21
C GLU L 10 -37.44 -21.53 -29.30
N LEU L 11 -38.68 -21.33 -28.86
CA LEU L 11 -39.02 -20.37 -27.81
C LEU L 11 -39.42 -21.16 -26.58
N VAL L 12 -38.75 -20.89 -25.45
CA VAL L 12 -38.94 -21.65 -24.23
C VAL L 12 -39.03 -20.68 -23.05
N LYS L 13 -39.78 -21.09 -22.01
CA LYS L 13 -39.91 -20.30 -20.81
C LYS L 13 -38.64 -20.40 -19.96
N PRO L 14 -38.33 -19.35 -19.19
CA PRO L 14 -37.15 -19.42 -18.32
C PRO L 14 -37.28 -20.52 -17.28
N GLY L 15 -36.15 -21.13 -16.94
CA GLY L 15 -36.09 -22.22 -16.01
C GLY L 15 -36.26 -23.60 -16.63
N ALA L 16 -36.97 -23.68 -17.75
CA ALA L 16 -37.15 -24.95 -18.44
C ALA L 16 -35.86 -25.37 -19.14
N SER L 17 -35.91 -26.51 -19.82
CA SER L 17 -34.77 -27.04 -20.55
C SER L 17 -35.12 -27.20 -22.03
N VAL L 18 -34.08 -27.42 -22.84
CA VAL L 18 -34.23 -27.63 -24.27
C VAL L 18 -33.12 -28.56 -24.74
N LYS L 19 -33.36 -29.27 -25.84
CA LYS L 19 -32.41 -30.21 -26.40
C LYS L 19 -32.31 -29.98 -27.89
N ILE L 20 -31.12 -29.62 -28.36
CA ILE L 20 -30.86 -29.32 -29.77
C ILE L 20 -30.22 -30.54 -30.42
N SER L 21 -30.61 -30.82 -31.66
CA SER L 21 -30.09 -31.95 -32.40
C SER L 21 -29.18 -31.47 -33.53
N CYS L 22 -28.30 -32.37 -33.97
CA CYS L 22 -27.35 -32.09 -35.05
C CYS L 22 -27.20 -33.36 -35.87
N LYS L 23 -27.90 -33.43 -37.00
CA LYS L 23 -27.93 -34.62 -37.84
C LYS L 23 -26.79 -34.54 -38.86
N ALA L 24 -25.82 -35.43 -38.73
CA ALA L 24 -24.70 -35.47 -39.66
C ALA L 24 -25.03 -36.33 -40.88
N SER L 25 -24.22 -36.17 -41.92
CA SER L 25 -24.37 -36.90 -43.17
C SER L 25 -23.17 -36.62 -44.06
N GLY L 26 -22.85 -37.57 -44.92
CA GLY L 26 -21.77 -37.42 -45.88
C GLY L 26 -20.40 -37.81 -45.39
N TYR L 27 -20.29 -38.40 -44.19
CA TYR L 27 -19.00 -38.79 -43.65
C TYR L 27 -19.22 -39.79 -42.53
N SER L 28 -18.15 -40.49 -42.16
CA SER L 28 -18.18 -41.45 -41.06
C SER L 28 -18.40 -40.68 -39.76
N PHE L 29 -19.63 -40.71 -39.27
CA PHE L 29 -20.04 -39.91 -38.12
C PHE L 29 -19.15 -40.16 -36.90
N THR L 30 -18.76 -41.40 -36.68
CA THR L 30 -18.06 -41.77 -35.44
C THR L 30 -16.59 -41.35 -35.43
N ASP L 31 -16.02 -41.02 -36.59
CA ASP L 31 -14.59 -40.75 -36.67
C ASP L 31 -14.21 -39.31 -36.41
N TYR L 32 -15.17 -38.38 -36.42
CA TYR L 32 -14.89 -36.97 -36.24
C TYR L 32 -15.65 -36.44 -35.03
N ASN L 33 -14.92 -35.73 -34.16
CA ASN L 33 -15.54 -35.15 -32.98
C ASN L 33 -16.55 -34.08 -33.36
N MET L 34 -17.39 -33.72 -32.40
CA MET L 34 -18.42 -32.70 -32.61
C MET L 34 -18.27 -31.61 -31.56
N ASN L 35 -18.03 -30.39 -32.02
CA ASN L 35 -17.91 -29.23 -31.15
C ASN L 35 -19.20 -28.41 -31.20
N TRP L 36 -19.47 -27.68 -30.12
CA TRP L 36 -20.64 -26.82 -30.04
C TRP L 36 -20.20 -25.42 -29.67
N VAL L 37 -20.77 -24.42 -30.35
CA VAL L 37 -20.38 -23.03 -30.20
C VAL L 37 -21.64 -22.20 -29.97
N LYS L 38 -21.52 -21.18 -29.12
CA LYS L 38 -22.61 -20.25 -28.84
C LYS L 38 -22.27 -18.89 -29.43
N GLN L 39 -23.21 -18.32 -30.18
CA GLN L 39 -23.10 -16.96 -30.70
C GLN L 39 -24.32 -16.19 -30.23
N SER L 40 -24.11 -15.27 -29.29
CA SER L 40 -25.20 -14.52 -28.67
C SER L 40 -25.45 -13.22 -29.43
N ASN L 41 -26.64 -13.10 -30.02
CA ASN L 41 -27.07 -11.87 -30.69
C ASN L 41 -26.02 -11.36 -31.66
N GLY L 42 -25.32 -12.29 -32.34
CA GLY L 42 -24.43 -11.91 -33.42
C GLY L 42 -23.06 -11.40 -33.04
N LYS L 43 -22.68 -11.42 -31.77
CA LYS L 43 -21.37 -10.89 -31.43
C LYS L 43 -20.30 -11.98 -31.54
N SER L 44 -19.52 -12.18 -30.49
CA SER L 44 -18.39 -13.09 -30.50
C SER L 44 -18.86 -14.54 -30.41
N LEU L 45 -17.93 -15.46 -30.61
CA LEU L 45 -18.19 -16.89 -30.56
C LEU L 45 -17.59 -17.47 -29.29
N GLU L 46 -18.40 -18.25 -28.57
CA GLU L 46 -17.98 -18.92 -27.35
C GLU L 46 -18.04 -20.43 -27.55
N TRP L 47 -16.93 -21.10 -27.28
CA TRP L 47 -16.86 -22.55 -27.42
C TRP L 47 -17.46 -23.22 -26.19
N ILE L 48 -18.42 -24.11 -26.41
CA ILE L 48 -19.12 -24.77 -25.32
C ILE L 48 -18.41 -26.05 -24.92
N GLY L 49 -18.35 -27.01 -25.83
CA GLY L 49 -17.73 -28.28 -25.52
C GLY L 49 -17.51 -29.10 -26.77
N VAL L 50 -16.91 -30.28 -26.57
CA VAL L 50 -16.64 -31.21 -27.65
C VAL L 50 -16.94 -32.62 -27.14
N ILE L 51 -17.40 -33.47 -28.05
CA ILE L 51 -17.78 -34.84 -27.73
C ILE L 51 -17.13 -35.77 -28.75
N ASN L 52 -16.68 -36.94 -28.28
CA ASN L 52 -16.22 -37.99 -29.18
C ASN L 52 -17.40 -38.90 -29.47
N PRO L 53 -17.97 -38.87 -30.68
CA PRO L 53 -19.14 -39.71 -30.95
C PRO L 53 -18.85 -41.20 -30.83
N ASN L 54 -17.61 -41.61 -31.06
CA ASN L 54 -17.26 -43.02 -30.94
C ASN L 54 -17.21 -43.47 -29.49
N SER L 55 -16.50 -42.72 -28.65
CA SER L 55 -16.32 -43.11 -27.25
C SER L 55 -17.27 -42.40 -26.28
N GLY L 56 -17.90 -41.31 -26.69
CA GLY L 56 -18.82 -40.62 -25.81
C GLY L 56 -18.20 -39.80 -24.70
N THR L 57 -16.88 -39.61 -24.72
CA THR L 57 -16.21 -38.82 -23.70
C THR L 57 -16.41 -37.32 -23.96
N THR L 58 -16.43 -36.55 -22.88
CA THR L 58 -16.80 -35.14 -22.93
C THR L 58 -15.66 -34.24 -22.49
N ASN L 59 -15.67 -33.02 -23.02
CA ASN L 59 -14.78 -31.94 -22.57
C ASN L 59 -15.59 -30.65 -22.66
N TYR L 60 -15.90 -30.05 -21.51
CA TYR L 60 -16.76 -28.87 -21.45
C TYR L 60 -15.95 -27.62 -21.15
N ASN L 61 -16.43 -26.49 -21.64
CA ASN L 61 -15.90 -25.20 -21.22
C ASN L 61 -16.32 -24.94 -19.78
N GLN L 62 -15.36 -24.51 -18.96
CA GLN L 62 -15.63 -24.28 -17.54
C GLN L 62 -16.72 -23.24 -17.33
N LYS L 63 -17.00 -22.38 -18.31
CA LYS L 63 -18.12 -21.47 -18.19
C LYS L 63 -19.45 -22.19 -18.36
N PHE L 64 -19.44 -23.39 -18.94
CA PHE L 64 -20.64 -24.16 -19.25
C PHE L 64 -20.67 -25.50 -18.50
N LYS L 65 -20.11 -25.54 -17.29
CA LYS L 65 -20.12 -26.76 -16.49
C LYS L 65 -21.51 -27.38 -16.39
N ASP L 66 -22.43 -26.73 -15.68
CA ASP L 66 -23.76 -27.27 -15.45
C ASP L 66 -24.83 -26.60 -16.31
N LYS L 67 -24.43 -26.00 -17.43
CA LYS L 67 -25.38 -25.38 -18.36
C LYS L 67 -25.65 -26.22 -19.60
N ALA L 68 -24.66 -26.93 -20.12
CA ALA L 68 -24.83 -27.74 -21.31
C ALA L 68 -24.43 -29.17 -21.03
N THR L 69 -25.17 -30.11 -21.64
CA THR L 69 -24.87 -31.54 -21.56
C THR L 69 -24.84 -32.09 -22.96
N LEU L 70 -23.71 -32.66 -23.36
CA LEU L 70 -23.52 -33.17 -24.71
C LEU L 70 -23.70 -34.68 -24.70
N THR L 71 -24.53 -35.18 -25.62
CA THR L 71 -24.76 -36.60 -25.81
C THR L 71 -24.70 -36.89 -27.31
N VAL L 72 -24.83 -38.17 -27.66
CA VAL L 72 -24.72 -38.58 -29.06
C VAL L 72 -25.52 -39.87 -29.26
N ASP L 73 -26.06 -40.01 -30.46
CA ASP L 73 -26.78 -41.21 -30.88
C ASP L 73 -26.06 -41.76 -32.12
N GLN L 74 -25.23 -42.78 -31.92
CA GLN L 74 -24.50 -43.37 -33.04
C GLN L 74 -25.44 -44.05 -34.03
N SER L 75 -26.61 -44.52 -33.56
CA SER L 75 -27.55 -45.20 -34.45
C SER L 75 -27.99 -44.28 -35.57
N SER L 76 -28.50 -43.10 -35.22
CA SER L 76 -28.99 -42.14 -36.21
C SER L 76 -27.95 -41.09 -36.57
N SER L 77 -26.69 -41.28 -36.18
CA SER L 77 -25.60 -40.33 -36.46
C SER L 77 -26.01 -38.90 -36.11
N THR L 78 -26.39 -38.73 -34.84
CA THR L 78 -26.93 -37.46 -34.37
C THR L 78 -26.26 -37.06 -33.07
N ALA L 79 -25.80 -35.82 -33.01
CA ALA L 79 -25.27 -35.24 -31.78
C ALA L 79 -26.36 -34.41 -31.12
N TYR L 80 -26.28 -34.30 -29.79
CA TYR L 80 -27.29 -33.61 -29.01
C TYR L 80 -26.63 -32.71 -27.98
N MET L 81 -27.24 -31.56 -27.73
CA MET L 81 -26.84 -30.64 -26.68
C MET L 81 -28.08 -30.26 -25.89
N GLN L 82 -28.04 -30.48 -24.58
CA GLN L 82 -29.17 -30.19 -23.70
C GLN L 82 -28.80 -29.03 -22.80
N LEU L 83 -29.62 -27.98 -22.82
CA LEU L 83 -29.42 -26.78 -22.01
C LEU L 83 -30.45 -26.76 -20.89
N ASN L 84 -30.00 -26.52 -19.67
CA ASN L 84 -30.86 -26.57 -18.50
C ASN L 84 -30.84 -25.22 -17.78
N SER L 85 -31.87 -25.01 -16.95
CA SER L 85 -32.05 -23.78 -16.18
C SER L 85 -31.88 -22.55 -17.07
N LEU L 86 -32.77 -22.45 -18.06
CA LEU L 86 -32.63 -21.44 -19.10
C LEU L 86 -33.06 -20.07 -18.59
N THR L 87 -32.24 -19.06 -18.92
CA THR L 87 -32.53 -17.67 -18.64
C THR L 87 -32.38 -16.88 -19.94
N SER L 88 -32.71 -15.59 -19.89
CA SER L 88 -32.56 -14.73 -21.07
C SER L 88 -31.11 -14.70 -21.54
N GLU L 89 -30.16 -14.93 -20.63
CA GLU L 89 -28.75 -14.98 -21.00
C GLU L 89 -28.48 -16.08 -22.02
N ASP L 90 -29.27 -17.16 -21.99
CA ASP L 90 -29.07 -18.29 -22.88
C ASP L 90 -29.67 -18.07 -24.28
N SER L 91 -30.48 -17.03 -24.46
CA SER L 91 -31.04 -16.75 -25.78
C SER L 91 -29.94 -16.40 -26.75
N ALA L 92 -29.76 -17.24 -27.77
CA ALA L 92 -28.65 -17.07 -28.72
C ALA L 92 -28.81 -18.09 -29.85
N VAL L 93 -27.87 -18.03 -30.78
CA VAL L 93 -27.75 -19.00 -31.87
C VAL L 93 -26.66 -19.99 -31.50
N TYR L 94 -26.96 -21.28 -31.59
CA TYR L 94 -26.02 -22.34 -31.23
C TYR L 94 -25.68 -23.14 -32.49
N TYR L 95 -24.39 -23.37 -32.69
CA TYR L 95 -23.89 -24.11 -33.85
C TYR L 95 -23.25 -25.42 -33.39
N CYS L 96 -23.42 -26.46 -34.20
CA CYS L 96 -22.62 -27.68 -34.07
C CYS L 96 -21.62 -27.70 -35.21
N ALA L 97 -20.35 -27.91 -34.88
CA ALA L 97 -19.27 -27.85 -35.86
C ALA L 97 -18.44 -29.11 -35.77
N ARG L 98 -18.16 -29.72 -36.92
CA ARG L 98 -17.41 -30.95 -36.97
C ARG L 98 -15.93 -30.65 -36.76
N GLY L 99 -15.33 -31.27 -35.74
CA GLY L 99 -13.90 -31.17 -35.55
C GLY L 99 -13.14 -31.91 -36.62
N GLY L 100 -12.49 -31.16 -37.52
CA GLY L 100 -11.79 -31.76 -38.63
C GLY L 100 -10.51 -32.49 -38.30
N GLY L 101 -10.10 -32.46 -37.03
CA GLY L 101 -8.87 -33.11 -36.59
C GLY L 101 -7.80 -32.11 -36.23
N PHE L 102 -6.74 -32.64 -35.63
CA PHE L 102 -5.60 -31.83 -35.20
C PHE L 102 -5.03 -31.05 -36.38
N ARG L 103 -4.84 -29.75 -36.18
CA ARG L 103 -4.31 -28.84 -37.21
C ARG L 103 -5.27 -28.69 -38.38
N ARG L 104 -6.58 -28.79 -38.13
CA ARG L 104 -7.57 -28.61 -39.19
C ARG L 104 -8.76 -27.76 -38.82
N GLY L 105 -8.99 -27.46 -37.54
CA GLY L 105 -10.09 -26.60 -37.15
C GLY L 105 -11.46 -27.23 -37.40
N PHE L 106 -12.47 -26.37 -37.34
CA PHE L 106 -13.86 -26.78 -37.51
C PHE L 106 -14.22 -26.68 -38.99
N ASP L 107 -14.15 -27.80 -39.69
CA ASP L 107 -14.27 -27.82 -41.15
C ASP L 107 -15.69 -27.95 -41.65
N SER L 108 -16.69 -27.89 -40.77
CA SER L 108 -18.08 -27.97 -41.19
C SER L 108 -18.96 -27.43 -40.07
N TRP L 109 -19.94 -26.61 -40.44
CA TRP L 109 -20.82 -25.95 -39.49
C TRP L 109 -22.27 -26.15 -39.89
N GLY L 110 -23.11 -26.44 -38.90
CA GLY L 110 -24.54 -26.49 -39.13
C GLY L 110 -25.12 -25.10 -39.32
N GLN L 111 -26.36 -25.06 -39.82
CA GLN L 111 -27.01 -23.77 -40.07
C GLN L 111 -27.29 -22.99 -38.80
N GLY L 112 -27.16 -23.61 -37.63
CA GLY L 112 -27.41 -22.93 -36.38
C GLY L 112 -28.86 -23.02 -35.95
N THR L 113 -29.07 -22.95 -34.64
CA THR L 113 -30.40 -23.01 -34.04
C THR L 113 -30.58 -21.80 -33.14
N THR L 114 -31.67 -21.07 -33.33
CA THR L 114 -31.96 -19.87 -32.58
C THR L 114 -32.88 -20.22 -31.42
N VAL L 115 -32.38 -20.09 -30.20
CA VAL L 115 -33.18 -20.32 -29.00
C VAL L 115 -33.53 -18.96 -28.40
N THR L 116 -34.76 -18.85 -27.91
CA THR L 116 -35.25 -17.62 -27.30
C THR L 116 -35.85 -17.96 -25.95
N VAL L 117 -35.28 -17.41 -24.89
CA VAL L 117 -35.76 -17.63 -23.53
C VAL L 117 -36.47 -16.36 -23.09
N SER L 118 -37.79 -16.43 -22.97
CA SER L 118 -38.59 -15.27 -22.60
C SER L 118 -39.96 -15.74 -22.14
N SER L 119 -40.61 -14.90 -21.33
CA SER L 119 -41.97 -15.15 -20.87
C SER L 119 -43.02 -14.65 -21.85
N ALA L 120 -42.65 -13.80 -22.81
CA ALA L 120 -43.60 -13.28 -23.77
C ALA L 120 -44.23 -14.41 -24.57
N LYS L 121 -45.50 -14.22 -24.93
CA LYS L 121 -46.26 -15.23 -25.65
C LYS L 121 -46.16 -15.00 -27.16
N THR L 122 -46.34 -16.08 -27.91
CA THR L 122 -46.37 -15.98 -29.36
C THR L 122 -47.49 -15.07 -29.82
N THR L 123 -47.15 -14.04 -30.58
CA THR L 123 -48.13 -13.06 -31.04
C THR L 123 -47.94 -12.81 -32.52
N PRO L 124 -49.00 -12.79 -33.32
CA PRO L 124 -48.86 -12.47 -34.74
C PRO L 124 -48.65 -10.98 -34.94
N PRO L 125 -48.13 -10.57 -36.09
CA PRO L 125 -47.82 -9.15 -36.30
C PRO L 125 -49.02 -8.32 -36.70
N SER L 126 -48.95 -7.05 -36.35
CA SER L 126 -49.87 -6.03 -36.87
C SER L 126 -49.14 -5.27 -37.97
N VAL L 127 -49.70 -5.28 -39.17
CA VAL L 127 -49.07 -4.67 -40.35
C VAL L 127 -49.80 -3.39 -40.69
N TYR L 128 -49.04 -2.34 -40.98
CA TYR L 128 -49.59 -1.04 -41.33
C TYR L 128 -48.89 -0.53 -42.58
N PRO L 129 -49.64 -0.04 -43.57
CA PRO L 129 -49.00 0.46 -44.79
C PRO L 129 -48.34 1.80 -44.58
N LEU L 130 -47.34 2.08 -45.42
CA LEU L 130 -46.59 3.34 -45.36
C LEU L 130 -46.62 3.96 -46.76
N ALA L 131 -47.54 4.89 -46.97
CA ALA L 131 -47.68 5.59 -48.24
C ALA L 131 -47.54 7.09 -48.04
N PRO L 132 -47.00 7.82 -49.02
CA PRO L 132 -46.83 9.27 -48.85
C PRO L 132 -48.15 10.01 -48.95
N VAL L 133 -48.30 11.02 -48.11
CA VAL L 133 -49.47 11.88 -48.12
C VAL L 133 -49.19 13.15 -48.93
N ALA L 137 -45.29 14.84 -51.04
CA ALA L 137 -44.39 15.40 -52.04
C ALA L 137 -44.18 14.42 -53.19
N GLN L 138 -43.98 14.95 -54.39
CA GLN L 138 -43.74 14.16 -55.59
C GLN L 138 -42.35 14.48 -56.12
N THR L 139 -41.54 13.44 -56.35
CA THR L 139 -40.17 13.63 -56.78
C THR L 139 -39.78 12.70 -57.92
N ASN L 140 -38.52 12.27 -57.93
CA ASN L 140 -38.00 11.47 -59.04
C ASN L 140 -38.48 10.03 -58.96
N SER L 141 -38.29 9.39 -57.80
CA SER L 141 -38.76 8.05 -57.51
C SER L 141 -39.80 8.13 -56.40
N VAL L 142 -40.36 6.97 -56.05
CA VAL L 142 -41.35 6.88 -54.98
C VAL L 142 -40.94 5.75 -54.05
N THR L 143 -40.99 6.02 -52.75
CA THR L 143 -40.64 5.04 -51.73
C THR L 143 -41.89 4.68 -50.93
N LEU L 144 -42.09 3.39 -50.70
CA LEU L 144 -43.20 2.89 -49.91
C LEU L 144 -42.66 1.98 -48.81
N GLY L 145 -43.52 1.62 -47.87
CA GLY L 145 -43.07 0.77 -46.80
C GLY L 145 -44.23 0.06 -46.11
N CYS L 146 -43.87 -0.84 -45.20
CA CYS L 146 -44.83 -1.52 -44.35
C CYS L 146 -44.24 -1.63 -42.96
N LEU L 147 -45.01 -1.25 -41.95
CA LEU L 147 -44.55 -1.29 -40.56
C LEU L 147 -45.12 -2.54 -39.88
N VAL L 148 -44.24 -3.38 -39.37
CA VAL L 148 -44.62 -4.63 -38.71
C VAL L 148 -44.32 -4.48 -37.22
N LYS L 149 -45.36 -4.54 -36.39
CA LYS L 149 -45.19 -4.27 -34.97
C LYS L 149 -46.12 -5.18 -34.16
N GLY L 150 -45.65 -5.57 -32.98
CA GLY L 150 -46.46 -6.33 -32.05
C GLY L 150 -46.38 -7.83 -32.19
N TYR L 151 -45.36 -8.35 -32.87
CA TYR L 151 -45.20 -9.79 -33.05
C TYR L 151 -44.11 -10.31 -32.13
N PHE L 152 -44.13 -11.63 -31.92
CA PHE L 152 -43.14 -12.32 -31.09
C PHE L 152 -43.31 -13.82 -31.28
N PRO L 153 -42.21 -14.59 -31.40
CA PRO L 153 -40.83 -14.12 -31.44
C PRO L 153 -40.33 -13.82 -32.85
N GLU L 154 -39.04 -13.52 -32.96
CA GLU L 154 -38.40 -13.37 -34.26
C GLU L 154 -38.36 -14.72 -34.99
N PRO L 155 -38.21 -14.70 -36.32
CA PRO L 155 -38.17 -13.54 -37.22
C PRO L 155 -39.41 -13.41 -38.10
N VAL L 156 -39.41 -12.40 -38.97
CA VAL L 156 -40.45 -12.21 -39.97
C VAL L 156 -39.79 -11.97 -41.32
N THR L 157 -40.54 -12.24 -42.39
CA THR L 157 -40.04 -12.13 -43.75
C THR L 157 -40.99 -11.26 -44.56
N VAL L 158 -40.51 -10.10 -44.99
CA VAL L 158 -41.28 -9.18 -45.82
C VAL L 158 -40.81 -9.32 -47.26
N THR L 159 -41.75 -9.60 -48.17
CA THR L 159 -41.46 -9.74 -49.58
C THR L 159 -42.39 -8.81 -50.36
N TRP L 160 -41.80 -7.95 -51.19
CA TRP L 160 -42.57 -6.98 -51.97
C TRP L 160 -42.84 -7.53 -53.36
N ASN L 161 -44.03 -7.21 -53.88
CA ASN L 161 -44.43 -7.62 -55.22
C ASN L 161 -44.98 -6.42 -55.97
N SER L 162 -44.23 -5.95 -56.96
CA SER L 162 -44.61 -4.80 -57.77
C SER L 162 -44.57 -5.22 -59.24
N GLY L 163 -44.98 -4.30 -60.11
CA GLY L 163 -44.91 -4.55 -61.54
C GLY L 163 -43.61 -4.06 -62.15
N SER L 164 -42.55 -4.02 -61.35
CA SER L 164 -41.25 -3.53 -61.79
C SER L 164 -40.15 -4.46 -61.35
N LEU L 165 -39.16 -4.68 -62.23
CA LEU L 165 -38.03 -5.53 -61.92
C LEU L 165 -37.00 -4.83 -61.04
N SER L 166 -37.13 -3.53 -60.82
CA SER L 166 -36.24 -2.80 -59.94
C SER L 166 -36.97 -2.55 -58.63
N SER L 167 -36.28 -2.78 -57.51
CA SER L 167 -36.92 -2.76 -56.20
C SER L 167 -35.86 -2.40 -55.16
N GLY L 168 -35.67 -1.09 -54.96
CA GLY L 168 -34.76 -0.67 -53.91
C GLY L 168 -35.36 -0.98 -52.56
N VAL L 169 -35.16 -2.21 -52.09
CA VAL L 169 -35.76 -2.72 -50.87
C VAL L 169 -34.73 -2.66 -49.75
N HIS L 170 -35.19 -2.33 -48.54
CA HIS L 170 -34.34 -2.33 -47.36
C HIS L 170 -35.11 -2.96 -46.22
N THR L 171 -34.49 -3.94 -45.56
CA THR L 171 -35.09 -4.63 -44.42
C THR L 171 -34.39 -4.14 -43.15
N PHE L 172 -35.16 -3.54 -42.26
CA PHE L 172 -34.62 -2.96 -41.03
C PHE L 172 -34.74 -3.98 -39.89
N PRO L 173 -33.65 -4.26 -39.17
CA PRO L 173 -33.71 -5.24 -38.08
C PRO L 173 -34.79 -4.88 -37.07
N ALA L 174 -35.33 -5.92 -36.43
CA ALA L 174 -36.41 -5.74 -35.47
C ALA L 174 -35.87 -5.19 -34.15
N VAL L 175 -36.65 -4.30 -33.54
CA VAL L 175 -36.32 -3.73 -32.25
C VAL L 175 -37.45 -4.05 -31.28
N LEU L 176 -37.09 -4.21 -30.00
CA LEU L 176 -38.00 -4.68 -28.98
C LEU L 176 -38.58 -3.49 -28.22
N GLN L 177 -39.90 -3.31 -28.31
CA GLN L 177 -40.59 -2.27 -27.56
C GLN L 177 -41.79 -2.88 -26.87
N SER L 178 -41.99 -2.51 -25.60
CA SER L 178 -43.11 -3.01 -24.82
C SER L 178 -43.15 -4.55 -24.79
N ASP L 179 -41.96 -5.16 -24.83
CA ASP L 179 -41.77 -6.60 -24.82
C ASP L 179 -42.29 -7.28 -26.09
N LEU L 180 -42.39 -6.54 -27.19
CA LEU L 180 -42.79 -7.09 -28.48
C LEU L 180 -41.96 -6.45 -29.58
N TYR L 181 -41.70 -7.23 -30.63
CA TYR L 181 -40.80 -6.77 -31.67
C TYR L 181 -41.50 -5.82 -32.65
N THR L 182 -40.69 -4.99 -33.30
CA THR L 182 -41.18 -4.04 -34.29
C THR L 182 -40.18 -3.97 -35.44
N LEU L 183 -40.69 -4.11 -36.67
CA LEU L 183 -39.86 -4.11 -37.86
C LEU L 183 -40.47 -3.16 -38.88
N SER L 184 -39.61 -2.67 -39.79
CA SER L 184 -40.05 -1.87 -40.91
C SER L 184 -39.30 -2.32 -42.15
N SER L 185 -39.98 -2.26 -43.29
CA SER L 185 -39.40 -2.60 -44.58
C SER L 185 -39.79 -1.53 -45.59
N SER L 186 -38.84 -1.14 -46.43
CA SER L 186 -39.05 -0.10 -47.43
C SER L 186 -38.80 -0.65 -48.82
N VAL L 187 -39.41 -0.02 -49.81
CA VAL L 187 -39.21 -0.36 -51.22
C VAL L 187 -39.23 0.93 -52.03
N THR L 188 -38.35 1.02 -53.02
CA THR L 188 -38.24 2.18 -53.89
C THR L 188 -38.45 1.72 -55.33
N VAL L 189 -39.43 2.32 -56.00
CA VAL L 189 -39.77 1.94 -57.37
C VAL L 189 -39.86 3.23 -58.20
N PRO L 190 -39.86 3.14 -59.54
CA PRO L 190 -40.05 4.35 -60.34
C PRO L 190 -41.43 4.97 -60.11
N SER L 191 -41.48 6.30 -60.23
CA SER L 191 -42.73 7.02 -60.01
C SER L 191 -43.80 6.60 -61.02
N SER L 192 -43.40 6.31 -62.26
CA SER L 192 -44.36 5.95 -63.29
C SER L 192 -45.02 4.60 -63.06
N THR L 193 -44.50 3.79 -62.13
CA THR L 193 -45.05 2.46 -61.88
C THR L 193 -46.16 2.49 -60.83
N TRP L 194 -45.98 3.24 -59.74
CA TRP L 194 -46.97 3.37 -58.69
C TRP L 194 -47.57 4.77 -58.69
N PRO L 195 -48.88 4.93 -58.46
CA PRO L 195 -49.87 3.87 -58.20
C PRO L 195 -50.48 3.25 -59.45
N SER L 196 -49.83 3.41 -60.60
CA SER L 196 -50.34 2.82 -61.83
C SER L 196 -50.23 1.29 -61.82
N GLN L 197 -49.49 0.71 -60.88
CA GLN L 197 -49.35 -0.73 -60.77
C GLN L 197 -49.39 -1.13 -59.30
N SER L 198 -50.09 -2.22 -59.02
CA SER L 198 -50.28 -2.65 -57.64
C SER L 198 -48.95 -2.98 -56.98
N VAL L 199 -48.81 -2.56 -55.73
CA VAL L 199 -47.65 -2.88 -54.89
C VAL L 199 -48.16 -3.48 -53.59
N THR L 200 -47.60 -4.63 -53.21
CA THR L 200 -48.03 -5.36 -52.03
C THR L 200 -46.82 -5.79 -51.22
N CYS L 201 -46.93 -5.71 -49.90
CA CYS L 201 -45.94 -6.25 -48.98
C CYS L 201 -46.51 -7.50 -48.32
N ASN L 202 -45.76 -8.59 -48.38
CA ASN L 202 -46.19 -9.88 -47.84
C ASN L 202 -45.32 -10.18 -46.61
N VAL L 203 -45.93 -10.08 -45.43
CA VAL L 203 -45.22 -10.29 -44.17
C VAL L 203 -45.56 -11.69 -43.68
N ALA L 204 -44.53 -12.53 -43.55
CA ALA L 204 -44.69 -13.91 -43.11
C ALA L 204 -44.12 -14.07 -41.71
N HIS L 205 -44.95 -14.57 -40.79
CA HIS L 205 -44.54 -14.87 -39.41
C HIS L 205 -44.78 -16.36 -39.18
N PRO L 206 -43.78 -17.20 -39.45
CA PRO L 206 -43.99 -18.65 -39.29
C PRO L 206 -44.28 -19.08 -37.86
N ALA L 207 -43.72 -18.39 -36.86
CA ALA L 207 -43.95 -18.76 -35.47
C ALA L 207 -45.43 -18.82 -35.13
N SER L 208 -46.20 -17.83 -35.59
CA SER L 208 -47.64 -17.81 -35.41
C SER L 208 -48.40 -18.41 -36.59
N SER L 209 -47.69 -18.80 -37.66
CA SER L 209 -48.30 -19.37 -38.86
C SER L 209 -49.27 -18.39 -39.51
N THR L 210 -48.79 -17.15 -39.71
CA THR L 210 -49.61 -16.06 -40.21
C THR L 210 -48.85 -15.34 -41.31
N ALA L 211 -49.51 -15.14 -42.45
CA ALA L 211 -49.00 -14.33 -43.55
C ALA L 211 -50.00 -13.22 -43.84
N VAL L 212 -49.54 -11.98 -43.78
CA VAL L 212 -50.40 -10.81 -43.97
C VAL L 212 -49.93 -10.06 -45.21
N ASP L 213 -50.87 -9.67 -46.06
CA ASP L 213 -50.58 -8.91 -47.27
C ASP L 213 -51.24 -7.54 -47.19
N LYS L 214 -50.50 -6.52 -47.63
CA LYS L 214 -50.97 -5.15 -47.60
C LYS L 214 -50.74 -4.50 -48.96
N LYS L 215 -51.81 -4.06 -49.60
CA LYS L 215 -51.70 -3.33 -50.86
C LYS L 215 -51.59 -1.84 -50.55
N ILE L 216 -50.50 -1.23 -50.99
CA ILE L 216 -50.23 0.17 -50.68
C ILE L 216 -51.14 1.04 -51.54
N GLU L 217 -51.81 2.01 -50.90
CA GLU L 217 -52.76 2.86 -51.60
C GLU L 217 -52.37 4.32 -51.47
N PRO L 218 -52.68 5.14 -52.48
CA PRO L 218 -52.40 6.58 -52.39
C PRO L 218 -53.18 7.24 -51.27
N ASN L 219 -52.87 8.52 -51.02
CA ASN L 219 -53.56 9.30 -49.99
C ASN L 219 -54.19 10.56 -50.57
#